data_1U3M
#
_entry.id   1U3M
#
_entity_poly.entity_id   1
_entity_poly.type   'polypeptide(L)'
_entity_poly.pdbx_seq_one_letter_code
;GSVVGGLGGYAMGRVMSGMNYHFDRPDEYRWWSENSARYPNRVYYRDYSSPVPQDVFVADCFNITVTEYSIGPAAKKNTS
EAVAAANQTEVEMENKVVTKVIREMCVQQYREYRLAS
;
_entity_poly.pdbx_strand_id   A
#
# COMPACT_ATOMS: atom_id res chain seq x y z
N GLY A 1 2.96 -28.96 -11.28
CA GLY A 1 3.23 -27.56 -11.60
C GLY A 1 4.25 -27.01 -10.64
N SER A 2 5.23 -26.28 -11.14
CA SER A 2 6.12 -25.41 -10.38
C SER A 2 6.48 -24.23 -11.29
N VAL A 3 7.00 -23.13 -10.73
CA VAL A 3 7.53 -21.96 -11.41
C VAL A 3 6.43 -21.18 -12.14
N VAL A 4 6.74 -19.97 -12.63
CA VAL A 4 5.92 -19.09 -13.47
C VAL A 4 4.81 -18.40 -12.66
N GLY A 5 4.05 -19.14 -11.86
CA GLY A 5 2.97 -18.61 -11.03
C GLY A 5 3.47 -18.05 -9.71
N GLY A 6 4.74 -17.62 -9.63
CA GLY A 6 5.34 -17.17 -8.39
C GLY A 6 6.83 -17.02 -8.61
N LEU A 7 7.29 -15.83 -9.00
CA LEU A 7 8.70 -15.56 -9.27
C LEU A 7 9.37 -14.73 -8.18
N GLY A 8 8.57 -13.98 -7.44
CA GLY A 8 8.98 -13.03 -6.43
C GLY A 8 9.29 -13.69 -5.09
N GLY A 9 8.42 -14.59 -4.63
CA GLY A 9 8.60 -15.25 -3.33
C GLY A 9 8.31 -14.30 -2.15
N TYR A 10 7.45 -13.30 -2.36
CA TYR A 10 7.02 -12.37 -1.31
C TYR A 10 6.08 -13.06 -0.33
N ALA A 11 5.88 -12.44 0.85
CA ALA A 11 5.00 -12.94 1.89
C ALA A 11 3.75 -12.07 1.94
N MET A 12 2.59 -12.73 1.91
CA MET A 12 1.26 -12.16 1.81
C MET A 12 0.82 -11.59 3.15
N GLY A 13 0.17 -10.43 3.12
CA GLY A 13 -0.50 -9.83 4.25
C GLY A 13 -1.90 -10.40 4.42
N ARG A 14 -2.55 -9.99 5.50
CA ARG A 14 -3.92 -10.44 5.78
C ARG A 14 -4.87 -9.60 4.95
N VAL A 15 -6.12 -10.04 4.83
CA VAL A 15 -7.23 -9.14 4.55
C VAL A 15 -7.36 -8.25 5.77
N MET A 16 -7.30 -6.94 5.56
CA MET A 16 -7.55 -5.95 6.58
C MET A 16 -8.14 -4.68 5.96
N SER A 17 -9.46 -4.55 6.02
CA SER A 17 -10.20 -3.43 5.46
C SER A 17 -11.31 -3.03 6.43
N GLY A 18 -11.05 -2.01 7.25
CA GLY A 18 -12.01 -1.48 8.21
C GLY A 18 -11.41 -1.35 9.60
N MET A 19 -10.13 -1.01 9.71
CA MET A 19 -9.48 -0.71 10.97
C MET A 19 -10.01 0.63 11.44
N ASN A 20 -9.54 1.06 12.60
CA ASN A 20 -9.89 2.36 13.15
C ASN A 20 -9.34 3.45 12.22
N TYR A 21 -10.25 4.14 11.52
CA TYR A 21 -10.01 5.35 10.75
C TYR A 21 -11.03 6.37 11.22
N HIS A 22 -10.73 7.66 11.01
CA HIS A 22 -11.51 8.75 11.54
C HIS A 22 -12.59 9.10 10.50
N PHE A 23 -12.21 9.77 9.40
CA PHE A 23 -12.95 10.04 8.17
C PHE A 23 -14.47 10.09 8.33
N ASP A 24 -14.98 11.24 8.75
CA ASP A 24 -16.41 11.45 8.92
C ASP A 24 -16.90 12.46 7.88
N ARG A 25 -16.18 13.59 7.76
CA ARG A 25 -16.54 14.75 6.93
C ARG A 25 -16.67 14.44 5.44
N PRO A 26 -17.30 15.34 4.66
CA PRO A 26 -17.50 15.20 3.21
C PRO A 26 -16.19 15.25 2.42
N ASP A 27 -15.26 16.12 2.80
CA ASP A 27 -13.96 16.16 2.12
C ASP A 27 -13.09 14.99 2.52
N GLU A 28 -13.03 14.62 3.81
CA GLU A 28 -12.41 13.35 4.24
C GLU A 28 -13.07 12.14 3.58
N TYR A 29 -14.35 12.22 3.22
CA TYR A 29 -15.03 11.19 2.47
C TYR A 29 -14.25 10.87 1.21
N ARG A 30 -13.59 11.83 0.57
CA ARG A 30 -12.73 11.53 -0.56
C ARG A 30 -11.66 10.53 -0.18
N TRP A 31 -11.08 10.57 1.01
CA TRP A 31 -10.11 9.56 1.42
C TRP A 31 -10.74 8.18 1.32
N TRP A 32 -11.95 7.95 1.84
CA TRP A 32 -12.63 6.66 1.70
C TRP A 32 -13.03 6.37 0.24
N SER A 33 -13.53 7.36 -0.48
CA SER A 33 -14.05 7.24 -1.85
C SER A 33 -12.91 6.86 -2.80
N GLU A 34 -11.81 7.60 -2.74
CA GLU A 34 -10.64 7.48 -3.59
C GLU A 34 -9.94 6.16 -3.23
N ASN A 35 -9.93 5.79 -1.94
CA ASN A 35 -9.51 4.48 -1.46
C ASN A 35 -10.35 3.38 -2.10
N SER A 36 -11.68 3.55 -2.12
CA SER A 36 -12.63 2.68 -2.78
C SER A 36 -12.32 2.48 -4.26
N ALA A 37 -11.64 3.41 -4.95
CA ALA A 37 -11.24 3.21 -6.34
C ALA A 37 -10.37 1.96 -6.54
N ARG A 38 -9.62 1.53 -5.51
CA ARG A 38 -8.63 0.44 -5.64
C ARG A 38 -8.74 -0.59 -4.53
N TYR A 39 -8.90 -0.12 -3.29
CA TYR A 39 -8.95 -0.81 -2.00
C TYR A 39 -8.22 -2.17 -2.00
N PRO A 40 -6.89 -2.17 -1.76
CA PRO A 40 -6.10 -3.39 -1.81
C PRO A 40 -6.34 -4.31 -0.61
N ASN A 41 -6.75 -3.76 0.54
CA ASN A 41 -6.90 -4.38 1.87
C ASN A 41 -5.67 -5.11 2.42
N ARG A 42 -4.57 -5.27 1.68
CA ARG A 42 -3.46 -6.14 2.07
C ARG A 42 -2.18 -5.62 1.46
N VAL A 43 -1.05 -6.14 1.90
CA VAL A 43 0.27 -5.67 1.54
C VAL A 43 1.16 -6.90 1.29
N TYR A 44 2.33 -6.73 0.65
CA TYR A 44 3.35 -7.76 0.53
C TYR A 44 4.61 -7.22 1.17
N TYR A 45 5.21 -8.04 2.02
CA TYR A 45 6.50 -7.79 2.65
C TYR A 45 7.45 -8.86 2.11
N ARG A 46 8.74 -8.60 2.23
CA ARG A 46 9.78 -9.50 1.74
C ARG A 46 10.57 -10.05 2.92
N ASP A 47 11.46 -10.97 2.63
CA ASP A 47 12.43 -11.55 3.55
C ASP A 47 13.52 -10.54 3.92
N TYR A 48 13.15 -9.47 4.63
CA TYR A 48 14.11 -8.54 5.20
C TYR A 48 15.05 -9.27 6.16
N SER A 49 16.25 -8.75 6.32
CA SER A 49 17.33 -9.45 6.99
C SER A 49 17.06 -9.68 8.47
N SER A 50 16.27 -8.82 9.13
CA SER A 50 15.88 -8.76 10.54
C SER A 50 16.34 -7.45 11.19
N PRO A 51 17.63 -7.05 11.15
CA PRO A 51 18.06 -5.73 11.59
C PRO A 51 17.67 -4.65 10.58
N VAL A 52 16.38 -4.52 10.29
CA VAL A 52 15.80 -3.39 9.56
C VAL A 52 14.57 -2.97 10.38
N PRO A 53 14.41 -1.68 10.70
CA PRO A 53 13.35 -1.20 11.59
C PRO A 53 12.00 -1.19 10.87
N GLN A 54 10.89 -0.97 11.60
CA GLN A 54 9.57 -0.86 11.00
C GLN A 54 9.59 0.23 9.93
N ASP A 55 10.35 1.31 10.12
CA ASP A 55 10.36 2.47 9.23
C ASP A 55 10.66 2.01 7.80
N VAL A 56 11.72 1.22 7.66
CA VAL A 56 12.20 0.67 6.41
C VAL A 56 11.29 -0.48 5.97
N PHE A 57 10.91 -1.38 6.89
CA PHE A 57 10.08 -2.55 6.62
C PHE A 57 8.78 -2.12 5.95
N VAL A 58 8.06 -1.17 6.58
CA VAL A 58 6.81 -0.60 6.10
C VAL A 58 7.06 0.11 4.77
N ALA A 59 8.16 0.86 4.63
CA ALA A 59 8.43 1.62 3.41
C ALA A 59 8.68 0.71 2.21
N ASP A 60 9.50 -0.34 2.33
CA ASP A 60 9.76 -1.28 1.23
C ASP A 60 8.54 -2.17 0.99
N CYS A 61 7.79 -2.48 2.05
CA CYS A 61 6.53 -3.22 1.99
C CYS A 61 5.58 -2.45 1.09
N PHE A 62 5.49 -1.14 1.31
CA PHE A 62 4.71 -0.23 0.51
C PHE A 62 5.19 -0.22 -0.92
N ASN A 63 6.48 0.05 -1.14
CA ASN A 63 7.04 0.21 -2.47
C ASN A 63 6.79 -1.03 -3.33
N ILE A 64 6.93 -2.25 -2.77
CA ILE A 64 6.65 -3.49 -3.47
C ILE A 64 5.15 -3.69 -3.68
N THR A 65 4.30 -3.38 -2.69
CA THR A 65 2.86 -3.52 -2.85
C THR A 65 2.35 -2.60 -3.97
N VAL A 66 2.80 -1.34 -4.03
CA VAL A 66 2.35 -0.44 -5.07
C VAL A 66 2.87 -0.87 -6.44
N THR A 67 4.10 -1.38 -6.48
CA THR A 67 4.72 -1.95 -7.66
C THR A 67 3.82 -3.08 -8.20
N GLU A 68 3.36 -3.97 -7.33
CA GLU A 68 2.51 -5.08 -7.75
C GLU A 68 1.19 -4.56 -8.31
N TYR A 69 0.51 -3.64 -7.62
CA TYR A 69 -0.80 -3.13 -8.04
C TYR A 69 -0.71 -2.02 -9.10
N SER A 70 0.50 -1.68 -9.58
CA SER A 70 0.82 -0.60 -10.50
C SER A 70 0.17 0.74 -10.13
N ILE A 71 0.60 1.29 -9.00
CA ILE A 71 0.11 2.55 -8.41
C ILE A 71 1.28 3.26 -7.72
N GLY A 72 1.02 4.41 -7.09
CA GLY A 72 2.02 5.10 -6.29
C GLY A 72 3.13 5.69 -7.17
N PRO A 73 4.26 6.08 -6.56
CA PRO A 73 5.43 6.63 -7.25
C PRO A 73 6.29 5.56 -7.94
N ALA A 74 5.84 4.30 -8.00
CA ALA A 74 6.62 3.14 -8.39
C ALA A 74 5.68 2.17 -9.11
N ALA A 75 5.38 2.48 -10.37
CA ALA A 75 4.65 1.60 -11.28
C ALA A 75 5.59 1.34 -12.45
N LYS A 76 5.36 1.98 -13.61
CA LYS A 76 6.22 1.81 -14.79
C LYS A 76 7.55 2.55 -14.56
N LYS A 77 8.58 1.79 -14.19
CA LYS A 77 9.89 2.27 -13.77
C LYS A 77 9.77 3.33 -12.67
N ASN A 78 9.87 4.62 -12.98
CA ASN A 78 10.03 5.68 -11.97
C ASN A 78 9.83 7.08 -12.58
N THR A 79 9.01 7.20 -13.62
CA THR A 79 9.16 8.17 -14.70
C THR A 79 8.10 9.28 -14.60
N SER A 80 7.81 10.01 -15.68
CA SER A 80 6.97 11.21 -15.71
C SER A 80 5.54 10.92 -15.26
N GLU A 81 5.07 11.66 -14.26
CA GLU A 81 3.75 11.50 -13.64
C GLU A 81 3.02 12.85 -13.51
N ALA A 82 3.70 13.96 -13.74
CA ALA A 82 3.13 15.30 -13.72
C ALA A 82 2.50 15.54 -15.09
N VAL A 83 1.30 14.99 -15.31
CA VAL A 83 0.55 15.15 -16.56
C VAL A 83 -0.95 15.23 -16.23
N ALA A 84 -1.75 15.80 -17.12
CA ALA A 84 -3.20 15.71 -17.09
C ALA A 84 -3.59 14.40 -17.78
N ALA A 85 -4.52 13.64 -17.20
CA ALA A 85 -5.11 12.44 -17.75
C ALA A 85 -6.47 12.15 -17.12
N ALA A 86 -6.54 12.04 -15.79
CA ALA A 86 -7.73 11.64 -15.03
C ALA A 86 -7.93 12.56 -13.83
N ASN A 87 -7.66 13.86 -14.02
CA ASN A 87 -7.54 14.95 -13.07
C ASN A 87 -6.38 14.77 -12.12
N GLN A 88 -5.33 15.57 -12.29
CA GLN A 88 -4.12 15.33 -11.53
C GLN A 88 -4.33 15.39 -10.02
N THR A 89 -5.21 16.25 -9.51
CA THR A 89 -5.40 16.37 -8.08
C THR A 89 -6.20 15.18 -7.54
N GLU A 90 -7.13 14.65 -8.35
CA GLU A 90 -7.93 13.49 -8.01
C GLU A 90 -7.02 12.27 -7.91
N VAL A 91 -6.19 12.02 -8.92
CA VAL A 91 -5.31 10.86 -8.92
C VAL A 91 -4.22 11.04 -7.88
N GLU A 92 -3.74 12.27 -7.67
CA GLU A 92 -2.75 12.61 -6.65
C GLU A 92 -3.35 12.28 -5.28
N MET A 93 -4.62 12.63 -5.04
CA MET A 93 -5.26 12.26 -3.79
C MET A 93 -5.38 10.75 -3.71
N GLU A 94 -5.90 10.08 -4.74
CA GLU A 94 -5.99 8.62 -4.79
C GLU A 94 -4.61 7.99 -4.52
N ASN A 95 -3.55 8.61 -5.02
CA ASN A 95 -2.16 8.24 -4.84
C ASN A 95 -1.79 8.33 -3.37
N LYS A 96 -2.01 9.47 -2.73
CA LYS A 96 -1.62 9.63 -1.33
C LYS A 96 -2.45 8.73 -0.44
N VAL A 97 -3.73 8.60 -0.76
CA VAL A 97 -4.66 7.72 -0.08
C VAL A 97 -4.08 6.32 -0.13
N VAL A 98 -3.74 5.78 -1.31
CA VAL A 98 -3.28 4.41 -1.40
C VAL A 98 -1.86 4.23 -0.85
N THR A 99 -0.94 5.19 -1.03
CA THR A 99 0.39 5.13 -0.43
C THR A 99 0.25 5.02 1.08
N LYS A 100 -0.63 5.86 1.65
CA LYS A 100 -0.93 5.84 3.06
C LYS A 100 -1.62 4.53 3.42
N VAL A 101 -2.65 4.04 2.74
CA VAL A 101 -3.38 2.84 3.18
C VAL A 101 -2.40 1.68 3.26
N ILE A 102 -1.58 1.48 2.24
CA ILE A 102 -0.63 0.38 2.15
C ILE A 102 0.40 0.53 3.29
N ARG A 103 0.93 1.74 3.52
CA ARG A 103 1.82 1.98 4.65
C ARG A 103 1.11 1.69 5.97
N GLU A 104 -0.05 2.30 6.19
CA GLU A 104 -0.87 2.21 7.38
C GLU A 104 -1.13 0.76 7.71
N MET A 105 -1.43 -0.07 6.70
CA MET A 105 -1.66 -1.49 6.86
C MET A 105 -0.38 -2.21 7.27
N CYS A 106 0.75 -1.95 6.61
CA CYS A 106 1.97 -2.65 7.00
C CYS A 106 2.37 -2.26 8.43
N VAL A 107 2.08 -1.04 8.88
CA VAL A 107 2.21 -0.68 10.30
C VAL A 107 1.14 -1.42 11.13
N GLN A 108 -0.13 -1.49 10.70
CA GLN A 108 -1.18 -2.20 11.42
C GLN A 108 -0.78 -3.67 11.61
N GLN A 109 -0.10 -4.29 10.64
CA GLN A 109 0.43 -5.62 10.82
C GLN A 109 1.57 -5.57 11.81
N TYR A 110 2.54 -4.68 11.62
CA TYR A 110 3.69 -4.58 12.48
C TYR A 110 3.29 -4.41 13.95
N ARG A 111 2.27 -3.60 14.23
CA ARG A 111 1.91 -3.30 15.61
C ARG A 111 1.25 -4.49 16.26
N GLU A 112 0.39 -5.22 15.54
CA GLU A 112 -0.22 -6.45 16.02
C GLU A 112 0.80 -7.57 16.12
N TYR A 113 1.81 -7.57 15.26
CA TYR A 113 2.92 -8.49 15.31
C TYR A 113 3.73 -8.25 16.58
N ARG A 114 3.99 -7.00 16.94
CA ARG A 114 4.66 -6.66 18.19
C ARG A 114 3.83 -7.06 19.41
N LEU A 115 2.51 -6.94 19.32
CA LEU A 115 1.62 -7.18 20.45
C LEU A 115 1.41 -8.67 20.66
N ALA A 116 1.50 -9.44 19.57
CA ALA A 116 1.32 -10.87 19.60
C ALA A 116 2.35 -11.53 20.48
N SER A 117 1.91 -12.36 21.41
CA SER A 117 2.60 -13.62 21.65
C SER A 117 2.12 -14.52 20.52
N GLY A 1 13.17 -29.55 -11.45
CA GLY A 1 12.93 -28.33 -10.68
C GLY A 1 13.67 -27.17 -11.29
N SER A 2 12.96 -26.08 -11.62
CA SER A 2 13.50 -24.80 -12.05
C SER A 2 12.53 -23.73 -11.57
N VAL A 3 12.95 -22.46 -11.61
CA VAL A 3 12.05 -21.31 -11.72
C VAL A 3 10.96 -21.35 -10.62
N VAL A 4 11.36 -21.09 -9.38
CA VAL A 4 10.49 -21.16 -8.21
C VAL A 4 10.95 -20.12 -7.17
N GLY A 5 12.23 -20.17 -6.77
CA GLY A 5 12.85 -19.11 -5.99
C GLY A 5 13.42 -18.09 -6.95
N GLY A 6 12.55 -17.38 -7.67
CA GLY A 6 12.96 -16.33 -8.60
C GLY A 6 11.81 -15.90 -9.48
N LEU A 7 10.73 -15.48 -8.83
CA LEU A 7 9.46 -15.12 -9.44
C LEU A 7 8.97 -13.76 -8.97
N GLY A 8 9.64 -13.16 -8.00
CA GLY A 8 9.32 -11.84 -7.48
C GLY A 8 8.07 -11.91 -6.62
N GLY A 9 7.78 -13.08 -6.05
CA GLY A 9 6.62 -13.33 -5.21
C GLY A 9 6.94 -12.95 -3.77
N TYR A 10 6.87 -11.66 -3.47
CA TYR A 10 6.90 -11.12 -2.10
C TYR A 10 5.76 -11.71 -1.25
N ALA A 11 5.84 -11.60 0.08
CA ALA A 11 4.89 -12.25 0.99
C ALA A 11 3.55 -11.48 0.99
N MET A 12 2.47 -12.18 0.65
CA MET A 12 1.08 -11.70 0.63
C MET A 12 0.55 -11.51 2.05
N GLY A 13 -0.22 -10.44 2.27
CA GLY A 13 -0.83 -10.11 3.54
C GLY A 13 -2.31 -10.50 3.61
N ARG A 14 -2.89 -10.23 4.78
CA ARG A 14 -4.26 -10.58 5.12
C ARG A 14 -5.21 -9.43 4.80
N VAL A 15 -6.50 -9.74 4.70
CA VAL A 15 -7.57 -8.77 4.52
C VAL A 15 -7.69 -7.94 5.78
N MET A 16 -7.54 -6.62 5.60
CA MET A 16 -7.57 -5.66 6.69
C MET A 16 -8.10 -4.31 6.16
N SER A 17 -9.40 -4.13 6.26
CA SER A 17 -10.10 -2.95 5.75
C SER A 17 -11.16 -2.46 6.74
N GLY A 18 -11.43 -1.15 6.72
CA GLY A 18 -12.36 -0.46 7.60
C GLY A 18 -11.85 -0.45 9.05
N MET A 19 -10.53 -0.31 9.21
CA MET A 19 -9.84 -0.22 10.49
C MET A 19 -9.98 1.20 11.05
N ASN A 20 -9.16 1.57 12.04
CA ASN A 20 -9.28 2.88 12.70
C ASN A 20 -8.87 3.99 11.77
N TYR A 21 -9.76 4.95 11.60
CA TYR A 21 -9.56 6.07 10.69
C TYR A 21 -10.51 7.25 10.94
N HIS A 22 -11.77 6.98 11.29
CA HIS A 22 -12.92 7.89 11.27
C HIS A 22 -13.37 8.15 9.85
N PHE A 23 -12.85 9.19 9.18
CA PHE A 23 -13.28 9.64 7.88
C PHE A 23 -14.80 9.78 7.73
N ASP A 24 -15.33 10.80 8.40
CA ASP A 24 -16.76 11.09 8.53
C ASP A 24 -17.12 12.39 7.80
N ARG A 25 -16.32 13.43 8.04
CA ARG A 25 -16.43 14.76 7.43
C ARG A 25 -16.37 14.68 5.93
N PRO A 26 -16.84 15.69 5.20
CA PRO A 26 -16.86 15.72 3.75
C PRO A 26 -15.44 15.63 3.15
N ASP A 27 -14.45 16.32 3.75
CA ASP A 27 -13.12 16.28 3.16
C ASP A 27 -12.43 14.96 3.44
N GLU A 28 -12.71 14.37 4.59
CA GLU A 28 -12.24 13.04 4.94
C GLU A 28 -13.00 11.95 4.18
N TYR A 29 -14.27 12.17 3.84
CA TYR A 29 -15.04 11.38 2.91
C TYR A 29 -14.33 11.32 1.57
N ARG A 30 -13.65 12.40 1.15
CA ARG A 30 -12.81 12.29 -0.02
C ARG A 30 -11.72 11.28 0.25
N TRP A 31 -11.02 11.29 1.40
CA TRP A 31 -10.02 10.25 1.65
C TRP A 31 -10.65 8.87 1.43
N TRP A 32 -11.83 8.60 2.00
CA TRP A 32 -12.47 7.29 1.83
C TRP A 32 -12.77 6.99 0.36
N SER A 33 -13.39 7.94 -0.33
CA SER A 33 -13.87 7.82 -1.68
C SER A 33 -12.70 7.68 -2.67
N GLU A 34 -11.65 8.50 -2.50
CA GLU A 34 -10.42 8.43 -3.27
C GLU A 34 -9.73 7.09 -3.02
N ASN A 35 -9.84 6.54 -1.80
CA ASN A 35 -9.38 5.18 -1.47
C ASN A 35 -10.26 4.15 -2.16
N SER A 36 -11.57 4.31 -2.16
CA SER A 36 -12.55 3.44 -2.80
C SER A 36 -12.27 3.26 -4.30
N ALA A 37 -11.60 4.22 -4.95
CA ALA A 37 -11.13 4.03 -6.32
C ALA A 37 -10.18 2.82 -6.49
N ARG A 38 -9.47 2.38 -5.44
CA ARG A 38 -8.34 1.43 -5.54
C ARG A 38 -8.34 0.38 -4.43
N TYR A 39 -8.38 0.85 -3.19
CA TYR A 39 -8.53 0.15 -1.90
C TYR A 39 -7.88 -1.24 -1.85
N PRO A 40 -6.56 -1.33 -1.64
CA PRO A 40 -5.87 -2.61 -1.68
C PRO A 40 -6.25 -3.56 -0.53
N ASN A 41 -6.67 -3.04 0.62
CA ASN A 41 -6.96 -3.72 1.90
C ASN A 41 -5.87 -4.63 2.45
N ARG A 42 -4.75 -4.83 1.75
CA ARG A 42 -3.72 -5.78 2.12
C ARG A 42 -2.42 -5.24 1.54
N VAL A 43 -1.29 -5.79 1.96
CA VAL A 43 0.02 -5.30 1.55
C VAL A 43 0.98 -6.46 1.32
N TYR A 44 2.12 -6.20 0.70
CA TYR A 44 3.14 -7.16 0.36
C TYR A 44 4.44 -6.74 1.06
N TYR A 45 5.09 -7.68 1.73
CA TYR A 45 6.22 -7.43 2.61
C TYR A 45 7.37 -8.38 2.28
N ARG A 46 8.59 -7.97 2.59
CA ARG A 46 9.77 -8.81 2.33
C ARG A 46 9.87 -9.91 3.38
N ASP A 47 9.56 -9.49 4.61
CA ASP A 47 9.92 -10.12 5.89
C ASP A 47 11.43 -10.04 6.04
N TYR A 48 11.90 -8.87 6.48
CA TYR A 48 13.29 -8.68 6.88
C TYR A 48 13.56 -9.48 8.15
N SER A 49 14.82 -9.80 8.39
CA SER A 49 15.23 -10.84 9.34
C SER A 49 14.79 -10.62 10.79
N SER A 50 14.41 -9.39 11.18
CA SER A 50 13.94 -8.90 12.48
C SER A 50 14.84 -7.78 13.02
N PRO A 51 16.18 -7.83 12.90
CA PRO A 51 17.01 -6.64 13.10
C PRO A 51 16.88 -5.70 11.89
N VAL A 52 15.71 -5.10 11.71
CA VAL A 52 15.49 -3.96 10.83
C VAL A 52 14.45 -3.09 11.54
N PRO A 53 14.48 -1.75 11.41
CA PRO A 53 13.50 -0.89 12.04
C PRO A 53 12.19 -0.99 11.25
N GLN A 54 11.04 -0.83 11.91
CA GLN A 54 9.77 -0.85 11.18
C GLN A 54 9.75 0.27 10.14
N ASP A 55 10.54 1.34 10.30
CA ASP A 55 10.57 2.46 9.36
C ASP A 55 10.94 2.00 7.94
N VAL A 56 12.01 1.22 7.79
CA VAL A 56 12.42 0.64 6.50
C VAL A 56 11.42 -0.43 6.08
N PHE A 57 11.06 -1.38 6.97
CA PHE A 57 10.18 -2.48 6.62
C PHE A 57 8.86 -1.96 6.09
N VAL A 58 8.23 -0.98 6.76
CA VAL A 58 6.97 -0.37 6.37
C VAL A 58 7.16 0.38 5.04
N ALA A 59 8.27 1.12 4.86
CA ALA A 59 8.46 1.91 3.65
C ALA A 59 8.68 1.00 2.44
N ASP A 60 9.45 -0.08 2.60
CA ASP A 60 9.72 -1.05 1.54
C ASP A 60 8.49 -1.89 1.24
N CYS A 61 7.76 -2.29 2.28
CA CYS A 61 6.47 -2.94 2.19
C CYS A 61 5.55 -2.07 1.34
N PHE A 62 5.48 -0.78 1.67
CA PHE A 62 4.70 0.17 0.90
C PHE A 62 5.17 0.21 -0.55
N ASN A 63 6.46 0.45 -0.76
CA ASN A 63 7.02 0.68 -2.08
C ASN A 63 6.79 -0.53 -3.00
N ILE A 64 6.94 -1.75 -2.50
CA ILE A 64 6.71 -2.97 -3.26
C ILE A 64 5.21 -3.20 -3.47
N THR A 65 4.36 -2.92 -2.47
CA THR A 65 2.93 -3.09 -2.65
C THR A 65 2.42 -2.16 -3.75
N VAL A 66 2.80 -0.87 -3.74
CA VAL A 66 2.33 0.02 -4.80
C VAL A 66 2.87 -0.44 -6.16
N THR A 67 4.07 -1.02 -6.17
CA THR A 67 4.69 -1.58 -7.35
C THR A 67 3.86 -2.73 -7.91
N GLU A 68 3.45 -3.71 -7.11
CA GLU A 68 2.63 -4.81 -7.61
C GLU A 68 1.24 -4.32 -8.04
N TYR A 69 0.63 -3.42 -7.27
CA TYR A 69 -0.65 -2.83 -7.64
C TYR A 69 -0.53 -1.86 -8.83
N SER A 70 0.69 -1.58 -9.31
CA SER A 70 1.02 -0.68 -10.39
C SER A 70 0.31 0.68 -10.20
N ILE A 71 0.43 1.24 -9.00
CA ILE A 71 -0.13 2.52 -8.53
C ILE A 71 1.04 3.41 -8.09
N GLY A 72 0.79 4.70 -7.86
CA GLY A 72 1.85 5.67 -7.61
C GLY A 72 2.80 5.75 -8.82
N PRO A 73 3.97 6.40 -8.71
CA PRO A 73 4.97 6.43 -9.77
C PRO A 73 5.49 5.06 -10.22
N ALA A 74 5.15 3.97 -9.53
CA ALA A 74 5.42 2.62 -9.99
C ALA A 74 4.50 2.22 -11.14
N ALA A 75 3.44 2.98 -11.38
CA ALA A 75 2.40 2.73 -12.36
C ALA A 75 2.90 3.01 -13.77
N LYS A 76 3.28 1.97 -14.49
CA LYS A 76 3.63 2.07 -15.90
C LYS A 76 3.21 0.83 -16.69
N LYS A 77 1.99 0.32 -16.44
CA LYS A 77 1.49 -0.85 -17.16
C LYS A 77 1.43 -0.64 -18.67
N ASN A 78 0.91 0.51 -19.10
CA ASN A 78 0.62 0.95 -20.47
C ASN A 78 0.13 2.40 -20.38
N THR A 79 0.89 3.24 -19.68
CA THR A 79 0.66 4.65 -19.59
C THR A 79 2.02 5.33 -19.68
N SER A 80 2.40 5.78 -20.88
CA SER A 80 3.76 6.17 -21.18
C SER A 80 4.25 7.41 -20.44
N GLU A 81 3.34 8.22 -19.90
CA GLU A 81 3.69 9.34 -19.03
C GLU A 81 3.54 8.86 -17.59
N ALA A 82 2.30 8.66 -17.13
CA ALA A 82 1.91 8.35 -15.75
C ALA A 82 2.15 9.54 -14.81
N VAL A 83 2.14 10.76 -15.35
CA VAL A 83 2.42 12.02 -14.68
C VAL A 83 1.18 12.88 -14.95
N ALA A 84 0.47 13.30 -13.90
CA ALA A 84 -0.71 14.17 -13.89
C ALA A 84 -1.97 13.54 -14.48
N ALA A 85 -1.91 13.01 -15.70
CA ALA A 85 -3.01 12.51 -16.53
C ALA A 85 -4.11 13.56 -16.73
N ALA A 86 -4.94 13.83 -15.74
CA ALA A 86 -6.06 14.76 -15.87
C ALA A 86 -6.35 15.60 -14.63
N ASN A 87 -5.58 15.45 -13.56
CA ASN A 87 -5.56 16.36 -12.44
C ASN A 87 -4.45 15.92 -11.51
N GLN A 88 -3.37 16.67 -11.48
CA GLN A 88 -2.24 16.38 -10.63
C GLN A 88 -2.65 16.40 -9.15
N THR A 89 -3.56 17.30 -8.75
CA THR A 89 -4.06 17.35 -7.38
C THR A 89 -4.86 16.09 -7.04
N GLU A 90 -5.68 15.59 -7.97
CA GLU A 90 -6.51 14.42 -7.74
C GLU A 90 -5.61 13.20 -7.65
N VAL A 91 -4.71 13.01 -8.61
CA VAL A 91 -3.88 11.81 -8.60
C VAL A 91 -3.00 11.84 -7.37
N GLU A 92 -2.53 13.02 -6.96
CA GLU A 92 -1.74 13.23 -5.75
C GLU A 92 -2.57 12.85 -4.52
N MET A 93 -3.81 13.32 -4.40
CA MET A 93 -4.60 13.00 -3.22
C MET A 93 -4.90 11.51 -3.20
N GLU A 94 -5.38 10.95 -4.31
CA GLU A 94 -5.56 9.52 -4.53
C GLU A 94 -4.25 8.76 -4.22
N ASN A 95 -3.08 9.38 -4.46
CA ASN A 95 -1.77 8.82 -4.16
C ASN A 95 -1.53 8.80 -2.66
N LYS A 96 -1.64 9.93 -1.97
CA LYS A 96 -1.36 9.98 -0.53
C LYS A 96 -2.36 9.13 0.22
N VAL A 97 -3.60 9.08 -0.26
CA VAL A 97 -4.61 8.20 0.27
C VAL A 97 -4.08 6.78 0.13
N VAL A 98 -3.69 6.32 -1.06
CA VAL A 98 -3.26 4.94 -1.22
C VAL A 98 -1.95 4.68 -0.45
N THR A 99 -1.03 5.64 -0.34
CA THR A 99 0.20 5.45 0.41
C THR A 99 -0.12 5.32 1.90
N LYS A 100 -1.02 6.14 2.46
CA LYS A 100 -1.43 6.06 3.86
C LYS A 100 -1.96 4.67 4.11
N VAL A 101 -2.87 4.14 3.30
CA VAL A 101 -3.46 2.85 3.62
C VAL A 101 -2.37 1.79 3.67
N ILE A 102 -1.56 1.72 2.61
CA ILE A 102 -0.56 0.69 2.47
C ILE A 102 0.43 0.79 3.64
N ARG A 103 0.89 2.00 3.98
CA ARG A 103 1.72 2.18 5.16
C ARG A 103 0.98 1.75 6.41
N GLU A 104 -0.26 2.21 6.62
CA GLU A 104 -1.04 1.95 7.82
C GLU A 104 -1.12 0.45 8.03
N MET A 105 -1.39 -0.32 6.98
CA MET A 105 -1.46 -1.76 7.00
C MET A 105 -0.13 -2.39 7.36
N CYS A 106 0.98 -1.98 6.73
CA CYS A 106 2.29 -2.54 7.06
C CYS A 106 2.59 -2.31 8.56
N VAL A 107 2.20 -1.16 9.13
CA VAL A 107 2.34 -0.90 10.56
C VAL A 107 1.35 -1.77 11.35
N GLN A 108 0.11 -1.92 10.88
CA GLN A 108 -0.92 -2.74 11.50
C GLN A 108 -0.52 -4.23 11.52
N GLN A 109 0.24 -4.71 10.54
CA GLN A 109 0.91 -6.00 10.65
C GLN A 109 1.91 -5.91 11.76
N TYR A 110 2.82 -4.95 11.71
CA TYR A 110 3.88 -4.82 12.69
C TYR A 110 3.35 -4.86 14.13
N ARG A 111 2.21 -4.20 14.38
CA ARG A 111 1.64 -4.14 15.71
C ARG A 111 0.98 -5.44 16.13
N GLU A 112 0.27 -6.13 15.24
CA GLU A 112 -0.35 -7.42 15.57
C GLU A 112 0.69 -8.53 15.63
N TYR A 113 1.76 -8.43 14.84
CA TYR A 113 2.92 -9.30 14.85
C TYR A 113 3.63 -9.22 16.21
N ARG A 114 3.72 -7.99 16.76
CA ARG A 114 4.18 -7.77 18.14
C ARG A 114 3.36 -8.52 19.20
N LEU A 115 2.17 -9.01 18.87
CA LEU A 115 1.29 -9.74 19.77
C LEU A 115 1.26 -11.23 19.40
N ALA A 116 0.90 -11.55 18.17
CA ALA A 116 0.79 -12.89 17.60
C ALA A 116 2.15 -13.57 17.56
N SER A 117 2.33 -14.64 18.34
CA SER A 117 3.32 -15.66 18.05
C SER A 117 2.96 -16.36 16.75
N GLY A 1 12.45 -26.22 -15.94
CA GLY A 1 12.39 -24.77 -16.17
C GLY A 1 12.39 -24.06 -14.83
N SER A 2 11.99 -22.78 -14.83
CA SER A 2 11.97 -21.94 -13.62
C SER A 2 10.53 -21.51 -13.28
N VAL A 3 9.55 -22.30 -13.71
CA VAL A 3 8.13 -22.06 -13.49
C VAL A 3 7.54 -23.36 -12.95
N VAL A 4 7.39 -23.43 -11.63
CA VAL A 4 7.08 -24.61 -10.84
C VAL A 4 6.92 -24.18 -9.38
N GLY A 5 7.72 -23.20 -8.92
CA GLY A 5 7.53 -22.60 -7.61
C GLY A 5 6.26 -21.76 -7.58
N GLY A 6 6.33 -20.59 -8.21
CA GLY A 6 5.23 -19.64 -8.23
C GLY A 6 5.56 -18.55 -9.21
N LEU A 7 6.43 -17.66 -8.74
CA LEU A 7 7.19 -16.60 -9.36
C LEU A 7 6.59 -15.28 -8.92
N GLY A 8 7.29 -14.58 -8.04
CA GLY A 8 6.85 -13.29 -7.50
C GLY A 8 5.96 -13.40 -6.27
N GLY A 9 5.88 -14.58 -5.62
CA GLY A 9 5.08 -14.79 -4.42
C GLY A 9 5.73 -14.15 -3.20
N TYR A 10 5.66 -12.82 -3.08
CA TYR A 10 6.02 -12.10 -1.87
C TYR A 10 5.08 -12.49 -0.72
N ALA A 11 5.50 -12.27 0.52
CA ALA A 11 4.75 -12.65 1.71
C ALA A 11 3.56 -11.71 1.82
N MET A 12 2.34 -12.24 1.88
CA MET A 12 1.10 -11.46 1.81
C MET A 12 0.50 -11.32 3.20
N GLY A 13 0.00 -10.12 3.48
CA GLY A 13 -0.78 -9.80 4.65
C GLY A 13 -2.23 -10.23 4.50
N ARG A 14 -2.99 -10.01 5.56
CA ARG A 14 -4.40 -10.39 5.64
C ARG A 14 -5.31 -9.24 5.24
N VAL A 15 -6.61 -9.53 5.09
CA VAL A 15 -7.64 -8.55 4.85
C VAL A 15 -7.77 -7.70 6.10
N MET A 16 -7.55 -6.41 5.95
CA MET A 16 -7.90 -5.46 6.99
C MET A 16 -8.49 -4.19 6.38
N SER A 17 -9.83 -4.11 6.34
CA SER A 17 -10.56 -2.97 5.80
C SER A 17 -11.78 -2.64 6.65
N GLY A 18 -11.96 -1.38 7.03
CA GLY A 18 -13.06 -0.92 7.86
C GLY A 18 -12.68 -0.92 9.32
N MET A 19 -11.50 -0.36 9.64
CA MET A 19 -11.10 0.01 10.99
C MET A 19 -11.69 1.41 11.30
N ASN A 20 -11.30 2.02 12.42
CA ASN A 20 -11.94 3.22 12.97
C ASN A 20 -12.14 4.36 11.96
N TYR A 21 -11.09 4.67 11.19
CA TYR A 21 -11.06 5.56 10.02
C TYR A 21 -12.04 6.75 10.12
N HIS A 22 -11.65 7.83 10.81
CA HIS A 22 -12.48 9.00 11.16
C HIS A 22 -13.29 9.60 9.99
N PHE A 23 -12.72 10.51 9.17
CA PHE A 23 -13.17 10.73 7.80
C PHE A 23 -14.63 11.21 7.66
N ASP A 24 -15.11 12.00 8.61
CA ASP A 24 -16.53 12.38 8.73
C ASP A 24 -16.87 13.57 7.83
N ARG A 25 -15.85 14.27 7.33
CA ARG A 25 -15.96 15.57 6.70
C ARG A 25 -15.99 15.44 5.18
N PRO A 26 -16.55 16.41 4.46
CA PRO A 26 -16.70 16.34 3.01
C PRO A 26 -15.37 16.37 2.25
N ASP A 27 -14.37 17.12 2.72
CA ASP A 27 -13.03 17.07 2.12
C ASP A 27 -12.31 15.80 2.53
N GLU A 28 -12.32 15.48 3.82
CA GLU A 28 -11.64 14.27 4.31
C GLU A 28 -12.23 13.03 3.68
N TYR A 29 -13.53 13.01 3.35
CA TYR A 29 -14.24 11.96 2.65
C TYR A 29 -13.55 11.59 1.36
N ARG A 30 -12.91 12.54 0.66
CA ARG A 30 -12.20 12.20 -0.55
C ARG A 30 -11.17 11.13 -0.31
N TRP A 31 -10.57 11.07 0.87
CA TRP A 31 -9.70 9.99 1.25
C TRP A 31 -10.41 8.65 1.06
N TRP A 32 -11.63 8.48 1.58
CA TRP A 32 -12.44 7.27 1.41
C TRP A 32 -12.84 7.10 -0.05
N SER A 33 -13.33 8.17 -0.70
CA SER A 33 -13.79 8.14 -2.08
C SER A 33 -12.68 7.64 -3.01
N GLU A 34 -11.48 8.21 -2.88
CA GLU A 34 -10.33 7.84 -3.69
C GLU A 34 -9.74 6.49 -3.22
N ASN A 35 -9.86 6.13 -1.94
CA ASN A 35 -9.49 4.80 -1.41
C ASN A 35 -10.37 3.73 -2.04
N SER A 36 -11.66 4.01 -2.19
CA SER A 36 -12.67 3.12 -2.74
C SER A 36 -12.28 2.65 -4.15
N ALA A 37 -11.49 3.43 -4.90
CA ALA A 37 -10.96 3.03 -6.21
C ALA A 37 -9.92 1.90 -6.13
N ARG A 38 -9.19 1.77 -5.01
CA ARG A 38 -8.00 0.94 -4.89
C ARG A 38 -8.15 -0.17 -3.88
N TYR A 39 -8.69 0.17 -2.70
CA TYR A 39 -8.96 -0.65 -1.52
C TYR A 39 -8.23 -2.01 -1.54
N PRO A 40 -6.91 -2.02 -1.27
CA PRO A 40 -6.14 -3.25 -1.32
C PRO A 40 -6.36 -4.12 -0.09
N ASN A 41 -6.71 -3.51 1.06
CA ASN A 41 -6.93 -4.07 2.41
C ASN A 41 -5.78 -4.90 2.98
N ARG A 42 -4.84 -5.35 2.19
CA ARG A 42 -3.78 -6.29 2.52
C ARG A 42 -2.52 -5.73 1.85
N VAL A 43 -1.35 -6.25 2.21
CA VAL A 43 -0.08 -5.70 1.77
C VAL A 43 0.87 -6.86 1.47
N TYR A 44 2.00 -6.58 0.82
CA TYR A 44 3.08 -7.52 0.57
C TYR A 44 4.33 -7.03 1.29
N TYR A 45 5.14 -7.94 1.79
CA TYR A 45 6.43 -7.68 2.39
C TYR A 45 7.43 -8.69 1.85
N ARG A 46 8.71 -8.34 1.92
CA ARG A 46 9.81 -9.23 1.59
C ARG A 46 10.28 -9.95 2.83
N ASP A 47 11.16 -10.91 2.58
CA ASP A 47 11.78 -11.71 3.62
C ASP A 47 13.03 -10.95 4.08
N TYR A 48 12.84 -10.00 4.99
CA TYR A 48 13.91 -9.20 5.59
C TYR A 48 14.93 -10.05 6.37
N SER A 49 16.08 -9.46 6.70
CA SER A 49 17.13 -10.10 7.49
C SER A 49 16.69 -10.30 8.96
N SER A 50 16.48 -9.21 9.71
CA SER A 50 16.29 -9.17 11.17
C SER A 50 16.63 -7.79 11.79
N PRO A 51 17.86 -7.25 11.67
CA PRO A 51 18.36 -6.16 12.51
C PRO A 51 17.92 -4.80 11.97
N VAL A 52 16.64 -4.64 11.71
CA VAL A 52 16.08 -3.63 10.84
C VAL A 52 14.96 -2.94 11.64
N PRO A 53 14.75 -1.62 11.49
CA PRO A 53 13.77 -0.92 12.32
C PRO A 53 12.32 -1.30 11.94
N GLN A 54 11.31 -0.73 12.61
CA GLN A 54 9.93 -0.89 12.15
C GLN A 54 9.72 -0.11 10.85
N ASP A 55 10.34 1.07 10.74
CA ASP A 55 10.02 2.03 9.70
C ASP A 55 10.42 1.53 8.32
N VAL A 56 11.56 0.84 8.22
CA VAL A 56 11.97 0.10 7.02
C VAL A 56 10.95 -0.97 6.66
N PHE A 57 10.41 -1.71 7.66
CA PHE A 57 9.56 -2.85 7.37
C PHE A 57 8.35 -2.32 6.65
N VAL A 58 7.76 -1.26 7.20
CA VAL A 58 6.65 -0.56 6.62
C VAL A 58 7.03 0.03 5.26
N ALA A 59 8.16 0.73 5.16
CA ALA A 59 8.53 1.45 3.94
C ALA A 59 8.76 0.49 2.78
N ASP A 60 9.49 -0.59 2.99
CA ASP A 60 9.79 -1.58 1.97
C ASP A 60 8.56 -2.43 1.66
N CYS A 61 7.73 -2.72 2.67
CA CYS A 61 6.43 -3.38 2.51
C CYS A 61 5.58 -2.52 1.58
N PHE A 62 5.50 -1.23 1.86
CA PHE A 62 4.75 -0.28 1.08
C PHE A 62 5.28 -0.26 -0.35
N ASN A 63 6.60 -0.08 -0.51
CA ASN A 63 7.22 0.02 -1.82
C ASN A 63 6.99 -1.23 -2.66
N ILE A 64 6.93 -2.43 -2.07
CA ILE A 64 6.62 -3.68 -2.77
C ILE A 64 5.14 -3.74 -3.10
N THR A 65 4.27 -3.48 -2.12
CA THR A 65 2.83 -3.56 -2.29
C THR A 65 2.38 -2.65 -3.44
N VAL A 66 2.84 -1.39 -3.44
CA VAL A 66 2.48 -0.48 -4.50
C VAL A 66 3.08 -0.95 -5.83
N THR A 67 4.24 -1.60 -5.82
CA THR A 67 4.89 -2.13 -7.00
C THR A 67 3.98 -3.16 -7.71
N GLU A 68 3.43 -4.17 -7.01
CA GLU A 68 2.58 -5.16 -7.67
C GLU A 68 1.29 -4.47 -8.13
N TYR A 69 0.68 -3.70 -7.23
CA TYR A 69 -0.58 -3.01 -7.50
C TYR A 69 -0.41 -1.85 -8.51
N SER A 70 0.82 -1.64 -9.00
CA SER A 70 1.21 -0.80 -10.11
C SER A 70 0.92 0.69 -9.87
N ILE A 71 1.10 1.12 -8.63
CA ILE A 71 0.77 2.42 -8.04
C ILE A 71 2.00 2.96 -7.29
N GLY A 72 1.88 4.15 -6.71
CA GLY A 72 2.85 4.71 -5.79
C GLY A 72 4.05 5.29 -6.52
N PRO A 73 5.10 5.62 -5.75
CA PRO A 73 6.40 6.01 -6.27
C PRO A 73 7.14 4.82 -6.91
N ALA A 74 6.56 3.62 -6.90
CA ALA A 74 7.09 2.42 -7.53
C ALA A 74 6.10 1.90 -8.58
N ALA A 75 5.33 2.80 -9.21
CA ALA A 75 4.52 2.48 -10.36
C ALA A 75 5.47 2.32 -11.55
N LYS A 76 4.86 1.94 -12.65
CA LYS A 76 5.53 1.73 -13.93
C LYS A 76 4.88 2.57 -15.00
N LYS A 77 4.74 3.88 -14.73
CA LYS A 77 4.24 4.86 -15.69
C LYS A 77 4.91 6.19 -15.40
N ASN A 78 5.20 6.96 -16.44
CA ASN A 78 5.86 8.25 -16.39
C ASN A 78 4.73 9.24 -16.21
N THR A 79 4.65 9.88 -15.04
CA THR A 79 3.52 10.73 -14.73
C THR A 79 3.78 12.20 -15.03
N SER A 80 4.72 12.49 -15.92
CA SER A 80 4.97 13.85 -16.38
C SER A 80 4.90 13.88 -17.90
N GLU A 81 5.05 15.09 -18.44
CA GLU A 81 5.49 15.38 -19.82
C GLU A 81 4.53 14.96 -20.93
N ALA A 82 3.30 14.62 -20.59
CA ALA A 82 2.35 14.03 -21.52
C ALA A 82 1.01 14.74 -21.39
N VAL A 83 0.25 14.31 -20.41
CA VAL A 83 -0.92 14.96 -19.85
C VAL A 83 -1.15 14.36 -18.46
N ALA A 84 -1.82 15.08 -17.56
CA ALA A 84 -2.43 14.46 -16.39
C ALA A 84 -3.45 13.43 -16.88
N ALA A 85 -3.18 12.14 -16.67
CA ALA A 85 -3.95 11.04 -17.22
C ALA A 85 -5.41 11.16 -16.81
N ALA A 86 -5.67 11.36 -15.52
CA ALA A 86 -7.00 11.55 -14.95
C ALA A 86 -6.94 12.59 -13.83
N ASN A 87 -6.35 13.75 -14.13
CA ASN A 87 -6.28 14.97 -13.30
C ASN A 87 -5.21 14.85 -12.23
N GLN A 88 -4.19 15.70 -12.25
CA GLN A 88 -3.09 15.48 -11.33
C GLN A 88 -3.55 15.56 -9.88
N THR A 89 -4.50 16.44 -9.53
CA THR A 89 -5.06 16.51 -8.18
C THR A 89 -5.68 15.20 -7.72
N GLU A 90 -6.46 14.61 -8.62
CA GLU A 90 -7.21 13.38 -8.36
C GLU A 90 -6.24 12.21 -8.20
N VAL A 91 -5.33 12.03 -9.16
CA VAL A 91 -4.42 10.90 -9.11
C VAL A 91 -3.51 11.04 -7.90
N GLU A 92 -3.11 12.28 -7.59
CA GLU A 92 -2.23 12.61 -6.48
C GLU A 92 -2.91 12.19 -5.19
N MET A 93 -4.20 12.51 -5.03
CA MET A 93 -4.97 12.12 -3.87
C MET A 93 -5.15 10.61 -3.81
N GLU A 94 -5.52 9.96 -4.91
CA GLU A 94 -5.64 8.50 -5.01
C GLU A 94 -4.35 7.87 -4.53
N ASN A 95 -3.24 8.47 -4.94
CA ASN A 95 -1.92 8.03 -4.61
C ASN A 95 -1.66 8.18 -3.13
N LYS A 96 -1.88 9.37 -2.58
CA LYS A 96 -1.58 9.63 -1.19
C LYS A 96 -2.39 8.72 -0.29
N VAL A 97 -3.66 8.58 -0.59
CA VAL A 97 -4.57 7.70 0.11
C VAL A 97 -3.99 6.29 0.12
N VAL A 98 -3.68 5.71 -1.04
CA VAL A 98 -3.24 4.33 -1.08
C VAL A 98 -1.86 4.19 -0.43
N THR A 99 -0.97 5.18 -0.55
CA THR A 99 0.33 5.16 0.13
C THR A 99 0.13 5.07 1.64
N LYS A 100 -0.78 5.87 2.22
CA LYS A 100 -1.12 5.85 3.64
C LYS A 100 -1.80 4.54 4.01
N VAL A 101 -2.75 4.01 3.22
CA VAL A 101 -3.46 2.77 3.53
C VAL A 101 -2.45 1.63 3.63
N ILE A 102 -1.60 1.47 2.62
CA ILE A 102 -0.65 0.38 2.52
C ILE A 102 0.32 0.49 3.68
N ARG A 103 0.92 1.66 3.91
CA ARG A 103 1.81 1.85 5.04
C ARG A 103 1.11 1.48 6.34
N GLU A 104 -0.08 2.02 6.62
CA GLU A 104 -0.85 1.77 7.83
C GLU A 104 -1.04 0.28 8.02
N MET A 105 -1.41 -0.48 6.98
CA MET A 105 -1.53 -1.92 7.07
C MET A 105 -0.21 -2.59 7.43
N CYS A 106 0.91 -2.17 6.85
CA CYS A 106 2.20 -2.71 7.23
C CYS A 106 2.53 -2.37 8.70
N VAL A 107 2.17 -1.18 9.20
CA VAL A 107 2.32 -0.85 10.63
C VAL A 107 1.43 -1.80 11.43
N GLN A 108 0.20 -2.04 10.97
CA GLN A 108 -0.78 -2.86 11.63
C GLN A 108 -0.31 -4.28 11.82
N GLN A 109 0.29 -4.84 10.78
CA GLN A 109 0.78 -6.19 10.86
C GLN A 109 1.99 -6.23 11.79
N TYR A 110 2.82 -5.18 11.82
CA TYR A 110 3.97 -5.12 12.68
C TYR A 110 3.51 -5.10 14.14
N ARG A 111 2.59 -4.22 14.50
CA ARG A 111 2.19 -4.06 15.88
C ARG A 111 1.44 -5.31 16.38
N GLU A 112 0.82 -6.08 15.49
CA GLU A 112 0.24 -7.39 15.77
C GLU A 112 1.33 -8.44 15.94
N TYR A 113 2.33 -8.49 15.05
CA TYR A 113 3.42 -9.46 15.10
C TYR A 113 4.25 -9.25 16.37
N ARG A 114 4.36 -8.00 16.84
CA ARG A 114 5.00 -7.67 18.10
C ARG A 114 4.26 -8.26 19.30
N LEU A 115 2.99 -8.66 19.17
CA LEU A 115 2.28 -9.42 20.19
C LEU A 115 2.51 -10.91 19.90
N ALA A 116 1.97 -11.38 18.77
CA ALA A 116 2.00 -12.74 18.22
C ALA A 116 1.31 -13.84 19.04
N SER A 117 1.07 -13.69 20.34
CA SER A 117 0.11 -14.45 21.15
C SER A 117 0.20 -13.91 22.57
N GLY A 1 -0.77 -24.23 -18.58
CA GLY A 1 0.58 -24.56 -18.14
C GLY A 1 1.56 -23.50 -18.59
N SER A 2 2.01 -22.66 -17.65
CA SER A 2 3.08 -21.69 -17.83
C SER A 2 3.88 -21.63 -16.53
N VAL A 3 3.38 -20.86 -15.57
CA VAL A 3 3.98 -20.56 -14.28
C VAL A 3 2.93 -20.81 -13.18
N VAL A 4 3.22 -20.44 -11.93
CA VAL A 4 2.36 -20.73 -10.79
C VAL A 4 2.08 -19.48 -9.94
N GLY A 5 2.49 -18.30 -10.39
CA GLY A 5 2.24 -17.02 -9.70
C GLY A 5 3.13 -16.79 -8.47
N GLY A 6 3.93 -17.78 -8.07
CA GLY A 6 4.98 -17.67 -7.07
C GLY A 6 6.27 -17.58 -7.83
N LEU A 7 6.73 -16.35 -8.00
CA LEU A 7 8.04 -16.09 -8.55
C LEU A 7 8.82 -15.08 -7.74
N GLY A 8 8.10 -14.12 -7.16
CA GLY A 8 8.69 -13.01 -6.40
C GLY A 8 9.11 -13.43 -4.99
N GLY A 9 8.46 -14.44 -4.41
CA GLY A 9 8.82 -15.04 -3.13
C GLY A 9 8.62 -14.16 -1.90
N TYR A 10 8.13 -12.93 -2.05
CA TYR A 10 7.86 -12.02 -0.95
C TYR A 10 6.72 -12.55 -0.05
N ALA A 11 6.69 -12.10 1.20
CA ALA A 11 5.69 -12.50 2.20
C ALA A 11 4.46 -11.62 2.07
N MET A 12 3.25 -12.19 2.14
CA MET A 12 1.99 -11.50 1.96
C MET A 12 1.30 -11.28 3.31
N GLY A 13 0.71 -10.11 3.49
CA GLY A 13 -0.10 -9.73 4.63
C GLY A 13 -1.54 -10.22 4.48
N ARG A 14 -2.32 -9.98 5.52
CA ARG A 14 -3.70 -10.44 5.65
C ARG A 14 -4.67 -9.37 5.17
N VAL A 15 -5.93 -9.72 4.99
CA VAL A 15 -6.99 -8.75 4.76
C VAL A 15 -7.16 -7.93 6.02
N MET A 16 -7.06 -6.63 5.87
CA MET A 16 -7.33 -5.68 6.93
C MET A 16 -7.86 -4.38 6.35
N SER A 17 -9.17 -4.14 6.48
CA SER A 17 -9.80 -2.88 6.08
C SER A 17 -10.82 -2.36 7.11
N GLY A 18 -10.95 -3.01 8.26
CA GLY A 18 -11.80 -2.64 9.37
C GLY A 18 -10.94 -2.34 10.58
N MET A 19 -10.34 -1.15 10.61
CA MET A 19 -9.46 -0.62 11.62
C MET A 19 -9.93 0.80 11.97
N ASN A 20 -9.28 1.47 12.93
CA ASN A 20 -9.58 2.86 13.28
C ASN A 20 -9.43 3.76 12.05
N TYR A 21 -10.50 4.42 11.63
CA TYR A 21 -10.53 5.37 10.53
C TYR A 21 -11.67 6.36 10.78
N HIS A 22 -11.41 7.64 10.53
CA HIS A 22 -12.37 8.72 10.69
C HIS A 22 -13.12 8.89 9.37
N PHE A 23 -12.67 9.79 8.48
CA PHE A 23 -13.21 9.96 7.14
C PHE A 23 -14.69 10.40 7.18
N ASP A 24 -15.04 11.21 8.19
CA ASP A 24 -16.41 11.57 8.53
C ASP A 24 -16.89 12.84 7.85
N ARG A 25 -15.99 13.74 7.45
CA ARG A 25 -16.35 14.94 6.66
C ARG A 25 -16.64 14.51 5.22
N PRO A 26 -17.27 15.36 4.39
CA PRO A 26 -17.68 14.96 3.04
C PRO A 26 -16.46 14.81 2.14
N ASP A 27 -15.48 15.70 2.27
CA ASP A 27 -14.20 15.61 1.55
C ASP A 27 -13.40 14.43 2.09
N GLU A 28 -13.53 14.18 3.40
CA GLU A 28 -12.89 13.06 4.09
C GLU A 28 -13.44 11.72 3.59
N TYR A 29 -14.71 11.67 3.16
CA TYR A 29 -15.35 10.52 2.51
C TYR A 29 -14.59 10.22 1.24
N ARG A 30 -14.08 11.24 0.53
CA ARG A 30 -13.36 11.00 -0.70
C ARG A 30 -12.17 10.09 -0.43
N TRP A 31 -11.48 10.21 0.70
CA TRP A 31 -10.38 9.31 1.03
C TRP A 31 -10.87 7.86 1.01
N TRP A 32 -12.07 7.55 1.52
CA TRP A 32 -12.67 6.22 1.39
C TRP A 32 -13.14 5.91 -0.04
N SER A 33 -13.62 6.89 -0.79
CA SER A 33 -14.11 6.71 -2.15
C SER A 33 -12.96 6.38 -3.11
N GLU A 34 -11.90 7.18 -3.07
CA GLU A 34 -10.75 7.03 -3.96
C GLU A 34 -9.99 5.77 -3.51
N ASN A 35 -9.95 5.44 -2.20
CA ASN A 35 -9.50 4.15 -1.68
C ASN A 35 -10.32 3.00 -2.29
N SER A 36 -11.65 3.11 -2.36
CA SER A 36 -12.50 2.10 -2.99
C SER A 36 -12.08 1.80 -4.44
N ALA A 37 -11.43 2.72 -5.17
CA ALA A 37 -10.96 2.44 -6.52
C ALA A 37 -10.00 1.24 -6.56
N ARG A 38 -9.11 1.07 -5.56
CA ARG A 38 -8.07 0.04 -5.61
C ARG A 38 -7.95 -0.81 -4.36
N TYR A 39 -8.31 -0.25 -3.20
CA TYR A 39 -8.58 -0.90 -1.90
C TYR A 39 -7.81 -2.21 -1.73
N PRO A 40 -6.48 -2.14 -1.54
CA PRO A 40 -5.69 -3.35 -1.44
C PRO A 40 -6.04 -4.15 -0.19
N ASN A 41 -6.39 -3.50 0.93
CA ASN A 41 -6.57 -4.09 2.26
C ASN A 41 -5.44 -5.01 2.72
N ARG A 42 -4.33 -5.16 2.01
CA ARG A 42 -3.27 -6.08 2.37
C ARG A 42 -1.98 -5.52 1.80
N VAL A 43 -0.84 -6.08 2.23
CA VAL A 43 0.49 -5.59 1.88
C VAL A 43 1.42 -6.77 1.62
N TYR A 44 2.61 -6.52 1.06
CA TYR A 44 3.71 -7.47 0.94
C TYR A 44 4.92 -6.91 1.69
N TYR A 45 5.84 -7.78 2.11
CA TYR A 45 7.09 -7.43 2.77
C TYR A 45 8.19 -8.35 2.24
N ARG A 46 9.45 -7.91 2.18
CA ARG A 46 10.56 -8.82 1.89
C ARG A 46 10.78 -9.76 3.06
N ASP A 47 11.52 -10.85 2.81
CA ASP A 47 12.13 -11.67 3.85
C ASP A 47 13.30 -10.89 4.44
N TYR A 48 13.08 -10.06 5.46
CA TYR A 48 14.14 -9.36 6.19
C TYR A 48 14.77 -10.31 7.20
N SER A 49 16.10 -10.34 7.25
CA SER A 49 16.86 -11.26 8.09
C SER A 49 16.58 -11.13 9.59
N SER A 50 16.02 -10.00 10.06
CA SER A 50 15.61 -9.66 11.42
C SER A 50 16.37 -8.44 11.99
N PRO A 51 17.63 -8.10 11.64
CA PRO A 51 18.29 -6.93 12.24
C PRO A 51 17.77 -5.60 11.72
N VAL A 52 16.85 -5.62 10.75
CA VAL A 52 16.34 -4.42 10.12
C VAL A 52 15.42 -3.67 11.11
N PRO A 53 15.39 -2.33 11.07
CA PRO A 53 14.51 -1.54 11.92
C PRO A 53 13.08 -1.52 11.39
N GLN A 54 12.12 -1.16 12.25
CA GLN A 54 10.71 -1.05 11.86
C GLN A 54 10.54 -0.08 10.68
N ASP A 55 11.30 1.03 10.66
CA ASP A 55 11.06 2.09 9.69
C ASP A 55 11.29 1.60 8.27
N VAL A 56 12.42 0.93 8.01
CA VAL A 56 12.66 0.33 6.70
C VAL A 56 11.75 -0.88 6.48
N PHE A 57 11.38 -1.64 7.53
CA PHE A 57 10.45 -2.76 7.36
C PHE A 57 9.18 -2.22 6.71
N VAL A 58 8.62 -1.16 7.28
CA VAL A 58 7.40 -0.58 6.75
C VAL A 58 7.67 0.08 5.40
N ALA A 59 8.71 0.90 5.26
CA ALA A 59 8.90 1.67 4.05
C ALA A 59 9.16 0.78 2.84
N ASP A 60 9.87 -0.34 3.01
CA ASP A 60 10.05 -1.34 1.96
C ASP A 60 8.77 -2.10 1.69
N CYS A 61 8.05 -2.51 2.75
CA CYS A 61 6.79 -3.25 2.64
C CYS A 61 5.86 -2.43 1.77
N PHE A 62 5.73 -1.15 2.12
CA PHE A 62 4.91 -0.22 1.40
C PHE A 62 5.39 -0.09 -0.04
N ASN A 63 6.69 0.14 -0.24
CA ASN A 63 7.23 0.37 -1.58
C ASN A 63 6.89 -0.80 -2.47
N ILE A 64 7.14 -2.03 -2.04
CA ILE A 64 6.92 -3.22 -2.86
C ILE A 64 5.42 -3.41 -3.06
N THR A 65 4.60 -3.19 -2.04
CA THR A 65 3.16 -3.31 -2.19
C THR A 65 2.67 -2.34 -3.29
N VAL A 66 3.11 -1.07 -3.28
CA VAL A 66 2.70 -0.17 -4.34
C VAL A 66 3.30 -0.57 -5.69
N THR A 67 4.50 -1.13 -5.71
CA THR A 67 5.19 -1.59 -6.90
C THR A 67 4.39 -2.74 -7.56
N GLU A 68 3.96 -3.72 -6.76
CA GLU A 68 3.25 -4.93 -7.16
C GLU A 68 1.82 -4.62 -7.59
N TYR A 69 1.17 -3.68 -6.92
CA TYR A 69 -0.09 -3.13 -7.38
C TYR A 69 0.13 -2.11 -8.52
N SER A 70 1.38 -1.76 -8.85
CA SER A 70 1.83 -0.78 -9.83
C SER A 70 1.09 0.56 -9.73
N ILE A 71 1.32 1.25 -8.61
CA ILE A 71 0.65 2.46 -8.12
C ILE A 71 1.67 3.25 -7.31
N GLY A 72 1.28 4.41 -6.77
CA GLY A 72 2.11 5.09 -5.78
C GLY A 72 3.41 5.63 -6.38
N PRO A 73 4.32 6.11 -5.53
CA PRO A 73 5.60 6.68 -5.95
C PRO A 73 6.62 5.63 -6.40
N ALA A 74 6.21 4.38 -6.64
CA ALA A 74 7.06 3.32 -7.16
C ALA A 74 6.21 2.59 -8.20
N ALA A 75 6.10 3.18 -9.38
CA ALA A 75 5.32 2.67 -10.50
C ALA A 75 6.14 2.80 -11.78
N LYS A 76 5.88 3.82 -12.60
CA LYS A 76 6.63 4.06 -13.83
C LYS A 76 7.96 4.71 -13.48
N LYS A 77 9.01 4.47 -14.26
CA LYS A 77 10.35 4.97 -13.99
C LYS A 77 10.36 6.50 -14.01
N ASN A 78 10.30 7.10 -15.20
CA ASN A 78 10.64 8.49 -15.54
C ASN A 78 10.91 8.53 -17.05
N THR A 79 9.96 8.11 -17.86
CA THR A 79 9.85 8.48 -19.26
C THR A 79 8.37 8.43 -19.63
N SER A 80 7.79 9.63 -19.82
CA SER A 80 6.38 9.83 -20.09
C SER A 80 5.51 9.23 -18.98
N GLU A 81 4.20 9.14 -19.22
CA GLU A 81 3.18 8.75 -18.25
C GLU A 81 3.14 9.80 -17.13
N ALA A 82 3.04 11.07 -17.52
CA ALA A 82 2.67 12.18 -16.66
C ALA A 82 1.95 13.24 -17.49
N VAL A 83 0.63 13.12 -17.61
CA VAL A 83 -0.28 14.18 -18.03
C VAL A 83 -1.65 13.89 -17.37
N ALA A 84 -2.57 14.86 -17.36
CA ALA A 84 -3.95 14.60 -16.98
C ALA A 84 -4.55 13.51 -17.88
N ALA A 85 -5.30 12.59 -17.28
CA ALA A 85 -6.13 11.61 -17.97
C ALA A 85 -7.44 11.48 -17.19
N ALA A 86 -7.35 11.32 -15.87
CA ALA A 86 -8.46 11.51 -14.96
C ALA A 86 -7.97 12.34 -13.80
N ASN A 87 -7.87 13.66 -14.01
CA ASN A 87 -7.65 14.68 -13.02
C ASN A 87 -6.35 14.53 -12.24
N GLN A 88 -5.41 15.44 -12.41
CA GLN A 88 -4.19 15.41 -11.62
C GLN A 88 -4.47 15.38 -10.11
N THR A 89 -5.58 15.97 -9.65
CA THR A 89 -5.97 15.95 -8.24
C THR A 89 -6.50 14.58 -7.81
N GLU A 90 -7.27 13.92 -8.67
CA GLU A 90 -7.89 12.62 -8.39
C GLU A 90 -6.78 11.58 -8.34
N VAL A 91 -5.92 11.53 -9.37
CA VAL A 91 -4.85 10.55 -9.39
C VAL A 91 -3.98 10.78 -8.18
N GLU A 92 -3.57 12.03 -7.90
CA GLU A 92 -2.59 12.28 -6.87
C GLU A 92 -3.06 11.82 -5.53
N MET A 93 -4.30 12.15 -5.21
CA MET A 93 -4.87 11.87 -3.96
C MET A 93 -5.00 10.35 -3.89
N GLU A 94 -5.57 9.69 -4.89
CA GLU A 94 -5.75 8.24 -4.86
C GLU A 94 -4.37 7.55 -4.67
N ASN A 95 -3.31 8.14 -5.25
CA ASN A 95 -1.91 7.77 -5.04
C ASN A 95 -1.48 7.86 -3.58
N LYS A 96 -1.73 9.03 -2.97
CA LYS A 96 -1.40 9.28 -1.57
C LYS A 96 -2.26 8.41 -0.66
N VAL A 97 -3.54 8.22 -0.97
CA VAL A 97 -4.49 7.42 -0.23
C VAL A 97 -3.89 6.04 -0.13
N VAL A 98 -3.57 5.44 -1.27
CA VAL A 98 -3.18 4.04 -1.29
C VAL A 98 -1.82 3.86 -0.61
N THR A 99 -0.85 4.74 -0.89
CA THR A 99 0.43 4.81 -0.21
C THR A 99 0.24 4.90 1.33
N LYS A 100 -0.66 5.73 1.84
CA LYS A 100 -0.95 5.80 3.28
C LYS A 100 -1.63 4.52 3.75
N VAL A 101 -2.61 3.96 3.04
CA VAL A 101 -3.35 2.78 3.46
C VAL A 101 -2.40 1.60 3.64
N ILE A 102 -1.47 1.43 2.67
CA ILE A 102 -0.48 0.39 2.64
C ILE A 102 0.52 0.60 3.77
N ARG A 103 1.09 1.81 3.89
CA ARG A 103 2.03 2.09 4.99
C ARG A 103 1.40 1.73 6.32
N GLU A 104 0.17 2.20 6.56
CA GLU A 104 -0.53 1.91 7.79
C GLU A 104 -0.57 0.41 7.99
N MET A 105 -0.97 -0.37 7.00
CA MET A 105 -1.04 -1.81 7.16
C MET A 105 0.29 -2.46 7.52
N CYS A 106 1.41 -1.97 6.99
CA CYS A 106 2.72 -2.45 7.40
C CYS A 106 2.94 -2.15 8.90
N VAL A 107 2.67 -0.91 9.37
CA VAL A 107 2.76 -0.55 10.78
C VAL A 107 1.79 -1.39 11.60
N GLN A 108 0.55 -1.55 11.12
CA GLN A 108 -0.53 -2.26 11.76
C GLN A 108 -0.09 -3.69 12.03
N GLN A 109 0.54 -4.37 11.07
CA GLN A 109 0.98 -5.73 11.28
C GLN A 109 2.16 -5.75 12.23
N TYR A 110 3.05 -4.76 12.21
CA TYR A 110 4.09 -4.62 13.20
C TYR A 110 3.51 -4.45 14.62
N ARG A 111 2.49 -3.61 14.81
CA ARG A 111 1.93 -3.35 16.14
C ARG A 111 1.10 -4.53 16.63
N GLU A 112 0.45 -5.26 15.72
CA GLU A 112 -0.24 -6.51 16.04
C GLU A 112 0.78 -7.61 16.31
N TYR A 113 1.92 -7.59 15.62
CA TYR A 113 3.01 -8.54 15.82
C TYR A 113 3.64 -8.35 17.19
N ARG A 114 3.73 -7.11 17.69
CA ARG A 114 4.11 -6.88 19.09
C ARG A 114 3.18 -7.59 20.10
N LEU A 115 1.93 -7.86 19.73
CA LEU A 115 0.93 -8.50 20.56
C LEU A 115 0.79 -10.00 20.25
N ALA A 116 1.32 -10.44 19.10
CA ALA A 116 1.12 -11.77 18.53
C ALA A 116 1.79 -12.83 19.40
N SER A 117 1.04 -13.34 20.36
CA SER A 117 1.36 -14.46 21.23
C SER A 117 1.76 -15.67 20.40
N GLY A 1 0.03 -22.28 -6.79
CA GLY A 1 1.13 -21.50 -6.25
C GLY A 1 1.29 -20.17 -6.99
N SER A 2 2.20 -19.34 -6.50
CA SER A 2 2.25 -17.89 -6.74
C SER A 2 3.68 -17.50 -7.11
N VAL A 3 4.03 -17.72 -8.37
CA VAL A 3 5.40 -17.64 -8.90
C VAL A 3 5.35 -16.95 -10.27
N VAL A 4 4.64 -15.82 -10.36
CA VAL A 4 4.42 -15.12 -11.61
C VAL A 4 4.39 -13.59 -11.40
N GLY A 5 3.66 -13.10 -10.39
CA GLY A 5 3.46 -11.68 -10.19
C GLY A 5 4.54 -11.08 -9.30
N GLY A 6 4.56 -11.49 -8.03
CA GLY A 6 5.38 -10.87 -7.00
C GLY A 6 6.87 -11.09 -7.26
N LEU A 7 7.60 -9.99 -7.52
CA LEU A 7 8.94 -9.89 -8.12
C LEU A 7 10.04 -10.83 -7.61
N GLY A 8 9.88 -11.43 -6.44
CA GLY A 8 10.86 -12.36 -5.86
C GLY A 8 10.29 -13.40 -4.90
N GLY A 9 8.96 -13.45 -4.72
CA GLY A 9 8.34 -14.30 -3.71
C GLY A 9 8.48 -13.65 -2.34
N TYR A 10 7.43 -12.93 -1.94
CA TYR A 10 7.35 -12.15 -0.71
C TYR A 10 6.30 -12.79 0.21
N ALA A 11 6.36 -12.50 1.51
CA ALA A 11 5.34 -12.89 2.47
C ALA A 11 4.09 -12.05 2.24
N MET A 12 2.93 -12.66 2.46
CA MET A 12 1.63 -12.04 2.25
C MET A 12 1.10 -11.57 3.60
N GLY A 13 0.52 -10.38 3.62
CA GLY A 13 -0.06 -9.75 4.76
C GLY A 13 -1.49 -10.21 4.97
N ARG A 14 -2.05 -9.79 6.09
CA ARG A 14 -3.34 -10.18 6.58
C ARG A 14 -4.39 -9.29 5.93
N VAL A 15 -5.62 -9.79 5.81
CA VAL A 15 -6.77 -8.98 5.42
C VAL A 15 -7.06 -8.00 6.54
N MET A 16 -6.97 -6.71 6.24
CA MET A 16 -7.45 -5.68 7.13
C MET A 16 -8.24 -4.60 6.36
N SER A 17 -9.57 -4.62 6.43
CA SER A 17 -10.47 -3.62 5.83
C SER A 17 -11.25 -2.89 6.93
N GLY A 18 -11.47 -1.59 6.73
CA GLY A 18 -12.40 -0.80 7.50
C GLY A 18 -11.90 -0.50 8.90
N MET A 19 -10.61 -0.20 9.04
CA MET A 19 -9.96 0.10 10.30
C MET A 19 -10.32 1.50 10.75
N ASN A 20 -9.62 1.93 11.80
CA ASN A 20 -9.71 3.22 12.44
C ASN A 20 -9.41 4.37 11.46
N TYR A 21 -10.47 4.86 10.81
CA TYR A 21 -10.50 5.85 9.75
C TYR A 21 -11.80 6.65 9.93
N HIS A 22 -11.71 8.00 10.02
CA HIS A 22 -12.85 8.87 10.25
C HIS A 22 -13.69 9.06 8.98
N PHE A 23 -13.23 9.97 8.12
CA PHE A 23 -13.74 10.31 6.80
C PHE A 23 -15.24 10.62 6.77
N ASP A 24 -15.57 11.88 7.10
CA ASP A 24 -16.94 12.41 7.24
C ASP A 24 -17.19 13.60 6.30
N ARG A 25 -16.19 14.49 6.23
CA ARG A 25 -16.21 15.68 5.40
C ARG A 25 -16.25 15.34 3.91
N PRO A 26 -16.64 16.30 3.06
CA PRO A 26 -16.83 16.07 1.64
C PRO A 26 -15.50 15.73 0.98
N ASP A 27 -14.41 16.35 1.41
CA ASP A 27 -13.08 16.09 0.85
C ASP A 27 -12.60 14.74 1.35
N GLU A 28 -12.75 14.46 2.65
CA GLU A 28 -12.37 13.17 3.22
C GLU A 28 -13.20 12.02 2.65
N TYR A 29 -14.44 12.27 2.28
CA TYR A 29 -15.29 11.27 1.66
C TYR A 29 -14.62 10.71 0.41
N ARG A 30 -13.88 11.53 -0.35
CA ARG A 30 -13.09 11.02 -1.45
C ARG A 30 -12.03 10.04 -0.98
N TRP A 31 -11.40 10.27 0.17
CA TRP A 31 -10.42 9.34 0.72
C TRP A 31 -11.03 7.95 0.80
N TRP A 32 -12.24 7.82 1.38
CA TRP A 32 -12.94 6.53 1.45
C TRP A 32 -13.35 6.06 0.05
N SER A 33 -14.01 6.90 -0.75
CA SER A 33 -14.57 6.54 -2.05
C SER A 33 -13.50 6.07 -3.04
N GLU A 34 -12.37 6.76 -3.10
CA GLU A 34 -11.28 6.39 -3.99
C GLU A 34 -10.54 5.19 -3.41
N ASN A 35 -10.47 5.07 -2.07
CA ASN A 35 -10.07 3.83 -1.43
C ASN A 35 -10.98 2.68 -1.88
N SER A 36 -12.30 2.85 -1.95
CA SER A 36 -13.28 1.87 -2.41
C SER A 36 -12.99 1.39 -3.85
N ALA A 37 -12.35 2.19 -4.71
CA ALA A 37 -11.90 1.71 -6.01
C ALA A 37 -10.83 0.62 -5.86
N ARG A 38 -9.85 0.85 -4.99
CA ARG A 38 -8.62 0.05 -4.91
C ARG A 38 -8.71 -0.97 -3.78
N TYR A 39 -8.79 -0.46 -2.54
CA TYR A 39 -8.79 -1.12 -1.24
C TYR A 39 -7.98 -2.42 -1.21
N PRO A 40 -6.64 -2.34 -1.20
CA PRO A 40 -5.81 -3.53 -1.23
C PRO A 40 -5.99 -4.43 0.00
N ASN A 41 -6.40 -3.88 1.15
CA ASN A 41 -6.58 -4.49 2.49
C ASN A 41 -5.40 -5.28 3.06
N ARG A 42 -4.47 -5.75 2.25
CA ARG A 42 -3.34 -6.56 2.62
C ARG A 42 -2.16 -5.99 1.85
N VAL A 43 -0.96 -6.40 2.22
CA VAL A 43 0.28 -5.87 1.69
C VAL A 43 1.23 -7.06 1.52
N TYR A 44 2.35 -6.89 0.83
CA TYR A 44 3.42 -7.88 0.71
C TYR A 44 4.66 -7.30 1.35
N TYR A 45 5.47 -8.16 1.97
CA TYR A 45 6.75 -7.77 2.54
C TYR A 45 7.78 -8.86 2.29
N ARG A 46 9.04 -8.50 2.09
CA ARG A 46 10.09 -9.51 1.98
C ARG A 46 10.39 -10.12 3.33
N ASP A 47 11.04 -11.29 3.30
CA ASP A 47 11.65 -11.91 4.47
C ASP A 47 12.90 -11.07 4.77
N TYR A 48 12.75 -9.95 5.48
CA TYR A 48 13.90 -9.12 5.85
C TYR A 48 14.86 -9.93 6.70
N SER A 49 16.16 -9.70 6.53
CA SER A 49 17.20 -10.46 7.19
C SER A 49 17.01 -10.50 8.71
N SER A 50 16.74 -9.35 9.34
CA SER A 50 16.63 -9.10 10.78
C SER A 50 17.17 -7.68 11.01
N PRO A 51 18.45 -7.38 10.73
CA PRO A 51 18.97 -6.02 10.74
C PRO A 51 18.36 -5.21 9.60
N VAL A 52 17.22 -4.57 9.86
CA VAL A 52 16.68 -3.53 9.00
C VAL A 52 15.85 -2.60 9.92
N PRO A 53 15.86 -1.27 9.70
CA PRO A 53 15.03 -0.34 10.45
C PRO A 53 13.53 -0.63 10.24
N GLN A 54 12.68 -0.23 11.17
CA GLN A 54 11.23 -0.27 10.98
C GLN A 54 10.83 0.61 9.82
N ASP A 55 11.49 1.76 9.66
CA ASP A 55 11.16 2.75 8.64
C ASP A 55 11.24 2.10 7.25
N VAL A 56 12.36 1.41 6.96
CA VAL A 56 12.52 0.69 5.70
C VAL A 56 11.68 -0.60 5.66
N PHE A 57 11.47 -1.31 6.78
CA PHE A 57 10.64 -2.53 6.80
C PHE A 57 9.26 -2.17 6.22
N VAL A 58 8.64 -1.14 6.78
CA VAL A 58 7.32 -0.69 6.34
C VAL A 58 7.42 -0.09 4.93
N ALA A 59 8.50 0.63 4.60
CA ALA A 59 8.60 1.32 3.32
C ALA A 59 8.85 0.35 2.16
N ASP A 60 9.58 -0.75 2.39
CA ASP A 60 9.80 -1.81 1.41
C ASP A 60 8.51 -2.56 1.14
N CYS A 61 7.78 -2.88 2.22
CA CYS A 61 6.48 -3.52 2.18
C CYS A 61 5.56 -2.69 1.30
N PHE A 62 5.54 -1.39 1.57
CA PHE A 62 4.81 -0.42 0.80
C PHE A 62 5.26 -0.41 -0.64
N ASN A 63 6.57 -0.29 -0.90
CA ASN A 63 7.07 -0.20 -2.24
C ASN A 63 6.61 -1.38 -3.08
N ILE A 64 6.78 -2.63 -2.63
CA ILE A 64 6.44 -3.80 -3.44
C ILE A 64 4.93 -3.91 -3.61
N THR A 65 4.14 -3.62 -2.58
CA THR A 65 2.69 -3.69 -2.66
C THR A 65 2.21 -2.73 -3.75
N VAL A 66 2.65 -1.47 -3.67
CA VAL A 66 2.35 -0.43 -4.63
C VAL A 66 2.81 -0.84 -6.03
N THR A 67 3.97 -1.47 -6.10
CA THR A 67 4.61 -1.85 -7.33
C THR A 67 3.82 -2.96 -8.06
N GLU A 68 3.37 -4.05 -7.42
CA GLU A 68 2.65 -5.10 -8.17
C GLU A 68 1.31 -4.57 -8.70
N TYR A 69 0.63 -3.69 -7.94
CA TYR A 69 -0.60 -3.05 -8.38
C TYR A 69 -0.34 -1.96 -9.44
N SER A 70 0.90 -1.59 -9.74
CA SER A 70 1.30 -0.49 -10.61
C SER A 70 0.56 0.82 -10.25
N ILE A 71 0.69 1.23 -8.99
CA ILE A 71 0.10 2.44 -8.41
C ILE A 71 1.22 3.28 -7.79
N GLY A 72 0.87 4.42 -7.20
CA GLY A 72 1.78 5.25 -6.43
C GLY A 72 2.93 5.82 -7.26
N PRO A 73 3.99 6.32 -6.62
CA PRO A 73 5.18 6.84 -7.29
C PRO A 73 6.08 5.74 -7.89
N ALA A 74 5.70 4.47 -7.79
CA ALA A 74 6.50 3.33 -8.23
C ALA A 74 5.83 2.55 -9.38
N ALA A 75 4.79 3.12 -9.98
CA ALA A 75 4.10 2.48 -11.10
C ALA A 75 4.95 2.45 -12.36
N LYS A 76 5.71 3.53 -12.60
CA LYS A 76 6.56 3.70 -13.78
C LYS A 76 7.91 4.31 -13.37
N LYS A 77 8.80 4.45 -14.35
CA LYS A 77 10.15 4.98 -14.29
C LYS A 77 10.43 5.49 -15.71
N ASN A 78 11.47 6.32 -15.88
CA ASN A 78 12.15 6.65 -17.13
C ASN A 78 11.47 7.74 -17.94
N THR A 79 10.15 7.64 -17.96
CA THR A 79 9.23 8.72 -18.19
C THR A 79 7.99 8.42 -17.37
N SER A 80 7.28 9.47 -16.96
CA SER A 80 6.15 9.55 -16.05
C SER A 80 6.42 8.95 -14.66
N GLU A 81 5.80 9.51 -13.62
CA GLU A 81 5.94 8.96 -12.27
C GLU A 81 4.68 9.20 -11.43
N ALA A 82 3.67 9.81 -12.04
CA ALA A 82 2.31 9.98 -11.59
C ALA A 82 1.46 9.64 -12.81
N VAL A 83 0.24 10.13 -12.84
CA VAL A 83 -0.72 10.10 -13.93
C VAL A 83 -1.46 11.44 -13.92
N ALA A 84 -2.44 11.65 -14.80
CA ALA A 84 -3.45 12.69 -14.62
C ALA A 84 -4.85 12.14 -14.85
N ALA A 85 -5.00 11.09 -15.66
CA ALA A 85 -6.27 10.49 -16.08
C ALA A 85 -7.21 11.54 -16.68
N ALA A 86 -7.89 12.32 -15.84
CA ALA A 86 -8.78 13.42 -16.17
C ALA A 86 -8.86 14.47 -15.04
N ASN A 87 -7.98 14.42 -14.03
CA ASN A 87 -7.93 15.27 -12.86
C ASN A 87 -6.69 14.89 -12.06
N GLN A 88 -5.68 15.75 -12.10
CA GLN A 88 -4.41 15.59 -11.42
C GLN A 88 -4.58 15.59 -9.91
N THR A 89 -5.42 16.47 -9.35
CA THR A 89 -5.58 16.59 -7.90
C THR A 89 -6.23 15.34 -7.32
N GLU A 90 -7.13 14.74 -8.11
CA GLU A 90 -7.89 13.56 -7.74
C GLU A 90 -6.96 12.35 -7.74
N VAL A 91 -6.21 12.12 -8.83
CA VAL A 91 -5.29 10.99 -8.86
C VAL A 91 -4.19 11.17 -7.83
N GLU A 92 -3.75 12.42 -7.62
CA GLU A 92 -2.74 12.77 -6.61
C GLU A 92 -3.22 12.31 -5.25
N MET A 93 -4.45 12.65 -4.89
CA MET A 93 -5.05 12.27 -3.67
C MET A 93 -5.20 10.74 -3.62
N GLU A 94 -5.71 10.10 -4.67
CA GLU A 94 -5.87 8.64 -4.79
C GLU A 94 -4.51 7.91 -4.63
N ASN A 95 -3.43 8.56 -5.06
CA ASN A 95 -2.04 8.17 -4.91
C ASN A 95 -1.68 8.11 -3.44
N LYS A 96 -1.94 9.21 -2.73
CA LYS A 96 -1.67 9.35 -1.31
C LYS A 96 -2.57 8.44 -0.50
N VAL A 97 -3.83 8.26 -0.91
CA VAL A 97 -4.79 7.39 -0.26
C VAL A 97 -4.13 6.02 -0.21
N VAL A 98 -3.70 5.48 -1.36
CA VAL A 98 -3.26 4.11 -1.39
C VAL A 98 -1.88 3.94 -0.73
N THR A 99 -0.95 4.84 -1.01
CA THR A 99 0.37 4.89 -0.39
C THR A 99 0.24 4.91 1.14
N LYS A 100 -0.64 5.74 1.73
CA LYS A 100 -0.86 5.73 3.17
C LYS A 100 -1.54 4.44 3.61
N VAL A 101 -2.59 3.99 2.93
CA VAL A 101 -3.34 2.81 3.34
C VAL A 101 -2.37 1.63 3.45
N ILE A 102 -1.53 1.42 2.44
CA ILE A 102 -0.57 0.35 2.36
C ILE A 102 0.42 0.52 3.50
N ARG A 103 1.02 1.70 3.66
CA ARG A 103 1.97 1.95 4.74
C ARG A 103 1.34 1.61 6.08
N GLU A 104 0.16 2.14 6.38
CA GLU A 104 -0.52 1.92 7.63
C GLU A 104 -0.74 0.44 7.86
N MET A 105 -1.13 -0.29 6.83
CA MET A 105 -1.42 -1.71 6.90
C MET A 105 -0.14 -2.55 7.01
N CYS A 106 0.99 -2.05 6.51
CA CYS A 106 2.31 -2.61 6.77
C CYS A 106 2.64 -2.43 8.27
N VAL A 107 2.48 -1.22 8.83
CA VAL A 107 2.68 -0.97 10.27
C VAL A 107 1.77 -1.89 11.09
N GLN A 108 0.48 -1.93 10.75
CA GLN A 108 -0.55 -2.67 11.48
C GLN A 108 -0.24 -4.16 11.47
N GLN A 109 0.43 -4.70 10.45
CA GLN A 109 0.89 -6.07 10.48
C GLN A 109 2.10 -6.22 11.38
N TYR A 110 3.09 -5.34 11.24
CA TYR A 110 4.29 -5.42 12.06
C TYR A 110 3.91 -5.48 13.54
N ARG A 111 2.96 -4.62 13.93
CA ARG A 111 2.55 -4.49 15.31
C ARG A 111 1.75 -5.72 15.75
N GLU A 112 1.11 -6.47 14.83
CA GLU A 112 0.38 -7.68 15.18
C GLU A 112 1.32 -8.72 15.70
N TYR A 113 2.42 -8.96 14.98
CA TYR A 113 3.44 -9.89 15.39
C TYR A 113 4.02 -9.43 16.70
N ARG A 114 4.28 -8.12 16.77
CA ARG A 114 4.78 -7.56 18.01
C ARG A 114 3.80 -7.68 19.19
N LEU A 115 2.51 -7.91 18.94
CA LEU A 115 1.52 -8.15 19.97
C LEU A 115 1.61 -9.62 20.36
N ALA A 116 1.48 -10.50 19.35
CA ALA A 116 1.17 -11.91 19.48
C ALA A 116 2.25 -12.73 20.21
N SER A 117 1.83 -13.89 20.71
CA SER A 117 2.71 -15.00 21.05
C SER A 117 3.36 -15.47 19.76
N GLY A 1 0.62 -25.42 -17.18
CA GLY A 1 1.28 -24.17 -17.57
C GLY A 1 2.43 -23.82 -16.62
N SER A 2 2.89 -22.57 -16.64
CA SER A 2 3.93 -22.04 -15.74
C SER A 2 3.35 -21.82 -14.33
N VAL A 3 3.30 -20.58 -13.81
CA VAL A 3 2.69 -20.19 -12.53
C VAL A 3 2.98 -21.19 -11.40
N VAL A 4 4.25 -21.31 -11.03
CA VAL A 4 4.69 -22.20 -9.95
C VAL A 4 6.00 -21.65 -9.39
N GLY A 5 7.07 -21.60 -10.20
CA GLY A 5 8.36 -21.06 -9.83
C GLY A 5 8.36 -19.56 -10.03
N GLY A 6 7.57 -18.84 -9.25
CA GLY A 6 7.47 -17.39 -9.28
C GLY A 6 6.00 -17.04 -9.18
N LEU A 7 5.50 -16.86 -7.95
CA LEU A 7 4.11 -16.56 -7.66
C LEU A 7 4.09 -15.39 -6.70
N GLY A 8 4.03 -15.70 -5.40
CA GLY A 8 4.04 -14.76 -4.31
C GLY A 8 5.28 -13.87 -4.39
N GLY A 9 6.47 -14.44 -4.60
CA GLY A 9 7.75 -13.75 -4.77
C GLY A 9 8.27 -13.15 -3.47
N TYR A 10 7.46 -12.35 -2.79
CA TYR A 10 7.73 -11.62 -1.57
C TYR A 10 6.80 -12.18 -0.47
N ALA A 11 7.02 -11.80 0.78
CA ALA A 11 6.18 -12.29 1.88
C ALA A 11 4.86 -11.52 1.86
N MET A 12 3.73 -12.23 1.91
CA MET A 12 2.40 -11.69 1.66
C MET A 12 1.69 -11.43 2.99
N GLY A 13 1.00 -10.30 3.08
CA GLY A 13 0.18 -9.91 4.20
C GLY A 13 -1.22 -10.50 4.09
N ARG A 14 -1.96 -10.45 5.20
CA ARG A 14 -3.31 -11.01 5.29
C ARG A 14 -4.33 -10.02 4.76
N VAL A 15 -5.57 -10.48 4.58
CA VAL A 15 -6.71 -9.58 4.46
C VAL A 15 -6.87 -8.90 5.80
N MET A 16 -6.83 -7.58 5.75
CA MET A 16 -7.12 -6.68 6.85
C MET A 16 -7.87 -5.47 6.26
N SER A 17 -9.18 -5.62 6.15
CA SER A 17 -10.12 -4.56 5.77
C SER A 17 -10.56 -3.77 7.01
N GLY A 18 -11.30 -2.69 6.75
CA GLY A 18 -12.02 -1.90 7.74
C GLY A 18 -11.08 -0.90 8.37
N MET A 19 -10.50 -1.32 9.49
CA MET A 19 -9.62 -0.58 10.39
C MET A 19 -10.19 0.75 10.89
N ASN A 20 -9.50 1.28 11.89
CA ASN A 20 -9.92 2.48 12.61
C ASN A 20 -9.68 3.71 11.75
N TYR A 21 -10.75 4.23 11.16
CA TYR A 21 -10.76 5.43 10.32
C TYR A 21 -11.94 6.30 10.70
N HIS A 22 -11.85 7.60 10.39
CA HIS A 22 -12.83 8.61 10.77
C HIS A 22 -14.07 8.50 9.88
N PHE A 23 -13.97 8.94 8.63
CA PHE A 23 -14.90 8.66 7.53
C PHE A 23 -16.36 8.98 7.84
N ASP A 24 -16.74 10.22 7.52
CA ASP A 24 -18.06 10.81 7.74
C ASP A 24 -18.29 11.92 6.72
N ARG A 25 -17.37 12.88 6.70
CA ARG A 25 -17.37 14.08 5.86
C ARG A 25 -17.30 13.80 4.36
N PRO A 26 -17.53 14.83 3.50
CA PRO A 26 -17.44 14.72 2.05
C PRO A 26 -16.01 14.66 1.50
N ASP A 27 -15.01 15.25 2.16
CA ASP A 27 -13.59 15.08 1.81
C ASP A 27 -13.12 13.70 2.26
N GLU A 28 -13.67 13.19 3.36
CA GLU A 28 -13.46 11.81 3.78
C GLU A 28 -14.15 10.85 2.81
N TYR A 29 -15.26 11.25 2.22
CA TYR A 29 -15.91 10.46 1.18
C TYR A 29 -14.98 10.29 -0.02
N ARG A 30 -14.17 11.30 -0.35
CA ARG A 30 -13.11 11.13 -1.33
C ARG A 30 -12.14 10.08 -0.83
N TRP A 31 -11.66 10.13 0.41
CA TRP A 31 -10.73 9.10 0.88
C TRP A 31 -11.33 7.73 0.61
N TRP A 32 -12.59 7.49 1.01
CA TRP A 32 -13.24 6.19 0.84
C TRP A 32 -13.31 5.82 -0.65
N SER A 33 -13.80 6.73 -1.49
CA SER A 33 -14.03 6.51 -2.91
C SER A 33 -12.70 6.29 -3.64
N GLU A 34 -11.72 7.16 -3.43
CA GLU A 34 -10.41 7.09 -4.08
C GLU A 34 -9.70 5.77 -3.71
N ASN A 35 -9.94 5.26 -2.50
CA ASN A 35 -9.51 3.95 -2.01
C ASN A 35 -10.31 2.85 -2.71
N SER A 36 -11.63 2.97 -2.80
CA SER A 36 -12.55 2.00 -3.38
C SER A 36 -12.16 1.64 -4.82
N ALA A 37 -11.48 2.53 -5.54
CA ALA A 37 -10.89 2.20 -6.84
C ALA A 37 -9.89 1.02 -6.82
N ARG A 38 -9.33 0.65 -5.66
CA ARG A 38 -8.23 -0.32 -5.57
C ARG A 38 -8.13 -1.12 -4.27
N TYR A 39 -8.40 -0.49 -3.13
CA TYR A 39 -8.61 -1.07 -1.78
C TYR A 39 -7.81 -2.37 -1.55
N PRO A 40 -6.48 -2.27 -1.36
CA PRO A 40 -5.64 -3.45 -1.42
C PRO A 40 -5.78 -4.39 -0.22
N ASN A 41 -6.24 -3.93 0.95
CA ASN A 41 -6.43 -4.63 2.23
C ASN A 41 -5.26 -5.45 2.76
N ARG A 42 -4.14 -5.57 2.05
CA ARG A 42 -3.02 -6.45 2.37
C ARG A 42 -1.79 -5.80 1.77
N VAL A 43 -0.60 -6.26 2.19
CA VAL A 43 0.67 -5.71 1.74
C VAL A 43 1.63 -6.84 1.37
N TYR A 44 2.75 -6.53 0.73
CA TYR A 44 3.88 -7.41 0.53
C TYR A 44 5.07 -6.79 1.25
N TYR A 45 5.99 -7.61 1.73
CA TYR A 45 7.20 -7.17 2.41
C TYR A 45 8.39 -8.04 2.00
N ARG A 46 9.59 -7.49 2.18
CA ARG A 46 10.81 -8.28 2.03
C ARG A 46 10.94 -9.21 3.23
N ASP A 47 11.72 -10.27 3.08
CA ASP A 47 12.23 -11.00 4.23
C ASP A 47 13.49 -10.27 4.69
N TYR A 48 13.34 -9.21 5.48
CA TYR A 48 14.46 -8.40 5.99
C TYR A 48 15.36 -9.23 6.91
N SER A 49 16.58 -8.75 7.14
CA SER A 49 17.58 -9.31 8.04
C SER A 49 17.02 -9.55 9.43
N SER A 50 16.62 -8.46 10.10
CA SER A 50 16.05 -8.30 11.44
C SER A 50 16.20 -6.84 11.90
N PRO A 51 17.42 -6.25 12.03
CA PRO A 51 17.66 -5.00 12.75
C PRO A 51 17.11 -3.72 12.11
N VAL A 52 16.35 -3.84 11.02
CA VAL A 52 15.82 -2.70 10.31
C VAL A 52 14.80 -1.99 11.23
N PRO A 53 14.74 -0.65 11.21
CA PRO A 53 13.75 0.15 11.93
C PRO A 53 12.32 -0.23 11.53
N GLN A 54 11.32 0.26 12.27
CA GLN A 54 9.96 0.22 11.76
C GLN A 54 9.89 1.04 10.47
N ASP A 55 10.53 2.21 10.42
CA ASP A 55 10.27 3.13 9.32
C ASP A 55 10.83 2.61 7.99
N VAL A 56 11.98 1.93 8.00
CA VAL A 56 12.46 1.18 6.84
C VAL A 56 11.51 0.01 6.59
N PHE A 57 11.14 -0.75 7.63
CA PHE A 57 10.32 -1.94 7.44
C PHE A 57 9.03 -1.58 6.69
N VAL A 58 8.33 -0.57 7.20
CA VAL A 58 7.09 -0.05 6.67
C VAL A 58 7.34 0.58 5.29
N ALA A 59 8.42 1.34 5.08
CA ALA A 59 8.62 2.06 3.83
C ALA A 59 8.91 1.08 2.69
N ASP A 60 9.78 0.10 2.87
CA ASP A 60 10.10 -0.88 1.83
C ASP A 60 8.87 -1.74 1.54
N CYS A 61 8.14 -2.12 2.60
CA CYS A 61 6.90 -2.88 2.52
C CYS A 61 5.92 -2.13 1.62
N PHE A 62 5.76 -0.83 1.90
CA PHE A 62 4.93 0.05 1.10
C PHE A 62 5.45 0.16 -0.32
N ASN A 63 6.73 0.48 -0.50
CA ASN A 63 7.33 0.70 -1.80
C ASN A 63 7.17 -0.52 -2.71
N ILE A 64 7.25 -1.73 -2.17
CA ILE A 64 7.05 -2.99 -2.87
C ILE A 64 5.56 -3.20 -3.16
N THR A 65 4.69 -3.06 -2.16
CA THR A 65 3.26 -3.29 -2.35
C THR A 65 2.72 -2.37 -3.46
N VAL A 66 3.07 -1.08 -3.41
CA VAL A 66 2.62 -0.12 -4.41
C VAL A 66 3.22 -0.44 -5.78
N THR A 67 4.44 -0.99 -5.83
CA THR A 67 5.11 -1.42 -7.04
C THR A 67 4.25 -2.45 -7.77
N GLU A 68 3.79 -3.51 -7.08
CA GLU A 68 3.00 -4.56 -7.69
C GLU A 68 1.66 -4.00 -8.12
N TYR A 69 1.03 -3.20 -7.26
CA TYR A 69 -0.30 -2.66 -7.48
C TYR A 69 -0.30 -1.44 -8.41
N SER A 70 0.84 -1.08 -9.03
CA SER A 70 1.03 0.00 -9.99
C SER A 70 0.40 1.31 -9.52
N ILE A 71 0.86 1.78 -8.35
CA ILE A 71 0.33 2.95 -7.66
C ILE A 71 1.47 3.70 -6.96
N GLY A 72 1.13 4.84 -6.36
CA GLY A 72 1.99 5.54 -5.43
C GLY A 72 3.26 6.02 -6.12
N PRO A 73 4.41 6.01 -5.42
CA PRO A 73 5.71 6.38 -5.96
C PRO A 73 6.31 5.30 -6.90
N ALA A 74 5.50 4.36 -7.39
CA ALA A 74 5.93 3.24 -8.23
C ALA A 74 5.02 3.02 -9.45
N ALA A 75 4.09 3.94 -9.73
CA ALA A 75 3.21 3.87 -10.88
C ALA A 75 3.92 4.40 -12.12
N LYS A 76 4.43 3.51 -12.97
CA LYS A 76 4.73 3.82 -14.37
C LYS A 76 4.48 2.59 -15.22
N LYS A 77 4.20 2.79 -16.52
CA LYS A 77 4.31 1.76 -17.55
C LYS A 77 5.33 2.15 -18.60
N ASN A 78 4.94 3.00 -19.55
CA ASN A 78 5.77 3.44 -20.66
C ASN A 78 5.24 4.83 -20.96
N THR A 79 5.77 5.83 -20.28
CA THR A 79 5.42 7.22 -20.44
C THR A 79 6.53 8.07 -19.83
N SER A 80 6.73 9.24 -20.44
CA SER A 80 7.74 10.19 -20.08
C SER A 80 7.17 11.58 -20.32
N GLU A 81 7.51 12.57 -19.47
CA GLU A 81 7.07 13.96 -19.57
C GLU A 81 5.55 14.13 -19.65
N ALA A 82 4.82 13.33 -18.89
CA ALA A 82 3.38 13.45 -18.73
C ALA A 82 3.06 13.29 -17.24
N VAL A 83 3.46 14.24 -16.40
CA VAL A 83 3.06 14.27 -15.00
C VAL A 83 1.72 15.00 -14.92
N ALA A 84 0.73 14.34 -14.32
CA ALA A 84 -0.63 14.78 -14.03
C ALA A 84 -1.53 13.56 -13.79
N ALA A 85 -1.38 12.52 -14.61
CA ALA A 85 -2.12 11.26 -14.64
C ALA A 85 -3.64 11.36 -14.82
N ALA A 86 -4.36 12.14 -14.01
CA ALA A 86 -5.78 12.47 -14.15
C ALA A 86 -6.08 13.76 -13.37
N ASN A 87 -5.21 14.76 -13.52
CA ASN A 87 -5.01 15.92 -12.68
C ASN A 87 -4.11 15.60 -11.50
N GLN A 88 -2.95 16.26 -11.41
CA GLN A 88 -2.01 15.98 -10.33
C GLN A 88 -2.62 16.11 -8.93
N THR A 89 -3.59 17.01 -8.73
CA THR A 89 -4.23 17.22 -7.44
C THR A 89 -5.16 16.04 -7.11
N GLU A 90 -5.77 15.46 -8.16
CA GLU A 90 -6.72 14.38 -8.01
C GLU A 90 -5.95 13.13 -7.64
N VAL A 91 -4.92 12.83 -8.43
CA VAL A 91 -4.13 11.62 -8.29
C VAL A 91 -3.30 11.69 -7.04
N GLU A 92 -2.81 12.88 -6.68
CA GLU A 92 -2.05 13.07 -5.45
C GLU A 92 -2.90 12.61 -4.26
N MET A 93 -4.21 12.87 -4.25
CA MET A 93 -5.03 12.44 -3.16
C MET A 93 -5.29 10.93 -3.26
N GLU A 94 -5.54 10.38 -4.45
CA GLU A 94 -5.59 8.93 -4.67
C GLU A 94 -4.32 8.27 -4.11
N ASN A 95 -3.19 8.97 -4.25
CA ASN A 95 -1.88 8.57 -3.79
C ASN A 95 -1.83 8.60 -2.28
N LYS A 96 -2.18 9.73 -1.65
CA LYS A 96 -2.08 9.82 -0.20
C LYS A 96 -2.99 8.81 0.44
N VAL A 97 -4.20 8.62 -0.08
CA VAL A 97 -5.11 7.60 0.40
C VAL A 97 -4.41 6.24 0.35
N VAL A 98 -3.88 5.83 -0.81
CA VAL A 98 -3.35 4.48 -0.93
C VAL A 98 -2.07 4.31 -0.10
N THR A 99 -1.18 5.30 -0.09
CA THR A 99 0.09 5.24 0.62
C THR A 99 -0.17 4.99 2.10
N LYS A 100 -1.19 5.66 2.69
CA LYS A 100 -1.57 5.48 4.08
C LYS A 100 -2.00 4.05 4.33
N VAL A 101 -2.87 3.46 3.50
CA VAL A 101 -3.43 2.14 3.82
C VAL A 101 -2.29 1.14 3.88
N ILE A 102 -1.49 1.04 2.81
CA ILE A 102 -0.40 0.10 2.72
C ILE A 102 0.58 0.33 3.87
N ARG A 103 1.04 1.57 4.09
CA ARG A 103 1.95 1.86 5.21
C ARG A 103 1.32 1.39 6.51
N GLU A 104 0.10 1.80 6.80
CA GLU A 104 -0.63 1.53 8.04
C GLU A 104 -0.82 0.04 8.25
N MET A 105 -1.02 -0.77 7.19
CA MET A 105 -1.01 -2.22 7.30
C MET A 105 0.37 -2.72 7.73
N CYS A 106 1.46 -2.21 7.15
CA CYS A 106 2.79 -2.62 7.57
C CYS A 106 3.00 -2.22 9.05
N VAL A 107 2.56 -1.03 9.49
CA VAL A 107 2.61 -0.66 10.91
C VAL A 107 1.78 -1.67 11.71
N GLN A 108 0.58 -2.01 11.26
CA GLN A 108 -0.32 -2.93 11.94
C GLN A 108 0.34 -4.30 12.13
N GLN A 109 1.14 -4.77 11.19
CA GLN A 109 1.82 -6.06 11.31
C GLN A 109 3.01 -5.91 12.25
N TYR A 110 3.77 -4.82 12.16
CA TYR A 110 4.86 -4.48 13.05
C TYR A 110 4.40 -4.42 14.51
N ARG A 111 3.27 -3.75 14.81
CA ARG A 111 2.83 -3.60 16.20
C ARG A 111 2.35 -4.94 16.74
N GLU A 112 1.80 -5.80 15.88
CA GLU A 112 1.37 -7.14 16.25
C GLU A 112 2.58 -8.06 16.40
N TYR A 113 3.64 -7.85 15.63
CA TYR A 113 4.87 -8.64 15.72
C TYR A 113 5.54 -8.48 17.10
N ARG A 114 5.38 -7.31 17.75
CA ARG A 114 5.79 -7.13 19.15
C ARG A 114 5.08 -8.11 20.08
N LEU A 115 3.81 -8.37 19.83
CA LEU A 115 2.89 -9.08 20.71
C LEU A 115 2.92 -10.58 20.40
N ALA A 116 2.58 -10.90 19.15
CA ALA A 116 2.38 -12.22 18.59
C ALA A 116 1.38 -13.03 19.42
N SER A 117 0.19 -12.46 19.68
CA SER A 117 -0.85 -13.11 20.49
C SER A 117 -1.38 -14.36 19.81
N GLY A 1 -0.90 -25.69 -14.00
CA GLY A 1 -0.88 -24.27 -13.67
C GLY A 1 0.52 -23.84 -13.28
N SER A 2 0.90 -22.59 -13.55
CA SER A 2 2.27 -22.09 -13.42
C SER A 2 2.22 -20.79 -12.60
N VAL A 3 2.12 -20.97 -11.29
CA VAL A 3 1.74 -19.93 -10.34
C VAL A 3 2.61 -20.12 -9.07
N VAL A 4 3.94 -20.12 -9.24
CA VAL A 4 4.84 -20.53 -8.17
C VAL A 4 6.13 -19.71 -8.27
N GLY A 5 6.99 -20.01 -9.24
CA GLY A 5 8.08 -19.15 -9.63
C GLY A 5 7.52 -18.21 -10.67
N GLY A 6 6.77 -17.20 -10.24
CA GLY A 6 6.21 -16.20 -11.13
C GLY A 6 7.35 -15.29 -11.59
N LEU A 7 7.64 -14.25 -10.81
CA LEU A 7 8.90 -13.50 -10.94
C LEU A 7 9.24 -12.79 -9.63
N GLY A 8 8.21 -12.24 -9.01
CA GLY A 8 8.24 -11.51 -7.75
C GLY A 8 7.39 -12.21 -6.69
N GLY A 9 7.61 -13.50 -6.46
CA GLY A 9 6.94 -14.27 -5.42
C GLY A 9 7.50 -13.89 -4.05
N TYR A 10 6.98 -12.79 -3.50
CA TYR A 10 7.29 -12.23 -2.18
C TYR A 10 6.26 -12.73 -1.16
N ALA A 11 6.48 -12.38 0.11
CA ALA A 11 5.59 -12.74 1.21
C ALA A 11 4.31 -11.92 1.11
N MET A 12 3.18 -12.62 1.00
CA MET A 12 1.85 -12.05 1.03
C MET A 12 1.45 -11.93 2.49
N GLY A 13 0.82 -10.81 2.83
CA GLY A 13 0.25 -10.54 4.13
C GLY A 13 -1.07 -11.26 4.32
N ARG A 14 -1.80 -10.85 5.34
CA ARG A 14 -3.16 -11.31 5.62
C ARG A 14 -4.17 -10.32 5.09
N VAL A 15 -5.46 -10.71 5.06
CA VAL A 15 -6.52 -9.75 4.89
C VAL A 15 -6.54 -8.90 6.15
N MET A 16 -6.50 -7.59 5.95
CA MET A 16 -6.65 -6.62 7.00
C MET A 16 -7.37 -5.40 6.42
N SER A 17 -8.69 -5.31 6.63
CA SER A 17 -9.52 -4.24 6.10
C SER A 17 -10.62 -3.89 7.12
N GLY A 18 -11.07 -2.64 7.16
CA GLY A 18 -12.14 -2.16 8.07
C GLY A 18 -11.61 -1.76 9.45
N MET A 19 -10.36 -1.28 9.54
CA MET A 19 -9.60 -1.11 10.76
C MET A 19 -9.82 0.28 11.35
N ASN A 20 -8.96 0.67 12.30
CA ASN A 20 -8.95 1.98 12.91
C ASN A 20 -8.81 3.06 11.85
N TYR A 21 -9.91 3.76 11.57
CA TYR A 21 -10.02 4.83 10.60
C TYR A 21 -11.11 5.80 11.08
N HIS A 22 -11.09 7.04 10.60
CA HIS A 22 -12.01 8.10 11.01
C HIS A 22 -12.85 8.59 9.84
N PHE A 23 -12.28 9.38 8.91
CA PHE A 23 -12.83 9.73 7.60
C PHE A 23 -14.37 9.85 7.54
N ASP A 24 -14.91 11.01 7.93
CA ASP A 24 -16.35 11.21 8.07
C ASP A 24 -16.87 12.36 7.21
N ARG A 25 -16.08 13.42 7.05
CA ARG A 25 -16.35 14.58 6.21
C ARG A 25 -16.54 14.20 4.73
N PRO A 26 -17.08 15.08 3.89
CA PRO A 26 -17.28 14.82 2.47
C PRO A 26 -15.94 14.73 1.72
N ASP A 27 -14.95 15.54 2.11
CA ASP A 27 -13.58 15.50 1.55
C ASP A 27 -12.97 14.13 1.87
N GLU A 28 -13.13 13.70 3.12
CA GLU A 28 -12.69 12.40 3.63
C GLU A 28 -13.46 11.25 3.01
N TYR A 29 -14.73 11.45 2.65
CA TYR A 29 -15.50 10.44 1.94
C TYR A 29 -14.88 10.14 0.60
N ARG A 30 -14.28 11.13 -0.07
CA ARG A 30 -13.46 10.80 -1.20
C ARG A 30 -12.33 9.90 -0.75
N TRP A 31 -11.56 10.24 0.29
CA TRP A 31 -10.43 9.42 0.71
C TRP A 31 -10.87 7.95 0.86
N TRP A 32 -12.02 7.71 1.51
CA TRP A 32 -12.58 6.38 1.68
C TRP A 32 -12.99 5.74 0.34
N SER A 33 -13.74 6.42 -0.52
CA SER A 33 -14.16 5.92 -1.85
C SER A 33 -12.97 5.66 -2.77
N GLU A 34 -12.05 6.62 -2.87
CA GLU A 34 -10.86 6.56 -3.72
C GLU A 34 -9.97 5.41 -3.24
N ASN A 35 -10.01 5.10 -1.94
CA ASN A 35 -9.48 3.86 -1.37
C ASN A 35 -10.31 2.66 -1.86
N SER A 36 -11.64 2.64 -1.68
CA SER A 36 -12.53 1.53 -2.03
C SER A 36 -12.40 1.11 -3.50
N ALA A 37 -12.02 2.02 -4.39
CA ALA A 37 -11.76 1.74 -5.80
C ALA A 37 -10.68 0.66 -6.00
N ARG A 38 -9.84 0.39 -4.99
CA ARG A 38 -8.72 -0.54 -5.04
C ARG A 38 -8.62 -1.38 -3.76
N TYR A 39 -8.64 -0.72 -2.60
CA TYR A 39 -8.57 -1.20 -1.21
C TYR A 39 -7.88 -2.56 -1.12
N PRO A 40 -6.54 -2.57 -1.11
CA PRO A 40 -5.80 -3.79 -1.29
C PRO A 40 -6.01 -4.77 -0.14
N ASN A 41 -6.31 -4.28 1.07
CA ASN A 41 -6.44 -4.98 2.35
C ASN A 41 -5.15 -5.62 2.78
N ARG A 42 -4.56 -6.47 1.94
CA ARG A 42 -3.35 -7.19 2.27
C ARG A 42 -2.20 -6.40 1.66
N VAL A 43 -1.01 -6.77 2.08
CA VAL A 43 0.21 -6.05 1.87
C VAL A 43 1.24 -7.11 1.45
N TYR A 44 2.39 -6.71 0.93
CA TYR A 44 3.49 -7.62 0.60
C TYR A 44 4.76 -7.10 1.24
N TYR A 45 5.63 -8.02 1.61
CA TYR A 45 6.91 -7.76 2.25
C TYR A 45 7.95 -8.71 1.69
N ARG A 46 9.22 -8.40 1.94
CA ARG A 46 10.36 -9.25 1.59
C ARG A 46 10.84 -9.94 2.87
N ASP A 47 11.80 -10.85 2.75
CA ASP A 47 12.59 -11.24 3.92
C ASP A 47 13.62 -10.12 4.12
N TYR A 48 13.30 -9.17 4.99
CA TYR A 48 14.31 -8.28 5.55
C TYR A 48 15.33 -9.13 6.30
N SER A 49 16.60 -8.71 6.27
CA SER A 49 17.71 -9.58 6.60
C SER A 49 17.73 -10.04 8.06
N SER A 50 16.95 -9.38 8.93
CA SER A 50 16.72 -9.59 10.36
C SER A 50 17.01 -8.27 11.10
N PRO A 51 18.23 -7.70 11.07
CA PRO A 51 18.51 -6.35 11.55
C PRO A 51 17.84 -5.31 10.64
N VAL A 52 16.55 -5.06 10.84
CA VAL A 52 15.85 -3.98 10.19
C VAL A 52 14.82 -3.40 11.19
N PRO A 53 14.69 -2.07 11.26
CA PRO A 53 13.77 -1.38 12.17
C PRO A 53 12.33 -1.43 11.65
N GLN A 54 11.37 -0.95 12.44
CA GLN A 54 9.97 -0.88 12.05
C GLN A 54 9.80 0.03 10.83
N ASP A 55 10.52 1.14 10.80
CA ASP A 55 10.23 2.22 9.86
C ASP A 55 10.50 1.76 8.43
N VAL A 56 11.66 1.17 8.16
CA VAL A 56 11.92 0.56 6.85
C VAL A 56 11.05 -0.68 6.65
N PHE A 57 10.70 -1.43 7.70
CA PHE A 57 9.88 -2.63 7.53
C PHE A 57 8.56 -2.20 6.88
N VAL A 58 7.87 -1.22 7.45
CA VAL A 58 6.63 -0.68 6.92
C VAL A 58 6.88 0.05 5.60
N ALA A 59 7.92 0.87 5.49
CA ALA A 59 8.11 1.72 4.33
C ALA A 59 8.42 0.90 3.07
N ASP A 60 9.31 -0.09 3.16
CA ASP A 60 9.66 -0.92 2.01
C ASP A 60 8.51 -1.89 1.72
N CYS A 61 7.76 -2.32 2.75
CA CYS A 61 6.55 -3.13 2.64
C CYS A 61 5.53 -2.37 1.79
N PHE A 62 5.34 -1.09 2.14
CA PHE A 62 4.49 -0.20 1.40
C PHE A 62 4.96 -0.10 -0.04
N ASN A 63 6.25 0.22 -0.24
CA ASN A 63 6.77 0.43 -1.58
C ASN A 63 6.52 -0.80 -2.42
N ILE A 64 6.86 -2.01 -1.97
CA ILE A 64 6.68 -3.24 -2.73
C ILE A 64 5.20 -3.42 -3.06
N THR A 65 4.32 -3.25 -2.07
CA THR A 65 2.89 -3.40 -2.30
C THR A 65 2.40 -2.43 -3.37
N VAL A 66 2.79 -1.14 -3.31
CA VAL A 66 2.32 -0.22 -4.31
C VAL A 66 2.98 -0.50 -5.67
N THR A 67 4.24 -0.92 -5.65
CA THR A 67 5.06 -1.27 -6.80
C THR A 67 4.44 -2.44 -7.57
N GLU A 68 3.97 -3.47 -6.87
CA GLU A 68 3.32 -4.65 -7.44
C GLU A 68 1.94 -4.30 -8.00
N TYR A 69 1.30 -3.26 -7.47
CA TYR A 69 -0.02 -2.84 -7.90
C TYR A 69 0.02 -1.60 -8.82
N SER A 70 1.20 -1.17 -9.27
CA SER A 70 1.44 0.04 -10.06
C SER A 70 0.59 1.23 -9.58
N ILE A 71 0.74 1.59 -8.31
CA ILE A 71 0.11 2.73 -7.66
C ILE A 71 1.17 3.45 -6.81
N GLY A 72 0.79 4.56 -6.20
CA GLY A 72 1.66 5.27 -5.27
C GLY A 72 2.87 5.90 -5.97
N PRO A 73 3.72 6.62 -5.23
CA PRO A 73 4.96 7.18 -5.72
C PRO A 73 6.03 6.08 -5.84
N ALA A 74 5.75 5.06 -6.64
CA ALA A 74 6.63 3.96 -7.02
C ALA A 74 6.06 3.22 -8.24
N ALA A 75 5.30 3.92 -9.09
CA ALA A 75 4.54 3.37 -10.20
C ALA A 75 4.69 4.26 -11.41
N LYS A 76 4.36 3.69 -12.56
CA LYS A 76 4.32 4.29 -13.88
C LYS A 76 5.71 4.70 -14.33
N LYS A 77 6.31 3.88 -15.19
CA LYS A 77 7.49 4.23 -15.95
C LYS A 77 7.11 5.38 -16.84
N ASN A 78 7.89 6.45 -16.75
CA ASN A 78 8.03 7.48 -17.74
C ASN A 78 9.03 8.53 -17.32
N THR A 79 10.23 8.43 -17.84
CA THR A 79 11.20 9.49 -17.80
C THR A 79 10.72 10.57 -18.77
N SER A 80 10.45 11.75 -18.22
CA SER A 80 10.18 13.00 -18.94
C SER A 80 9.12 12.83 -20.03
N GLU A 81 7.85 12.82 -19.63
CA GLU A 81 6.73 12.95 -20.54
C GLU A 81 5.69 13.92 -19.96
N ALA A 82 5.40 13.85 -18.66
CA ALA A 82 4.38 14.60 -17.92
C ALA A 82 2.97 14.39 -18.48
N VAL A 83 2.16 13.55 -17.83
CA VAL A 83 0.80 13.23 -18.28
C VAL A 83 -0.17 13.15 -17.10
N ALA A 84 -1.38 13.67 -17.29
CA ALA A 84 -2.39 13.94 -16.28
C ALA A 84 -3.69 13.19 -16.59
N ALA A 85 -3.51 11.92 -16.97
CA ALA A 85 -4.50 10.99 -17.50
C ALA A 85 -5.90 11.10 -16.88
N ALA A 86 -6.00 11.21 -15.56
CA ALA A 86 -7.26 11.50 -14.86
C ALA A 86 -7.00 12.56 -13.78
N ASN A 87 -6.54 13.75 -14.20
CA ASN A 87 -6.28 14.94 -13.41
C ASN A 87 -5.10 14.80 -12.45
N GLN A 88 -4.02 15.54 -12.65
CA GLN A 88 -2.80 15.37 -11.86
C GLN A 88 -3.02 15.56 -10.35
N THR A 89 -4.01 16.33 -9.90
CA THR A 89 -4.36 16.45 -8.48
C THR A 89 -5.13 15.22 -7.98
N GLU A 90 -6.01 14.69 -8.81
CA GLU A 90 -6.91 13.61 -8.47
C GLU A 90 -6.18 12.28 -8.45
N VAL A 91 -5.40 11.97 -9.50
CA VAL A 91 -4.54 10.78 -9.50
C VAL A 91 -3.65 10.81 -8.26
N GLU A 92 -3.14 12.00 -7.92
CA GLU A 92 -2.22 12.19 -6.80
C GLU A 92 -2.96 11.95 -5.48
N MET A 93 -4.22 12.36 -5.37
CA MET A 93 -4.99 12.09 -4.16
C MET A 93 -5.23 10.59 -4.04
N GLU A 94 -5.72 9.96 -5.09
CA GLU A 94 -5.96 8.51 -5.18
C GLU A 94 -4.66 7.72 -4.90
N ASN A 95 -3.52 8.33 -5.20
CA ASN A 95 -2.16 7.85 -4.92
C ASN A 95 -1.81 7.94 -3.45
N LYS A 96 -1.96 9.11 -2.83
CA LYS A 96 -1.65 9.30 -1.42
C LYS A 96 -2.58 8.47 -0.57
N VAL A 97 -3.85 8.37 -0.96
CA VAL A 97 -4.86 7.59 -0.26
C VAL A 97 -4.32 6.17 -0.12
N VAL A 98 -3.95 5.55 -1.24
CA VAL A 98 -3.57 4.15 -1.17
C VAL A 98 -2.20 3.95 -0.50
N THR A 99 -1.23 4.83 -0.79
CA THR A 99 0.06 4.86 -0.11
C THR A 99 -0.13 4.90 1.40
N LYS A 100 -1.05 5.72 1.89
CA LYS A 100 -1.31 5.84 3.31
C LYS A 100 -2.12 4.67 3.84
N VAL A 101 -3.11 4.11 3.11
CA VAL A 101 -3.80 2.90 3.57
C VAL A 101 -2.78 1.79 3.76
N ILE A 102 -1.90 1.56 2.78
CA ILE A 102 -0.91 0.49 2.78
C ILE A 102 0.13 0.71 3.88
N ARG A 103 0.62 1.95 4.07
CA ARG A 103 1.53 2.26 5.17
C ARG A 103 0.88 1.94 6.50
N GLU A 104 -0.29 2.52 6.76
CA GLU A 104 -1.06 2.26 7.97
C GLU A 104 -1.27 0.75 8.14
N MET A 105 -1.50 0.01 7.06
CA MET A 105 -1.75 -1.42 7.10
C MET A 105 -0.52 -2.17 7.59
N CYS A 106 0.68 -1.83 7.10
CA CYS A 106 1.87 -2.55 7.53
C CYS A 106 2.27 -2.14 8.96
N VAL A 107 1.96 -0.91 9.43
CA VAL A 107 2.02 -0.61 10.87
C VAL A 107 1.05 -1.56 11.60
N GLN A 108 -0.16 -1.71 11.06
CA GLN A 108 -1.20 -2.52 11.66
C GLN A 108 -0.80 -3.99 11.74
N GLN A 109 0.02 -4.51 10.82
CA GLN A 109 0.47 -5.88 10.96
C GLN A 109 1.53 -5.92 12.06
N TYR A 110 2.38 -4.89 12.16
CA TYR A 110 3.51 -4.86 13.06
C TYR A 110 3.00 -4.84 14.48
N ARG A 111 2.01 -4.00 14.81
CA ARG A 111 1.47 -3.90 16.16
C ARG A 111 0.97 -5.29 16.64
N GLU A 112 0.29 -6.03 15.77
CA GLU A 112 -0.25 -7.35 16.07
C GLU A 112 0.84 -8.43 16.11
N TYR A 113 1.95 -8.25 15.36
CA TYR A 113 3.10 -9.15 15.40
C TYR A 113 3.78 -9.00 16.75
N ARG A 114 3.95 -7.76 17.19
CA ARG A 114 4.60 -7.43 18.45
C ARG A 114 3.81 -7.95 19.64
N LEU A 115 2.48 -7.94 19.58
CA LEU A 115 1.63 -8.36 20.70
C LEU A 115 1.33 -9.87 20.65
N ALA A 116 1.10 -10.42 19.45
CA ALA A 116 0.79 -11.82 19.20
C ALA A 116 -0.23 -12.40 20.20
N SER A 117 -1.33 -11.69 20.46
CA SER A 117 -2.46 -12.30 21.16
C SER A 117 -3.03 -13.36 20.26
N GLY A 1 -0.81 -27.24 -14.66
CA GLY A 1 0.47 -26.78 -14.13
C GLY A 1 0.89 -25.51 -14.84
N SER A 2 1.60 -24.63 -14.13
CA SER A 2 2.05 -23.32 -14.57
C SER A 2 3.21 -22.88 -13.66
N VAL A 3 3.82 -21.74 -13.97
CA VAL A 3 4.53 -20.94 -12.97
C VAL A 3 3.60 -20.72 -11.79
N VAL A 4 4.10 -20.76 -10.55
CA VAL A 4 3.34 -20.59 -9.31
C VAL A 4 2.87 -19.14 -9.11
N GLY A 5 2.64 -18.38 -10.19
CA GLY A 5 2.53 -16.92 -10.15
C GLY A 5 3.82 -16.26 -9.64
N GLY A 6 4.92 -17.02 -9.58
CA GLY A 6 6.20 -16.62 -9.01
C GLY A 6 6.87 -15.58 -9.89
N LEU A 7 6.56 -14.32 -9.63
CA LEU A 7 7.15 -13.14 -10.25
C LEU A 7 7.65 -12.16 -9.20
N GLY A 8 7.15 -12.30 -7.98
CA GLY A 8 7.43 -11.53 -6.80
C GLY A 8 7.67 -12.51 -5.66
N GLY A 9 8.93 -12.89 -5.46
CA GLY A 9 9.34 -13.77 -4.37
C GLY A 9 9.37 -13.01 -3.04
N TYR A 10 8.20 -12.61 -2.56
CA TYR A 10 7.96 -11.91 -1.29
C TYR A 10 6.79 -12.57 -0.54
N ALA A 11 6.61 -12.27 0.75
CA ALA A 11 5.59 -12.82 1.62
C ALA A 11 4.36 -11.91 1.64
N MET A 12 3.16 -12.48 1.74
CA MET A 12 1.89 -11.78 1.65
C MET A 12 1.19 -11.82 3.01
N GLY A 13 0.59 -10.69 3.40
CA GLY A 13 -0.07 -10.53 4.68
C GLY A 13 -1.52 -11.00 4.62
N ARG A 14 -2.37 -10.33 5.39
CA ARG A 14 -3.75 -10.71 5.66
C ARG A 14 -4.72 -9.71 5.09
N VAL A 15 -6.00 -10.07 4.98
CA VAL A 15 -7.07 -9.13 4.63
C VAL A 15 -7.37 -8.29 5.85
N MET A 16 -7.19 -7.00 5.68
CA MET A 16 -7.50 -6.00 6.66
C MET A 16 -8.06 -4.76 5.94
N SER A 17 -9.37 -4.53 6.02
CA SER A 17 -9.96 -3.22 5.71
C SER A 17 -10.86 -2.72 6.84
N GLY A 18 -11.22 -1.43 6.80
CA GLY A 18 -12.14 -0.82 7.75
C GLY A 18 -11.50 -0.36 9.07
N MET A 19 -10.17 -0.29 9.17
CA MET A 19 -9.41 -0.06 10.40
C MET A 19 -9.57 1.37 10.83
N ASN A 20 -10.59 1.54 11.65
CA ASN A 20 -10.95 2.72 12.39
C ASN A 20 -10.75 4.02 11.61
N TYR A 21 -11.51 4.12 10.53
CA TYR A 21 -11.53 5.27 9.67
C TYR A 21 -12.72 6.15 10.06
N HIS A 22 -12.48 7.45 10.21
CA HIS A 22 -13.48 8.47 10.41
C HIS A 22 -14.30 8.61 9.14
N PHE A 23 -13.65 9.12 8.09
CA PHE A 23 -14.13 9.42 6.75
C PHE A 23 -15.64 9.66 6.69
N ASP A 24 -16.03 10.82 7.21
CA ASP A 24 -17.40 11.20 7.55
C ASP A 24 -17.80 12.46 6.81
N ARG A 25 -17.02 13.55 6.92
CA ARG A 25 -17.16 14.78 6.12
C ARG A 25 -17.05 14.49 4.63
N PRO A 26 -17.52 15.38 3.76
CA PRO A 26 -17.40 15.23 2.31
C PRO A 26 -15.94 15.14 1.86
N ASP A 27 -15.06 15.96 2.44
CA ASP A 27 -13.65 16.01 2.07
C ASP A 27 -13.00 14.65 2.34
N GLU A 28 -13.21 14.17 3.56
CA GLU A 28 -12.67 12.96 4.12
C GLU A 28 -13.36 11.71 3.58
N TYR A 29 -14.65 11.80 3.23
CA TYR A 29 -15.40 10.77 2.54
C TYR A 29 -14.69 10.37 1.25
N ARG A 30 -14.05 11.34 0.58
CA ARG A 30 -13.23 11.03 -0.58
C ARG A 30 -12.11 10.07 -0.23
N TRP A 31 -11.53 10.13 0.96
CA TRP A 31 -10.49 9.20 1.33
C TRP A 31 -11.06 7.78 1.28
N TRP A 32 -12.25 7.56 1.85
CA TRP A 32 -12.93 6.28 1.74
C TRP A 32 -13.23 5.96 0.27
N SER A 33 -13.83 6.88 -0.49
CA SER A 33 -14.23 6.62 -1.86
C SER A 33 -13.05 6.29 -2.77
N GLU A 34 -11.96 7.05 -2.69
CA GLU A 34 -10.77 6.82 -3.50
C GLU A 34 -10.01 5.58 -3.02
N ASN A 35 -10.08 5.25 -1.73
CA ASN A 35 -9.61 3.97 -1.19
C ASN A 35 -10.42 2.84 -1.81
N SER A 36 -11.75 2.93 -1.75
CA SER A 36 -12.77 2.00 -2.27
C SER A 36 -12.57 1.73 -3.75
N ALA A 37 -11.99 2.66 -4.53
CA ALA A 37 -11.66 2.43 -5.93
C ALA A 37 -10.63 1.31 -6.12
N ARG A 38 -9.80 0.98 -5.13
CA ARG A 38 -8.62 0.11 -5.31
C ARG A 38 -8.47 -0.91 -4.20
N TYR A 39 -8.56 -0.43 -2.96
CA TYR A 39 -8.61 -1.11 -1.68
C TYR A 39 -7.80 -2.42 -1.68
N PRO A 40 -6.46 -2.36 -1.59
CA PRO A 40 -5.64 -3.56 -1.61
C PRO A 40 -5.83 -4.43 -0.36
N ASN A 41 -6.24 -3.85 0.78
CA ASN A 41 -6.49 -4.45 2.11
C ASN A 41 -5.38 -5.31 2.69
N ARG A 42 -4.23 -5.41 2.05
CA ARG A 42 -3.19 -6.36 2.40
C ARG A 42 -1.90 -5.71 1.94
N VAL A 43 -0.79 -6.27 2.38
CA VAL A 43 0.52 -5.77 2.02
C VAL A 43 1.43 -6.99 1.81
N TYR A 44 2.51 -6.79 1.04
CA TYR A 44 3.58 -7.74 0.87
C TYR A 44 4.83 -7.20 1.56
N TYR A 45 5.67 -8.10 2.05
CA TYR A 45 6.91 -7.79 2.75
C TYR A 45 7.97 -8.79 2.32
N ARG A 46 9.20 -8.31 2.13
CA ARG A 46 10.34 -9.18 1.87
C ARG A 46 10.77 -9.86 3.16
N ASP A 47 11.72 -10.78 3.05
CA ASP A 47 12.43 -11.31 4.20
C ASP A 47 13.57 -10.34 4.40
N TYR A 48 13.35 -9.37 5.28
CA TYR A 48 14.41 -8.51 5.82
C TYR A 48 15.35 -9.38 6.66
N SER A 49 16.55 -8.88 6.92
CA SER A 49 17.58 -9.69 7.53
C SER A 49 17.33 -9.99 9.01
N SER A 50 16.63 -9.08 9.73
CA SER A 50 16.35 -8.99 11.17
C SER A 50 16.87 -7.65 11.70
N PRO A 51 18.15 -7.25 11.48
CA PRO A 51 18.61 -5.91 11.81
C PRO A 51 18.07 -4.89 10.80
N VAL A 52 16.78 -4.53 10.90
CA VAL A 52 16.17 -3.43 10.18
C VAL A 52 15.18 -2.77 11.16
N PRO A 53 15.05 -1.43 11.17
CA PRO A 53 14.06 -0.75 12.00
C PRO A 53 12.67 -0.98 11.43
N GLN A 54 11.66 -0.81 12.26
CA GLN A 54 10.28 -0.91 11.83
C GLN A 54 10.03 -0.03 10.61
N ASP A 55 10.52 1.22 10.62
CA ASP A 55 10.13 2.16 9.57
C ASP A 55 10.68 1.78 8.19
N VAL A 56 11.83 1.09 8.11
CA VAL A 56 12.28 0.48 6.85
C VAL A 56 11.34 -0.67 6.49
N PHE A 57 10.94 -1.51 7.45
CA PHE A 57 10.10 -2.66 7.17
C PHE A 57 8.82 -2.15 6.53
N VAL A 58 8.13 -1.17 7.13
CA VAL A 58 6.94 -0.60 6.52
C VAL A 58 7.27 0.11 5.21
N ALA A 59 8.37 0.87 5.12
CA ALA A 59 8.69 1.60 3.90
C ALA A 59 8.90 0.68 2.70
N ASP A 60 9.66 -0.38 2.87
CA ASP A 60 9.92 -1.36 1.81
C ASP A 60 8.65 -2.14 1.47
N CYS A 61 7.91 -2.54 2.52
CA CYS A 61 6.65 -3.27 2.45
C CYS A 61 5.71 -2.46 1.56
N PHE A 62 5.60 -1.17 1.86
CA PHE A 62 4.82 -0.22 1.09
C PHE A 62 5.36 -0.15 -0.32
N ASN A 63 6.65 0.12 -0.49
CA ASN A 63 7.25 0.33 -1.80
C ASN A 63 6.93 -0.83 -2.72
N ILE A 64 7.13 -2.08 -2.27
CA ILE A 64 6.90 -3.26 -3.09
C ILE A 64 5.41 -3.46 -3.34
N THR A 65 4.53 -3.30 -2.34
CA THR A 65 3.09 -3.40 -2.55
C THR A 65 2.59 -2.35 -3.57
N VAL A 66 3.20 -1.16 -3.57
CA VAL A 66 2.96 -0.09 -4.53
C VAL A 66 3.52 -0.47 -5.90
N THR A 67 4.71 -1.05 -5.96
CA THR A 67 5.41 -1.49 -7.16
C THR A 67 4.63 -2.61 -7.86
N GLU A 68 4.03 -3.52 -7.10
CA GLU A 68 3.31 -4.66 -7.65
C GLU A 68 1.98 -4.20 -8.23
N TYR A 69 1.20 -3.43 -7.48
CA TYR A 69 -0.03 -2.85 -8.01
C TYR A 69 0.28 -1.78 -9.06
N SER A 70 1.56 -1.45 -9.29
CA SER A 70 2.01 -0.56 -10.32
C SER A 70 1.31 0.79 -10.17
N ILE A 71 1.35 1.34 -8.96
CA ILE A 71 0.72 2.57 -8.48
C ILE A 71 1.84 3.47 -7.95
N GLY A 72 1.55 4.73 -7.64
CA GLY A 72 2.56 5.63 -7.07
C GLY A 72 3.72 5.89 -8.05
N PRO A 73 4.86 6.39 -7.54
CA PRO A 73 6.11 6.53 -8.27
C PRO A 73 6.83 5.18 -8.44
N ALA A 74 6.09 4.12 -8.76
CA ALA A 74 6.60 2.80 -9.09
C ALA A 74 5.65 2.15 -10.11
N ALA A 75 5.54 2.73 -11.31
CA ALA A 75 4.62 2.26 -12.33
C ALA A 75 5.16 2.58 -13.72
N LYS A 76 4.49 1.97 -14.70
CA LYS A 76 4.82 1.97 -16.11
C LYS A 76 6.30 1.61 -16.30
N LYS A 77 7.11 2.47 -16.89
CA LYS A 77 8.51 2.18 -17.18
C LYS A 77 9.42 2.67 -16.06
N ASN A 78 9.35 3.96 -15.71
CA ASN A 78 9.98 4.52 -14.51
C ASN A 78 9.61 5.98 -14.32
N THR A 79 9.66 6.69 -15.43
CA THR A 79 9.27 8.07 -15.72
C THR A 79 7.96 8.41 -15.03
N SER A 80 8.06 9.06 -13.87
CA SER A 80 6.92 9.30 -13.01
C SER A 80 7.18 10.48 -12.08
N GLU A 81 6.71 11.67 -12.47
CA GLU A 81 6.57 12.81 -11.56
C GLU A 81 5.12 13.32 -11.53
N ALA A 82 4.38 13.19 -12.63
CA ALA A 82 3.06 13.73 -12.88
C ALA A 82 2.41 12.81 -13.93
N VAL A 83 1.31 12.15 -13.58
CA VAL A 83 0.55 11.22 -14.43
C VAL A 83 -0.96 11.49 -14.27
N ALA A 84 -1.44 12.63 -14.76
CA ALA A 84 -2.86 12.95 -14.73
C ALA A 84 -3.51 12.42 -16.00
N ALA A 85 -4.18 11.28 -15.87
CA ALA A 85 -4.98 10.70 -16.95
C ALA A 85 -5.98 11.74 -17.46
N ALA A 86 -6.77 12.34 -16.57
CA ALA A 86 -7.58 13.52 -16.89
C ALA A 86 -7.63 14.58 -15.81
N ASN A 87 -7.01 14.33 -14.68
CA ASN A 87 -7.39 15.00 -13.45
C ASN A 87 -6.30 14.89 -12.42
N GLN A 88 -5.55 15.98 -12.22
CA GLN A 88 -4.33 15.83 -11.47
C GLN A 88 -4.59 15.72 -9.97
N THR A 89 -5.49 16.52 -9.43
CA THR A 89 -5.81 16.47 -8.00
C THR A 89 -6.44 15.11 -7.66
N GLU A 90 -7.26 14.56 -8.56
CA GLU A 90 -8.02 13.34 -8.32
C GLU A 90 -7.08 12.14 -8.28
N VAL A 91 -6.22 12.00 -9.30
CA VAL A 91 -5.28 10.88 -9.33
C VAL A 91 -4.32 10.99 -8.15
N GLU A 92 -3.95 12.23 -7.80
CA GLU A 92 -3.03 12.55 -6.71
C GLU A 92 -3.66 12.19 -5.38
N MET A 93 -4.92 12.54 -5.15
CA MET A 93 -5.54 12.22 -3.88
C MET A 93 -5.75 10.72 -3.77
N GLU A 94 -6.27 10.07 -4.81
CA GLU A 94 -6.37 8.60 -4.87
C GLU A 94 -4.98 7.98 -4.63
N ASN A 95 -3.91 8.67 -5.02
CA ASN A 95 -2.54 8.27 -4.78
C ASN A 95 -2.14 8.39 -3.30
N LYS A 96 -2.34 9.55 -2.70
CA LYS A 96 -1.95 9.74 -1.31
C LYS A 96 -2.76 8.80 -0.43
N VAL A 97 -4.03 8.60 -0.76
CA VAL A 97 -4.90 7.64 -0.11
C VAL A 97 -4.20 6.28 -0.15
N VAL A 98 -3.81 5.78 -1.33
CA VAL A 98 -3.28 4.43 -1.42
C VAL A 98 -1.92 4.32 -0.71
N THR A 99 -1.03 5.30 -0.83
CA THR A 99 0.26 5.29 -0.16
C THR A 99 0.09 5.13 1.35
N LYS A 100 -0.80 5.93 1.97
CA LYS A 100 -1.05 5.83 3.39
C LYS A 100 -1.78 4.54 3.73
N VAL A 101 -2.75 4.04 2.95
CA VAL A 101 -3.45 2.79 3.27
C VAL A 101 -2.44 1.65 3.39
N ILE A 102 -1.53 1.56 2.42
CA ILE A 102 -0.52 0.52 2.33
C ILE A 102 0.47 0.70 3.49
N ARG A 103 1.01 1.90 3.69
CA ARG A 103 1.93 2.16 4.78
C ARG A 103 1.31 1.80 6.11
N GLU A 104 0.14 2.33 6.43
CA GLU A 104 -0.56 2.05 7.68
C GLU A 104 -0.69 0.55 7.84
N MET A 105 -1.17 -0.17 6.84
CA MET A 105 -1.32 -1.62 6.94
C MET A 105 0.02 -2.33 7.22
N CYS A 106 1.15 -1.86 6.68
CA CYS A 106 2.45 -2.42 7.05
C CYS A 106 2.83 -2.10 8.51
N VAL A 107 2.36 -1.00 9.09
CA VAL A 107 2.51 -0.73 10.51
C VAL A 107 1.55 -1.62 11.30
N GLN A 108 0.33 -1.81 10.80
CA GLN A 108 -0.72 -2.64 11.38
C GLN A 108 -0.30 -4.09 11.45
N GLN A 109 0.55 -4.55 10.54
CA GLN A 109 1.14 -5.86 10.72
C GLN A 109 2.21 -5.78 11.82
N TYR A 110 3.15 -4.82 11.75
CA TYR A 110 4.27 -4.78 12.68
C TYR A 110 3.80 -4.72 14.14
N ARG A 111 2.81 -3.87 14.46
CA ARG A 111 2.30 -3.75 15.83
C ARG A 111 1.85 -5.11 16.36
N GLU A 112 1.14 -5.90 15.54
CA GLU A 112 0.56 -7.15 15.98
C GLU A 112 1.61 -8.24 16.11
N TYR A 113 2.68 -8.16 15.31
CA TYR A 113 3.85 -9.01 15.45
C TYR A 113 4.45 -8.75 16.83
N ARG A 114 4.70 -7.48 17.18
CA ARG A 114 5.41 -7.11 18.39
C ARG A 114 4.62 -7.47 19.63
N LEU A 115 3.33 -7.12 19.66
CA LEU A 115 2.47 -7.38 20.80
C LEU A 115 2.24 -8.88 20.97
N ALA A 116 2.10 -9.60 19.85
CA ALA A 116 1.74 -11.00 19.77
C ALA A 116 0.51 -11.31 20.64
N SER A 117 -0.66 -10.89 20.14
CA SER A 117 -1.96 -10.95 20.78
C SER A 117 -2.01 -9.97 21.96
N GLY A 1 3.55 -29.78 -15.50
CA GLY A 1 3.05 -29.28 -14.22
C GLY A 1 4.13 -28.47 -13.53
N SER A 2 4.10 -27.15 -13.73
CA SER A 2 5.05 -26.21 -13.17
C SER A 2 4.33 -25.31 -12.13
N VAL A 3 5.06 -24.36 -11.55
CA VAL A 3 4.58 -23.48 -10.50
C VAL A 3 3.37 -22.65 -10.95
N VAL A 4 2.65 -22.09 -9.99
CA VAL A 4 1.36 -21.43 -10.14
C VAL A 4 1.52 -19.93 -10.51
N GLY A 5 2.60 -19.61 -11.21
CA GLY A 5 3.04 -18.27 -11.56
C GLY A 5 4.50 -18.14 -11.18
N GLY A 6 4.80 -18.39 -9.92
CA GLY A 6 6.12 -18.31 -9.31
C GLY A 6 5.98 -18.46 -7.80
N LEU A 7 7.09 -18.54 -7.06
CA LEU A 7 7.15 -18.85 -5.62
C LEU A 7 6.61 -17.73 -4.70
N GLY A 8 5.89 -16.76 -5.24
CA GLY A 8 5.14 -15.76 -4.50
C GLY A 8 5.90 -14.44 -4.39
N GLY A 9 7.24 -14.46 -4.51
CA GLY A 9 8.10 -13.30 -4.64
C GLY A 9 8.31 -12.56 -3.32
N TYR A 10 7.21 -12.14 -2.68
CA TYR A 10 7.14 -11.31 -1.49
C TYR A 10 6.01 -11.89 -0.62
N ALA A 11 6.08 -11.67 0.69
CA ALA A 11 5.12 -12.19 1.66
C ALA A 11 3.81 -11.46 1.52
N MET A 12 2.70 -12.16 1.74
CA MET A 12 1.33 -11.68 1.61
C MET A 12 0.79 -11.34 3.00
N GLY A 13 0.14 -10.18 3.15
CA GLY A 13 -0.54 -9.79 4.37
C GLY A 13 -1.99 -10.27 4.35
N ARG A 14 -2.59 -10.36 5.54
CA ARG A 14 -3.96 -10.86 5.68
C ARG A 14 -4.96 -9.81 5.25
N VAL A 15 -6.22 -10.20 4.99
CA VAL A 15 -7.29 -9.28 4.66
C VAL A 15 -7.55 -8.47 5.92
N MET A 16 -7.51 -7.15 5.78
CA MET A 16 -7.50 -6.22 6.90
C MET A 16 -8.41 -5.00 6.66
N SER A 17 -9.65 -5.29 6.25
CA SER A 17 -10.67 -4.37 5.78
C SER A 17 -11.14 -3.40 6.87
N GLY A 18 -11.90 -2.38 6.46
CA GLY A 18 -12.60 -1.43 7.30
C GLY A 18 -11.60 -0.42 7.82
N MET A 19 -10.85 -0.83 8.83
CA MET A 19 -9.77 -0.12 9.50
C MET A 19 -10.22 1.15 10.20
N ASN A 20 -9.44 1.51 11.21
CA ASN A 20 -9.73 2.54 12.18
C ASN A 20 -9.47 3.90 11.53
N TYR A 21 -10.51 4.56 11.04
CA TYR A 21 -10.41 5.78 10.26
C TYR A 21 -11.65 6.66 10.51
N HIS A 22 -11.64 7.92 10.07
CA HIS A 22 -12.74 8.86 10.30
C HIS A 22 -13.69 8.81 9.11
N PHE A 23 -13.38 9.53 8.02
CA PHE A 23 -14.21 9.62 6.81
C PHE A 23 -15.64 10.08 7.13
N ASP A 24 -15.80 10.86 8.20
CA ASP A 24 -17.07 11.36 8.70
C ASP A 24 -17.42 12.67 8.02
N ARG A 25 -16.41 13.49 7.74
CA ARG A 25 -16.60 14.76 7.05
C ARG A 25 -16.75 14.49 5.57
N PRO A 26 -17.43 15.38 4.83
CA PRO A 26 -17.66 15.20 3.40
C PRO A 26 -16.34 15.19 2.61
N ASP A 27 -15.37 16.00 3.05
CA ASP A 27 -14.06 16.08 2.40
C ASP A 27 -13.25 14.83 2.75
N GLU A 28 -13.23 14.45 4.02
CA GLU A 28 -12.59 13.23 4.52
C GLU A 28 -13.20 11.98 3.87
N TYR A 29 -14.49 12.01 3.52
CA TYR A 29 -15.21 10.97 2.83
C TYR A 29 -14.50 10.66 1.51
N ARG A 30 -13.92 11.68 0.86
CA ARG A 30 -13.16 11.45 -0.36
C ARG A 30 -12.05 10.45 -0.11
N TRP A 31 -11.41 10.45 1.05
CA TRP A 31 -10.36 9.49 1.31
C TRP A 31 -10.91 8.09 1.08
N TRP A 32 -12.04 7.73 1.70
CA TRP A 32 -12.73 6.45 1.50
C TRP A 32 -13.28 6.28 0.07
N SER A 33 -13.81 7.32 -0.54
CA SER A 33 -14.34 7.29 -1.89
C SER A 33 -13.22 6.99 -2.90
N GLU A 34 -12.10 7.71 -2.84
CA GLU A 34 -10.98 7.52 -3.77
C GLU A 34 -10.34 6.15 -3.47
N ASN A 35 -10.41 5.69 -2.22
CA ASN A 35 -9.85 4.42 -1.75
C ASN A 35 -10.44 3.26 -2.50
N SER A 36 -11.77 3.12 -2.52
CA SER A 36 -12.46 1.98 -3.09
C SER A 36 -12.08 1.74 -4.56
N ALA A 37 -11.71 2.81 -5.28
CA ALA A 37 -11.21 2.75 -6.65
C ALA A 37 -9.96 1.85 -6.79
N ARG A 38 -9.22 1.59 -5.72
CA ARG A 38 -8.07 0.68 -5.74
C ARG A 38 -8.21 -0.35 -4.63
N TYR A 39 -8.38 0.12 -3.40
CA TYR A 39 -8.58 -0.61 -2.15
C TYR A 39 -7.92 -2.00 -2.19
N PRO A 40 -6.59 -2.07 -2.06
CA PRO A 40 -5.86 -3.33 -2.07
C PRO A 40 -6.21 -4.21 -0.87
N ASN A 41 -6.71 -3.61 0.23
CA ASN A 41 -6.90 -4.20 1.56
C ASN A 41 -5.61 -4.60 2.21
N ARG A 42 -4.72 -5.30 1.53
CA ARG A 42 -3.57 -5.96 2.12
C ARG A 42 -2.32 -5.46 1.41
N VAL A 43 -1.16 -5.80 1.96
CA VAL A 43 0.11 -5.32 1.47
C VAL A 43 1.05 -6.51 1.31
N TYR A 44 2.15 -6.31 0.59
CA TYR A 44 3.20 -7.31 0.39
C TYR A 44 4.49 -6.78 0.98
N TYR A 45 5.33 -7.69 1.47
CA TYR A 45 6.59 -7.31 2.10
C TYR A 45 7.70 -8.24 1.65
N ARG A 46 8.87 -7.65 1.40
CA ARG A 46 10.08 -8.42 1.12
C ARG A 46 10.52 -9.13 2.38
N ASP A 47 11.47 -10.02 2.17
CA ASP A 47 12.03 -10.89 3.19
C ASP A 47 13.28 -10.16 3.68
N TYR A 48 13.09 -9.23 4.62
CA TYR A 48 14.17 -8.38 5.11
C TYR A 48 15.22 -9.22 5.83
N SER A 49 16.48 -8.82 5.65
CA SER A 49 17.68 -9.34 6.29
C SER A 49 17.56 -9.31 7.82
N SER A 50 17.15 -8.17 8.40
CA SER A 50 16.82 -7.89 9.80
C SER A 50 17.51 -6.64 10.40
N PRO A 51 18.69 -6.14 9.99
CA PRO A 51 19.25 -4.91 10.58
C PRO A 51 18.54 -3.67 9.98
N VAL A 52 17.22 -3.61 10.10
CA VAL A 52 16.36 -2.68 9.38
C VAL A 52 15.33 -2.10 10.36
N PRO A 53 15.01 -0.81 10.28
CA PRO A 53 13.98 -0.20 11.10
C PRO A 53 12.59 -0.44 10.49
N GLN A 54 11.55 -0.26 11.30
CA GLN A 54 10.16 -0.24 10.87
C GLN A 54 9.95 0.80 9.75
N ASP A 55 10.69 1.91 9.71
CA ASP A 55 10.49 2.94 8.69
C ASP A 55 10.91 2.46 7.31
N VAL A 56 12.01 1.71 7.19
CA VAL A 56 12.34 1.05 5.94
C VAL A 56 11.30 -0.04 5.69
N PHE A 57 10.93 -0.83 6.70
CA PHE A 57 9.99 -1.94 6.53
C PHE A 57 8.70 -1.41 5.89
N VAL A 58 8.10 -0.37 6.46
CA VAL A 58 6.89 0.21 5.91
C VAL A 58 7.19 0.81 4.53
N ALA A 59 8.22 1.63 4.33
CA ALA A 59 8.43 2.29 3.04
C ALA A 59 8.67 1.29 1.91
N ASP A 60 9.46 0.25 2.14
CA ASP A 60 9.74 -0.76 1.12
C ASP A 60 8.51 -1.63 0.88
N CYS A 61 7.74 -1.95 1.92
CA CYS A 61 6.47 -2.64 1.83
C CYS A 61 5.53 -1.82 0.97
N PHE A 62 5.58 -0.48 1.12
CA PHE A 62 4.80 0.41 0.30
C PHE A 62 5.28 0.30 -1.13
N ASN A 63 6.58 0.49 -1.38
CA ASN A 63 7.15 0.49 -2.72
C ASN A 63 6.75 -0.78 -3.47
N ILE A 64 6.90 -1.94 -2.85
CA ILE A 64 6.57 -3.23 -3.44
C ILE A 64 5.06 -3.33 -3.68
N THR A 65 4.22 -2.99 -2.70
CA THR A 65 2.78 -3.12 -2.83
C THR A 65 2.23 -2.18 -3.92
N VAL A 66 2.76 -0.96 -4.06
CA VAL A 66 2.34 -0.09 -5.14
C VAL A 66 2.85 -0.59 -6.49
N THR A 67 4.07 -1.13 -6.53
CA THR A 67 4.65 -1.74 -7.72
C THR A 67 3.78 -2.92 -8.16
N GLU A 68 3.35 -3.78 -7.24
CA GLU A 68 2.49 -4.92 -7.48
C GLU A 68 1.18 -4.51 -8.14
N TYR A 69 0.50 -3.49 -7.62
CA TYR A 69 -0.74 -2.98 -8.22
C TYR A 69 -0.47 -2.10 -9.45
N SER A 70 0.78 -1.77 -9.74
CA SER A 70 1.21 -0.75 -10.69
C SER A 70 0.42 0.55 -10.54
N ILE A 71 0.57 1.19 -9.38
CA ILE A 71 -0.08 2.44 -9.00
C ILE A 71 1.00 3.47 -8.64
N GLY A 72 0.66 4.75 -8.66
CA GLY A 72 1.48 5.86 -8.19
C GLY A 72 2.89 5.86 -8.81
N PRO A 73 3.92 6.30 -8.06
CA PRO A 73 5.29 6.41 -8.53
C PRO A 73 5.98 5.03 -8.60
N ALA A 74 5.28 3.98 -9.03
CA ALA A 74 5.75 2.60 -8.91
C ALA A 74 5.29 1.67 -10.02
N ALA A 75 4.35 2.11 -10.87
CA ALA A 75 4.00 1.40 -12.10
C ALA A 75 5.19 1.45 -13.05
N LYS A 76 5.47 2.64 -13.58
CA LYS A 76 6.67 2.90 -14.35
C LYS A 76 7.78 3.23 -13.36
N LYS A 77 8.59 2.22 -13.04
CA LYS A 77 9.69 2.15 -12.08
C LYS A 77 9.53 3.13 -10.93
N ASN A 78 10.09 4.34 -11.04
CA ASN A 78 9.94 5.39 -10.03
C ASN A 78 9.65 6.73 -10.73
N THR A 79 9.19 6.71 -11.98
CA THR A 79 9.26 7.85 -12.89
C THR A 79 7.85 8.21 -13.32
N SER A 80 7.32 9.30 -12.77
CA SER A 80 6.05 9.91 -13.13
C SER A 80 6.03 11.32 -12.54
N GLU A 81 6.16 11.42 -11.21
CA GLU A 81 6.18 12.62 -10.39
C GLU A 81 4.85 13.37 -10.45
N ALA A 82 4.45 13.84 -11.63
CA ALA A 82 3.12 14.33 -11.94
C ALA A 82 2.80 13.89 -13.37
N VAL A 83 1.93 12.90 -13.53
CA VAL A 83 1.45 12.49 -14.84
C VAL A 83 -0.07 12.66 -14.88
N ALA A 84 -0.54 13.46 -15.84
CA ALA A 84 -1.95 13.64 -16.10
C ALA A 84 -2.53 12.46 -16.89
N ALA A 85 -3.84 12.55 -17.10
CA ALA A 85 -4.79 11.70 -17.84
C ALA A 85 -6.17 11.97 -17.28
N ALA A 86 -6.27 11.92 -15.95
CA ALA A 86 -7.50 11.91 -15.21
C ALA A 86 -7.42 12.88 -14.04
N ASN A 87 -6.95 14.11 -14.29
CA ASN A 87 -6.74 15.18 -13.33
C ASN A 87 -5.59 14.91 -12.38
N GLN A 88 -4.46 15.63 -12.51
CA GLN A 88 -3.34 15.45 -11.60
C GLN A 88 -3.72 15.59 -10.11
N THR A 89 -4.75 16.36 -9.76
CA THR A 89 -5.20 16.47 -8.37
C THR A 89 -5.98 15.23 -7.91
N GLU A 90 -6.78 14.66 -8.82
CA GLU A 90 -7.59 13.48 -8.52
C GLU A 90 -6.66 12.28 -8.35
N VAL A 91 -5.76 12.07 -9.32
CA VAL A 91 -4.79 10.98 -9.24
C VAL A 91 -3.89 11.22 -8.05
N GLU A 92 -3.56 12.48 -7.74
CA GLU A 92 -2.79 12.84 -6.53
C GLU A 92 -3.54 12.40 -5.28
N MET A 93 -4.82 12.71 -5.13
CA MET A 93 -5.52 12.41 -3.92
C MET A 93 -5.71 10.90 -3.85
N GLU A 94 -6.11 10.23 -4.93
CA GLU A 94 -6.17 8.78 -4.98
C GLU A 94 -4.79 8.18 -4.68
N ASN A 95 -3.70 8.86 -5.09
CA ASN A 95 -2.34 8.47 -4.78
C ASN A 95 -2.15 8.54 -3.28
N LYS A 96 -2.44 9.68 -2.67
CA LYS A 96 -2.22 9.88 -1.24
C LYS A 96 -3.07 8.94 -0.43
N VAL A 97 -4.28 8.65 -0.89
CA VAL A 97 -5.12 7.68 -0.26
C VAL A 97 -4.46 6.31 -0.35
N VAL A 98 -4.09 5.82 -1.53
CA VAL A 98 -3.62 4.44 -1.66
C VAL A 98 -2.23 4.27 -1.05
N THR A 99 -1.34 5.25 -1.23
CA THR A 99 -0.02 5.27 -0.62
C THR A 99 -0.18 5.16 0.90
N LYS A 100 -1.08 5.96 1.50
CA LYS A 100 -1.36 5.89 2.92
C LYS A 100 -2.11 4.62 3.30
N VAL A 101 -3.01 4.04 2.49
CA VAL A 101 -3.68 2.78 2.86
C VAL A 101 -2.61 1.70 3.00
N ILE A 102 -1.68 1.64 2.04
CA ILE A 102 -0.64 0.64 1.99
C ILE A 102 0.30 0.91 3.17
N ARG A 103 0.73 2.16 3.38
CA ARG A 103 1.54 2.49 4.55
C ARG A 103 0.84 2.10 5.84
N GLU A 104 -0.41 2.49 6.04
CA GLU A 104 -1.16 2.17 7.25
C GLU A 104 -1.18 0.67 7.44
N MET A 105 -1.54 -0.12 6.43
CA MET A 105 -1.55 -1.57 6.57
C MET A 105 -0.18 -2.12 6.91
N CYS A 106 0.92 -1.66 6.30
CA CYS A 106 2.23 -2.16 6.67
C CYS A 106 2.58 -1.77 8.11
N VAL A 107 2.09 -0.64 8.63
CA VAL A 107 2.28 -0.25 10.04
C VAL A 107 1.42 -1.16 10.91
N GLN A 108 0.15 -1.36 10.54
CA GLN A 108 -0.89 -2.07 11.26
C GLN A 108 -0.60 -3.57 11.31
N GLN A 109 0.01 -4.12 10.27
CA GLN A 109 0.43 -5.50 10.25
C GLN A 109 1.72 -5.63 11.08
N TYR A 110 2.68 -4.70 10.92
CA TYR A 110 3.95 -4.77 11.64
C TYR A 110 3.68 -4.72 13.13
N ARG A 111 2.87 -3.76 13.59
CA ARG A 111 2.58 -3.58 15.00
C ARG A 111 1.95 -4.85 15.57
N GLU A 112 1.13 -5.58 14.79
CA GLU A 112 0.56 -6.84 15.23
C GLU A 112 1.58 -7.97 15.20
N TYR A 113 2.50 -8.00 14.23
CA TYR A 113 3.53 -9.01 14.11
C TYR A 113 4.53 -8.88 15.28
N ARG A 114 4.78 -7.64 15.70
CA ARG A 114 5.59 -7.33 16.87
C ARG A 114 5.04 -7.96 18.14
N LEU A 115 3.77 -8.35 18.19
CA LEU A 115 3.13 -9.02 19.31
C LEU A 115 2.87 -10.50 19.01
N ALA A 116 2.62 -10.85 17.75
CA ALA A 116 2.27 -12.20 17.31
C ALA A 116 3.28 -13.19 17.89
N SER A 117 2.76 -14.22 18.57
CA SER A 117 3.60 -15.12 19.32
C SER A 117 4.33 -16.00 18.34
N GLY A 1 -2.24 -27.85 -12.09
CA GLY A 1 -2.12 -26.38 -12.08
C GLY A 1 -1.70 -25.87 -10.73
N SER A 2 -2.23 -24.73 -10.30
CA SER A 2 -1.62 -23.83 -9.32
C SER A 2 -0.25 -23.32 -9.85
N VAL A 3 0.50 -22.59 -9.03
CA VAL A 3 1.87 -22.22 -9.33
C VAL A 3 2.79 -23.41 -9.05
N VAL A 4 4.09 -23.25 -9.28
CA VAL A 4 5.12 -24.24 -9.03
C VAL A 4 6.11 -23.53 -8.11
N GLY A 5 5.70 -23.35 -6.85
CA GLY A 5 6.39 -22.55 -5.84
C GLY A 5 6.25 -21.06 -6.13
N GLY A 6 6.95 -20.60 -7.16
CA GLY A 6 7.25 -19.19 -7.42
C GLY A 6 8.45 -18.75 -6.59
N LEU A 7 9.19 -17.78 -7.12
CA LEU A 7 10.36 -17.16 -6.50
C LEU A 7 10.07 -16.53 -5.13
N GLY A 8 8.79 -16.29 -4.85
CA GLY A 8 8.28 -15.69 -3.64
C GLY A 8 7.12 -14.80 -4.05
N GLY A 9 7.39 -13.85 -4.94
CA GLY A 9 6.42 -12.83 -5.33
C GLY A 9 6.34 -11.72 -4.28
N TYR A 10 7.35 -11.61 -3.41
CA TYR A 10 7.36 -10.94 -2.11
C TYR A 10 6.32 -11.56 -1.16
N ALA A 11 6.53 -11.37 0.14
CA ALA A 11 5.69 -11.97 1.17
C ALA A 11 4.44 -11.10 1.34
N MET A 12 3.26 -11.71 1.35
CA MET A 12 1.96 -11.07 1.24
C MET A 12 1.19 -11.24 2.54
N GLY A 13 0.69 -10.16 3.14
CA GLY A 13 0.05 -10.16 4.44
C GLY A 13 -1.46 -10.32 4.34
N ARG A 14 -2.14 -10.21 5.48
CA ARG A 14 -3.56 -10.55 5.56
C ARG A 14 -4.45 -9.45 5.04
N VAL A 15 -5.72 -9.78 4.71
CA VAL A 15 -6.73 -8.78 4.44
C VAL A 15 -7.10 -8.09 5.74
N MET A 16 -6.91 -6.77 5.76
CA MET A 16 -7.19 -5.86 6.84
C MET A 16 -7.85 -4.60 6.27
N SER A 17 -9.18 -4.66 6.17
CA SER A 17 -10.09 -3.70 5.56
C SER A 17 -10.97 -3.00 6.62
N GLY A 18 -10.69 -3.18 7.91
CA GLY A 18 -11.55 -2.75 9.00
C GLY A 18 -10.64 -2.18 10.07
N MET A 19 -10.08 -1.01 9.80
CA MET A 19 -8.91 -0.50 10.49
C MET A 19 -9.19 0.83 11.22
N ASN A 20 -8.30 1.79 10.97
CA ASN A 20 -8.20 3.13 11.52
C ASN A 20 -9.26 4.03 10.85
N TYR A 21 -8.95 5.30 10.63
CA TYR A 21 -9.48 6.18 9.61
C TYR A 21 -11.01 6.07 9.43
N HIS A 22 -11.74 6.78 10.29
CA HIS A 22 -13.12 6.45 10.59
C HIS A 22 -14.15 7.18 9.72
N PHE A 23 -13.72 7.80 8.61
CA PHE A 23 -14.48 8.25 7.44
C PHE A 23 -15.92 8.70 7.73
N ASP A 24 -16.07 9.93 8.21
CA ASP A 24 -17.35 10.49 8.68
C ASP A 24 -17.51 11.95 8.27
N ARG A 25 -16.43 12.72 8.35
CA ARG A 25 -16.38 14.10 7.86
C ARG A 25 -16.39 14.12 6.33
N PRO A 26 -16.77 15.24 5.71
CA PRO A 26 -16.81 15.40 4.25
C PRO A 26 -15.43 15.30 3.60
N ASP A 27 -14.40 15.83 4.22
CA ASP A 27 -13.01 15.73 3.75
C ASP A 27 -12.57 14.28 3.80
N GLU A 28 -12.76 13.62 4.93
CA GLU A 28 -12.45 12.22 5.12
C GLU A 28 -13.28 11.32 4.20
N TYR A 29 -14.51 11.71 3.84
CA TYR A 29 -15.39 11.05 2.87
C TYR A 29 -14.66 10.91 1.54
N ARG A 30 -13.83 11.88 1.17
CA ARG A 30 -13.06 11.72 -0.05
C ARG A 30 -12.14 10.54 -0.01
N TRP A 31 -11.61 10.17 1.15
CA TRP A 31 -10.75 9.03 1.26
C TRP A 31 -11.55 7.81 0.80
N TRP A 32 -12.78 7.65 1.29
CA TRP A 32 -13.72 6.60 0.87
C TRP A 32 -14.03 6.70 -0.63
N SER A 33 -14.39 7.88 -1.11
CA SER A 33 -14.72 8.10 -2.52
C SER A 33 -13.55 7.67 -3.39
N GLU A 34 -12.34 8.13 -3.08
CA GLU A 34 -11.14 7.79 -3.86
C GLU A 34 -10.77 6.29 -3.69
N ASN A 35 -11.07 5.66 -2.55
CA ASN A 35 -10.95 4.22 -2.25
C ASN A 35 -11.74 3.38 -3.25
N SER A 36 -12.88 3.86 -3.72
CA SER A 36 -13.72 3.15 -4.67
C SER A 36 -12.93 2.77 -5.94
N ALA A 37 -11.88 3.51 -6.28
CA ALA A 37 -11.01 3.16 -7.40
C ALA A 37 -10.39 1.78 -7.19
N ARG A 38 -9.90 1.41 -5.99
CA ARG A 38 -9.29 0.09 -5.79
C ARG A 38 -9.03 -0.38 -4.36
N TYR A 39 -8.81 0.51 -3.40
CA TYR A 39 -8.64 0.25 -1.96
C TYR A 39 -7.89 -1.05 -1.60
N PRO A 40 -6.54 -1.05 -1.64
CA PRO A 40 -5.79 -2.17 -1.11
C PRO A 40 -6.00 -2.28 0.40
N ASN A 41 -6.12 -3.52 0.88
CA ASN A 41 -6.38 -3.99 2.25
C ASN A 41 -5.25 -4.90 2.73
N ARG A 42 -4.24 -5.18 1.91
CA ARG A 42 -3.07 -5.97 2.29
C ARG A 42 -1.90 -5.39 1.53
N VAL A 43 -0.70 -5.78 1.93
CA VAL A 43 0.55 -5.28 1.39
C VAL A 43 1.45 -6.47 1.11
N TYR A 44 2.52 -6.20 0.36
CA TYR A 44 3.63 -7.08 0.08
C TYR A 44 4.86 -6.48 0.78
N TYR A 45 5.76 -7.32 1.28
CA TYR A 45 6.98 -6.89 1.97
C TYR A 45 8.16 -7.78 1.61
N ARG A 46 9.39 -7.26 1.75
CA ARG A 46 10.55 -8.14 1.76
C ARG A 46 10.60 -8.92 3.06
N ASP A 47 11.17 -10.10 2.97
CA ASP A 47 11.53 -10.94 4.11
C ASP A 47 12.81 -10.37 4.74
N TYR A 48 12.68 -9.35 5.59
CA TYR A 48 13.82 -8.72 6.28
C TYR A 48 14.32 -9.58 7.44
N SER A 49 15.58 -9.33 7.83
CA SER A 49 16.35 -10.23 8.66
C SER A 49 15.89 -10.37 10.11
N SER A 50 15.33 -9.32 10.73
CA SER A 50 14.84 -9.15 12.11
C SER A 50 15.48 -7.94 12.82
N PRO A 51 16.82 -7.78 12.85
CA PRO A 51 17.45 -6.60 13.45
C PRO A 51 17.35 -5.42 12.48
N VAL A 52 16.13 -4.93 12.29
CA VAL A 52 15.77 -3.80 11.46
C VAL A 52 14.68 -3.03 12.25
N PRO A 53 14.53 -1.72 12.07
CA PRO A 53 13.40 -0.99 12.63
C PRO A 53 12.22 -1.06 11.65
N GLN A 54 10.99 -0.83 12.15
CA GLN A 54 9.84 -0.73 11.27
C GLN A 54 10.03 0.39 10.25
N ASP A 55 10.86 1.41 10.51
CA ASP A 55 11.00 2.54 9.59
C ASP A 55 11.56 2.11 8.24
N VAL A 56 12.44 1.11 8.23
CA VAL A 56 12.95 0.49 7.01
C VAL A 56 11.87 -0.43 6.43
N PHE A 57 11.33 -1.35 7.24
CA PHE A 57 10.40 -2.36 6.78
C PHE A 57 9.16 -1.72 6.16
N VAL A 58 8.50 -0.80 6.87
CA VAL A 58 7.26 -0.19 6.43
C VAL A 58 7.48 0.56 5.12
N ALA A 59 8.61 1.26 4.97
CA ALA A 59 8.89 2.00 3.76
C ALA A 59 9.10 1.06 2.58
N ASP A 60 9.88 -0.01 2.77
CA ASP A 60 10.10 -1.03 1.74
C ASP A 60 8.81 -1.73 1.36
N CYS A 61 8.03 -2.13 2.36
CA CYS A 61 6.75 -2.79 2.26
C CYS A 61 5.84 -1.92 1.39
N PHE A 62 5.80 -0.63 1.70
CA PHE A 62 5.14 0.35 0.88
C PHE A 62 5.70 0.42 -0.52
N ASN A 63 7.03 0.44 -0.68
CA ASN A 63 7.64 0.62 -1.97
C ASN A 63 7.24 -0.51 -2.93
N ILE A 64 7.36 -1.77 -2.51
CA ILE A 64 7.02 -2.91 -3.36
C ILE A 64 5.52 -2.96 -3.60
N THR A 65 4.69 -2.74 -2.58
CA THR A 65 3.25 -2.83 -2.76
C THR A 65 2.79 -1.81 -3.81
N VAL A 66 3.31 -0.59 -3.72
CA VAL A 66 3.04 0.47 -4.66
C VAL A 66 3.52 0.06 -6.06
N THR A 67 4.75 -0.45 -6.15
CA THR A 67 5.38 -0.84 -7.38
C THR A 67 4.66 -2.02 -8.07
N GLU A 68 4.25 -3.06 -7.35
CA GLU A 68 3.51 -4.19 -7.92
C GLU A 68 2.15 -3.72 -8.44
N TYR A 69 1.50 -2.81 -7.72
CA TYR A 69 0.29 -2.18 -8.20
C TYR A 69 0.54 -1.13 -9.31
N SER A 70 1.79 -0.89 -9.72
CA SER A 70 2.24 0.16 -10.62
C SER A 70 1.53 1.50 -10.36
N ILE A 71 1.61 1.95 -9.10
CA ILE A 71 1.17 3.23 -8.59
C ILE A 71 2.41 3.98 -8.06
N GLY A 72 2.26 5.25 -7.70
CA GLY A 72 3.22 6.00 -6.90
C GLY A 72 4.51 6.41 -7.64
N PRO A 73 5.47 7.00 -6.90
CA PRO A 73 6.80 7.40 -7.37
C PRO A 73 7.73 6.18 -7.57
N ALA A 74 7.16 5.00 -7.87
CA ALA A 74 7.88 3.75 -8.06
C ALA A 74 7.18 2.85 -9.10
N ALA A 75 6.32 3.45 -9.94
CA ALA A 75 5.72 2.82 -11.12
C ALA A 75 6.58 3.08 -12.36
N LYS A 76 6.33 4.20 -13.05
CA LYS A 76 6.99 4.52 -14.30
C LYS A 76 7.38 6.00 -14.33
N LYS A 77 8.64 6.28 -14.66
CA LYS A 77 9.11 7.57 -15.13
C LYS A 77 8.52 7.84 -16.50
N ASN A 78 8.92 8.93 -17.11
CA ASN A 78 8.77 9.35 -18.49
C ASN A 78 7.84 10.54 -18.55
N THR A 79 6.82 10.46 -17.71
CA THR A 79 5.94 11.55 -17.32
C THR A 79 5.05 12.02 -18.47
N SER A 80 4.99 11.28 -19.58
CA SER A 80 4.12 11.58 -20.70
C SER A 80 3.55 10.27 -21.25
N GLU A 81 2.87 9.51 -20.40
CA GLU A 81 2.24 8.24 -20.76
C GLU A 81 0.87 8.12 -20.07
N ALA A 82 0.83 7.72 -18.80
CA ALA A 82 -0.41 7.43 -18.10
C ALA A 82 -0.23 7.75 -16.62
N VAL A 83 -0.16 9.03 -16.31
CA VAL A 83 -0.29 9.61 -14.98
C VAL A 83 -1.06 10.91 -15.14
N ALA A 84 -1.50 11.53 -14.03
CA ALA A 84 -2.36 12.72 -14.02
C ALA A 84 -3.76 12.50 -14.58
N ALA A 85 -4.06 11.29 -15.10
CA ALA A 85 -5.32 10.82 -15.65
C ALA A 85 -6.03 11.92 -16.44
N ALA A 86 -6.82 12.71 -15.73
CA ALA A 86 -7.54 13.88 -16.19
C ALA A 86 -7.85 14.82 -15.02
N ASN A 87 -7.08 14.76 -13.91
CA ASN A 87 -6.99 15.79 -12.89
C ASN A 87 -5.87 15.43 -11.95
N GLN A 88 -4.81 16.22 -11.94
CA GLN A 88 -3.74 16.01 -11.01
C GLN A 88 -4.22 16.02 -9.55
N THR A 89 -5.22 16.85 -9.17
CA THR A 89 -5.73 16.82 -7.78
C THR A 89 -6.30 15.45 -7.43
N GLU A 90 -7.02 14.87 -8.39
CA GLU A 90 -7.79 13.66 -8.17
C GLU A 90 -6.83 12.48 -8.02
N VAL A 91 -5.89 12.33 -8.96
CA VAL A 91 -4.90 11.26 -8.90
C VAL A 91 -4.02 11.45 -7.67
N GLU A 92 -3.74 12.70 -7.30
CA GLU A 92 -2.90 13.03 -6.15
C GLU A 92 -3.62 12.59 -4.90
N MET A 93 -4.90 12.90 -4.76
CA MET A 93 -5.63 12.58 -3.59
C MET A 93 -5.73 11.05 -3.48
N GLU A 94 -6.13 10.38 -4.56
CA GLU A 94 -6.14 8.92 -4.65
C GLU A 94 -4.75 8.36 -4.31
N ASN A 95 -3.67 9.04 -4.73
CA ASN A 95 -2.30 8.69 -4.36
C ASN A 95 -2.09 8.74 -2.87
N LYS A 96 -2.48 9.83 -2.23
CA LYS A 96 -2.30 9.92 -0.80
C LYS A 96 -3.11 8.85 -0.09
N VAL A 97 -4.34 8.58 -0.56
CA VAL A 97 -5.16 7.51 -0.03
C VAL A 97 -4.33 6.22 -0.08
N VAL A 98 -3.81 5.85 -1.27
CA VAL A 98 -3.13 4.57 -1.44
C VAL A 98 -1.80 4.52 -0.66
N THR A 99 -0.97 5.56 -0.70
CA THR A 99 0.31 5.59 0.00
C THR A 99 0.07 5.39 1.51
N LYS A 100 -0.87 6.15 2.09
CA LYS A 100 -1.26 6.11 3.49
C LYS A 100 -1.78 4.73 3.87
N VAL A 101 -2.72 4.13 3.11
CA VAL A 101 -3.20 2.79 3.45
C VAL A 101 -2.02 1.86 3.53
N ILE A 102 -1.21 1.76 2.48
CA ILE A 102 -0.18 0.76 2.36
C ILE A 102 0.79 0.93 3.53
N ARG A 103 1.27 2.16 3.78
CA ARG A 103 2.18 2.41 4.89
C ARG A 103 1.57 2.06 6.23
N GLU A 104 0.42 2.61 6.57
CA GLU A 104 -0.25 2.39 7.83
C GLU A 104 -0.45 0.91 8.01
N MET A 105 -0.96 0.20 7.00
CA MET A 105 -1.20 -1.23 7.05
C MET A 105 0.09 -2.00 7.29
N CYS A 106 1.24 -1.59 6.75
CA CYS A 106 2.50 -2.22 7.09
C CYS A 106 2.80 -2.02 8.59
N VAL A 107 2.55 -0.83 9.17
CA VAL A 107 2.69 -0.58 10.61
C VAL A 107 1.69 -1.45 11.37
N GLN A 108 0.42 -1.44 10.97
CA GLN A 108 -0.68 -2.19 11.57
C GLN A 108 -0.38 -3.70 11.55
N GLN A 109 0.41 -4.20 10.59
CA GLN A 109 0.95 -5.55 10.59
C GLN A 109 2.14 -5.69 11.53
N TYR A 110 3.13 -4.81 11.45
CA TYR A 110 4.30 -4.87 12.33
C TYR A 110 3.88 -4.96 13.78
N ARG A 111 2.90 -4.17 14.20
CA ARG A 111 2.44 -4.12 15.58
C ARG A 111 1.70 -5.41 15.97
N GLU A 112 1.06 -6.04 14.98
CA GLU A 112 0.35 -7.30 15.05
C GLU A 112 1.34 -8.44 15.11
N TYR A 113 2.46 -8.34 14.41
CA TYR A 113 3.49 -9.35 14.37
C TYR A 113 4.14 -9.45 15.76
N ARG A 114 4.37 -8.29 16.40
CA ARG A 114 4.90 -8.22 17.74
C ARG A 114 3.97 -8.89 18.75
N LEU A 115 2.67 -8.61 18.70
CA LEU A 115 1.70 -9.14 19.65
C LEU A 115 1.39 -10.60 19.36
N ALA A 116 0.98 -10.84 18.11
CA ALA A 116 0.42 -12.04 17.52
C ALA A 116 -0.57 -12.77 18.43
N SER A 117 -1.83 -12.35 18.29
CA SER A 117 -3.04 -12.82 18.97
C SER A 117 -3.12 -12.38 20.42
N GLY A 1 3.70 -25.20 -17.75
CA GLY A 1 5.02 -24.58 -17.63
C GLY A 1 5.06 -23.66 -16.42
N SER A 2 6.16 -23.68 -15.68
CA SER A 2 6.30 -23.03 -14.38
C SER A 2 6.82 -21.59 -14.49
N VAL A 3 6.59 -20.91 -15.62
CA VAL A 3 7.08 -19.56 -15.85
C VAL A 3 6.00 -18.82 -16.63
N VAL A 4 5.39 -17.84 -15.99
CA VAL A 4 4.48 -16.84 -16.56
C VAL A 4 4.23 -15.76 -15.51
N GLY A 5 3.98 -16.15 -14.26
CA GLY A 5 3.43 -15.32 -13.20
C GLY A 5 4.14 -13.98 -13.04
N GLY A 6 5.45 -13.98 -12.83
CA GLY A 6 6.21 -12.82 -12.41
C GLY A 6 7.46 -13.25 -11.70
N LEU A 7 7.98 -12.36 -10.85
CA LEU A 7 9.22 -12.58 -10.10
C LEU A 7 9.10 -13.72 -9.09
N GLY A 8 7.88 -14.12 -8.78
CA GLY A 8 7.49 -15.24 -7.94
C GLY A 8 6.20 -14.88 -7.22
N GLY A 9 6.15 -13.65 -6.70
CA GLY A 9 5.16 -13.16 -5.77
C GLY A 9 5.90 -12.91 -4.47
N TYR A 10 5.96 -11.65 -4.02
CA TYR A 10 6.48 -11.33 -2.70
C TYR A 10 5.52 -11.89 -1.62
N ALA A 11 5.88 -11.80 -0.33
CA ALA A 11 5.03 -12.25 0.76
C ALA A 11 3.87 -11.27 0.91
N MET A 12 2.68 -11.77 1.24
CA MET A 12 1.47 -10.98 1.45
C MET A 12 1.07 -11.13 2.92
N GLY A 13 0.64 -10.03 3.55
CA GLY A 13 0.03 -10.02 4.87
C GLY A 13 -1.42 -10.51 4.83
N ARG A 14 -2.31 -9.81 5.54
CA ARG A 14 -3.69 -10.26 5.79
C ARG A 14 -4.71 -9.35 5.14
N VAL A 15 -5.99 -9.75 5.14
CA VAL A 15 -7.12 -8.85 4.97
C VAL A 15 -7.30 -8.08 6.27
N MET A 16 -7.18 -6.76 6.19
CA MET A 16 -7.36 -5.86 7.33
C MET A 16 -8.05 -4.54 6.96
N SER A 17 -9.37 -4.57 6.76
CA SER A 17 -10.17 -3.38 6.55
C SER A 17 -10.33 -2.58 7.86
N GLY A 18 -10.95 -1.39 7.78
CA GLY A 18 -11.55 -0.66 8.90
C GLY A 18 -10.64 -0.50 10.11
N MET A 19 -9.35 -0.28 9.85
CA MET A 19 -8.25 -0.22 10.80
C MET A 19 -8.20 1.06 11.63
N ASN A 20 -9.35 1.42 12.17
CA ASN A 20 -9.70 2.73 12.69
C ASN A 20 -9.64 3.79 11.60
N TYR A 21 -10.76 4.46 11.35
CA TYR A 21 -10.83 5.66 10.54
C TYR A 21 -12.00 6.52 11.04
N HIS A 22 -11.93 7.84 10.82
CA HIS A 22 -12.95 8.78 11.24
C HIS A 22 -13.91 9.06 10.08
N PHE A 23 -13.43 9.60 8.96
CA PHE A 23 -14.18 9.81 7.72
C PHE A 23 -15.38 10.75 7.84
N ASP A 24 -15.10 12.05 7.86
CA ASP A 24 -16.14 13.07 8.03
C ASP A 24 -16.05 14.22 7.03
N ARG A 25 -14.85 14.78 6.83
CA ARG A 25 -14.60 15.93 5.96
C ARG A 25 -14.96 15.66 4.48
N PRO A 26 -15.02 16.71 3.65
CA PRO A 26 -15.07 16.59 2.20
C PRO A 26 -13.79 15.90 1.69
N ASP A 27 -12.65 16.30 2.27
CA ASP A 27 -11.32 15.76 2.05
C ASP A 27 -11.30 14.25 2.32
N GLU A 28 -12.00 13.83 3.38
CA GLU A 28 -12.21 12.44 3.78
C GLU A 28 -13.24 11.75 2.89
N TYR A 29 -14.22 12.45 2.34
CA TYR A 29 -15.22 11.88 1.44
C TYR A 29 -14.53 11.26 0.22
N ARG A 30 -13.44 11.87 -0.24
CA ARG A 30 -12.58 11.23 -1.23
C ARG A 30 -12.06 9.88 -0.76
N TRP A 31 -11.74 9.71 0.52
CA TRP A 31 -11.30 8.43 1.04
C TRP A 31 -12.36 7.38 0.69
N TRP A 32 -13.65 7.62 0.96
CA TRP A 32 -14.74 6.70 0.61
C TRP A 32 -14.83 6.49 -0.89
N SER A 33 -14.84 7.58 -1.65
CA SER A 33 -15.12 7.51 -3.08
C SER A 33 -13.96 6.81 -3.81
N GLU A 34 -12.72 7.11 -3.45
CA GLU A 34 -11.52 6.52 -4.04
C GLU A 34 -11.27 5.11 -3.49
N ASN A 35 -11.71 4.79 -2.27
CA ASN A 35 -11.80 3.42 -1.74
C ASN A 35 -12.59 2.54 -2.70
N SER A 36 -13.75 3.00 -3.20
CA SER A 36 -14.51 2.28 -4.19
C SER A 36 -13.68 1.91 -5.42
N ALA A 37 -12.64 2.70 -5.76
CA ALA A 37 -11.82 2.41 -6.93
C ALA A 37 -11.23 1.01 -6.86
N ARG A 38 -10.90 0.46 -5.66
CA ARG A 38 -10.43 -0.93 -5.42
C ARG A 38 -10.04 -1.31 -3.99
N TYR A 39 -9.77 -0.36 -3.10
CA TYR A 39 -9.41 -0.48 -1.68
C TYR A 39 -8.59 -1.73 -1.31
N PRO A 40 -7.26 -1.67 -1.41
CA PRO A 40 -6.39 -2.77 -1.05
C PRO A 40 -6.29 -2.90 0.47
N ASN A 41 -7.17 -3.68 1.11
CA ASN A 41 -7.13 -4.08 2.53
C ASN A 41 -5.93 -4.97 2.89
N ARG A 42 -4.91 -5.14 2.05
CA ARG A 42 -3.84 -6.10 2.30
C ARG A 42 -2.58 -5.55 1.67
N VAL A 43 -1.41 -5.95 2.16
CA VAL A 43 -0.13 -5.46 1.67
C VAL A 43 0.83 -6.61 1.43
N TYR A 44 1.91 -6.32 0.72
CA TYR A 44 3.03 -7.20 0.41
C TYR A 44 4.27 -6.68 1.12
N TYR A 45 5.19 -7.58 1.46
CA TYR A 45 6.51 -7.24 1.94
C TYR A 45 7.53 -8.21 1.37
N ARG A 46 8.77 -7.75 1.34
CA ARG A 46 9.96 -8.56 1.10
C ARG A 46 10.25 -9.39 2.35
N ASP A 47 11.39 -10.07 2.34
CA ASP A 47 11.88 -10.92 3.42
C ASP A 47 13.11 -10.22 3.97
N TYR A 48 12.91 -9.30 4.91
CA TYR A 48 13.94 -8.39 5.40
C TYR A 48 15.03 -9.15 6.16
N SER A 49 16.20 -8.53 6.28
CA SER A 49 17.46 -9.17 6.65
C SER A 49 17.44 -9.75 8.07
N SER A 50 16.83 -9.03 9.03
CA SER A 50 16.79 -9.17 10.48
C SER A 50 17.27 -7.85 11.08
N PRO A 51 18.52 -7.41 10.88
CA PRO A 51 18.90 -6.03 11.15
C PRO A 51 18.27 -5.11 10.09
N VAL A 52 17.08 -4.55 10.38
CA VAL A 52 16.50 -3.42 9.64
C VAL A 52 15.42 -2.77 10.52
N PRO A 53 15.06 -1.47 10.37
CA PRO A 53 14.12 -0.83 11.29
C PRO A 53 12.69 -0.82 10.70
N GLN A 54 11.70 -0.46 11.52
CA GLN A 54 10.32 -0.38 11.07
C GLN A 54 10.14 0.66 9.97
N ASP A 55 10.96 1.73 9.95
CA ASP A 55 10.75 2.82 9.00
C ASP A 55 11.13 2.42 7.59
N VAL A 56 12.15 1.57 7.42
CA VAL A 56 12.39 0.94 6.12
C VAL A 56 11.27 -0.06 5.87
N PHE A 57 10.90 -0.86 6.90
CA PHE A 57 9.98 -1.98 6.73
C PHE A 57 8.70 -1.48 6.09
N VAL A 58 8.10 -0.44 6.66
CA VAL A 58 6.89 0.17 6.15
C VAL A 58 7.13 0.75 4.77
N ALA A 59 8.16 1.58 4.58
CA ALA A 59 8.35 2.29 3.33
C ALA A 59 8.53 1.32 2.17
N ASP A 60 9.34 0.28 2.33
CA ASP A 60 9.54 -0.72 1.29
C ASP A 60 8.35 -1.66 1.16
N CYS A 61 7.66 -1.97 2.25
CA CYS A 61 6.41 -2.73 2.21
C CYS A 61 5.42 -1.95 1.33
N PHE A 62 5.37 -0.63 1.51
CA PHE A 62 4.54 0.23 0.71
C PHE A 62 5.02 0.20 -0.74
N ASN A 63 6.31 0.43 -0.99
CA ASN A 63 6.89 0.46 -2.33
C ASN A 63 6.51 -0.81 -3.09
N ILE A 64 6.72 -1.98 -2.47
CA ILE A 64 6.48 -3.29 -3.06
C ILE A 64 4.99 -3.49 -3.29
N THR A 65 4.14 -3.14 -2.31
CA THR A 65 2.71 -3.28 -2.46
C THR A 65 2.21 -2.42 -3.63
N VAL A 66 2.63 -1.15 -3.70
CA VAL A 66 2.20 -0.30 -4.77
C VAL A 66 2.73 -0.81 -6.12
N THR A 67 3.91 -1.42 -6.12
CA THR A 67 4.50 -2.06 -7.28
C THR A 67 3.71 -3.31 -7.71
N GLU A 68 3.26 -4.17 -6.79
CA GLU A 68 2.46 -5.34 -7.15
C GLU A 68 1.08 -4.92 -7.68
N TYR A 69 0.47 -3.91 -7.08
CA TYR A 69 -0.82 -3.39 -7.54
C TYR A 69 -0.68 -2.35 -8.66
N SER A 70 0.55 -2.14 -9.18
CA SER A 70 0.99 -1.13 -10.13
C SER A 70 0.24 0.19 -9.98
N ILE A 71 0.56 0.91 -8.91
CA ILE A 71 0.01 2.20 -8.52
C ILE A 71 1.15 3.13 -8.09
N GLY A 72 0.88 4.44 -8.15
CA GLY A 72 1.64 5.43 -7.40
C GLY A 72 3.06 5.67 -7.90
N PRO A 73 3.89 6.34 -7.08
CA PRO A 73 5.23 6.81 -7.44
C PRO A 73 6.28 5.70 -7.60
N ALA A 74 5.84 4.46 -7.82
CA ALA A 74 6.66 3.35 -8.24
C ALA A 74 5.97 2.73 -9.46
N ALA A 75 4.79 2.14 -9.24
CA ALA A 75 4.18 1.10 -10.04
C ALA A 75 5.30 0.16 -10.50
N LYS A 76 5.54 0.14 -11.79
CA LYS A 76 6.51 -0.76 -12.39
C LYS A 76 7.93 -0.34 -12.03
N LYS A 77 8.58 -1.16 -11.19
CA LYS A 77 9.92 -0.94 -10.67
C LYS A 77 10.02 0.45 -10.04
N ASN A 78 10.60 1.44 -10.72
CA ASN A 78 10.80 2.80 -10.25
C ASN A 78 11.00 3.70 -11.46
N THR A 79 9.97 3.79 -12.29
CA THR A 79 9.85 4.81 -13.30
C THR A 79 8.50 5.47 -13.03
N SER A 80 8.51 6.65 -12.40
CA SER A 80 7.30 7.25 -11.86
C SER A 80 6.48 7.84 -13.01
N GLU A 81 5.52 7.10 -13.55
CA GLU A 81 4.85 7.46 -14.79
C GLU A 81 3.38 7.03 -14.77
N ALA A 82 2.70 7.29 -13.66
CA ALA A 82 1.29 7.00 -13.46
C ALA A 82 0.62 8.16 -12.73
N VAL A 83 0.66 9.35 -13.33
CA VAL A 83 0.02 10.54 -12.79
C VAL A 83 -0.67 11.30 -13.91
N ALA A 84 -1.58 12.20 -13.53
CA ALA A 84 -2.45 13.00 -14.39
C ALA A 84 -3.39 12.18 -15.27
N ALA A 85 -3.41 10.86 -15.10
CA ALA A 85 -4.17 9.88 -15.86
C ALA A 85 -5.62 10.30 -16.04
N ALA A 86 -6.26 10.79 -14.98
CA ALA A 86 -7.50 11.53 -15.06
C ALA A 86 -7.57 12.40 -13.80
N ASN A 87 -7.15 13.66 -13.94
CA ASN A 87 -7.30 14.76 -13.01
C ASN A 87 -6.27 14.70 -11.89
N GLN A 88 -5.29 15.59 -11.89
CA GLN A 88 -4.17 15.42 -10.97
C GLN A 88 -4.58 15.48 -9.51
N THR A 89 -5.65 16.19 -9.17
CA THR A 89 -6.16 16.26 -7.80
C THR A 89 -6.89 14.96 -7.45
N GLU A 90 -7.55 14.33 -8.42
CA GLU A 90 -8.28 13.09 -8.19
C GLU A 90 -7.27 11.97 -7.98
N VAL A 91 -6.30 11.84 -8.90
CA VAL A 91 -5.27 10.82 -8.78
C VAL A 91 -4.45 11.11 -7.53
N GLU A 92 -4.12 12.38 -7.24
CA GLU A 92 -3.42 12.75 -6.01
C GLU A 92 -4.15 12.19 -4.77
N MET A 93 -5.46 12.39 -4.66
CA MET A 93 -6.20 11.88 -3.53
C MET A 93 -6.29 10.36 -3.54
N GLU A 94 -6.56 9.75 -4.69
CA GLU A 94 -6.55 8.29 -4.86
C GLU A 94 -5.21 7.74 -4.37
N ASN A 95 -4.13 8.44 -4.70
CA ASN A 95 -2.77 8.15 -4.31
C ASN A 95 -2.63 8.28 -2.82
N LYS A 96 -3.02 9.40 -2.23
CA LYS A 96 -2.84 9.59 -0.79
C LYS A 96 -3.66 8.61 0.01
N VAL A 97 -4.84 8.23 -0.46
CA VAL A 97 -5.66 7.21 0.14
C VAL A 97 -4.90 5.89 0.07
N VAL A 98 -4.46 5.45 -1.11
CA VAL A 98 -3.89 4.12 -1.28
C VAL A 98 -2.50 4.03 -0.62
N THR A 99 -1.64 5.03 -0.81
CA THR A 99 -0.31 5.11 -0.20
C THR A 99 -0.49 4.98 1.33
N LYS A 100 -1.48 5.66 1.92
CA LYS A 100 -1.73 5.54 3.34
C LYS A 100 -2.33 4.20 3.72
N VAL A 101 -3.38 3.65 3.09
CA VAL A 101 -3.92 2.37 3.54
C VAL A 101 -2.80 1.34 3.62
N ILE A 102 -1.92 1.34 2.61
CA ILE A 102 -0.83 0.41 2.48
C ILE A 102 0.21 0.67 3.58
N ARG A 103 0.69 1.90 3.75
CA ARG A 103 1.63 2.22 4.82
C ARG A 103 1.05 1.87 6.18
N GLU A 104 -0.18 2.29 6.43
CA GLU A 104 -0.93 2.09 7.66
C GLU A 104 -0.91 0.60 7.97
N MET A 105 -1.26 -0.26 7.01
CA MET A 105 -1.22 -1.71 7.21
C MET A 105 0.16 -2.23 7.51
N CYS A 106 1.18 -1.79 6.78
CA CYS A 106 2.53 -2.23 7.06
C CYS A 106 2.94 -1.84 8.49
N VAL A 107 2.43 -0.73 9.03
CA VAL A 107 2.66 -0.35 10.43
C VAL A 107 1.77 -1.20 11.35
N GLN A 108 0.50 -1.39 11.01
CA GLN A 108 -0.50 -2.12 11.78
C GLN A 108 -0.14 -3.61 11.89
N GLN A 109 0.54 -4.17 10.89
CA GLN A 109 1.08 -5.51 10.97
C GLN A 109 2.34 -5.48 11.83
N TYR A 110 3.22 -4.48 11.65
CA TYR A 110 4.46 -4.42 12.40
C TYR A 110 4.18 -4.34 13.90
N ARG A 111 3.23 -3.49 14.31
CA ARG A 111 2.88 -3.36 15.71
C ARG A 111 2.34 -4.68 16.27
N GLU A 112 1.61 -5.45 15.46
CA GLU A 112 1.05 -6.72 15.89
C GLU A 112 2.12 -7.78 15.96
N TYR A 113 3.18 -7.68 15.14
CA TYR A 113 4.31 -8.59 15.16
C TYR A 113 5.14 -8.31 16.41
N ARG A 114 5.36 -7.02 16.73
CA ARG A 114 6.07 -6.59 17.92
C ARG A 114 5.41 -7.11 19.19
N LEU A 115 4.09 -6.99 19.30
CA LEU A 115 3.34 -7.48 20.46
C LEU A 115 3.26 -9.02 20.41
N ALA A 116 2.85 -9.55 19.26
CA ALA A 116 2.35 -10.89 19.01
C ALA A 116 1.42 -11.36 20.14
N SER A 117 0.19 -10.85 20.15
CA SER A 117 -0.90 -11.37 20.94
C SER A 117 -0.98 -12.87 20.67
N GLY A 1 -0.55 -26.70 -10.33
CA GLY A 1 -0.19 -25.42 -10.93
C GLY A 1 0.79 -25.60 -12.06
N SER A 2 1.47 -24.52 -12.48
CA SER A 2 2.61 -24.55 -13.40
C SER A 2 3.69 -23.54 -13.07
N VAL A 3 3.53 -22.71 -12.05
CA VAL A 3 4.51 -21.70 -11.75
C VAL A 3 5.50 -22.28 -10.73
N VAL A 4 6.56 -21.53 -10.44
CA VAL A 4 7.51 -21.86 -9.39
C VAL A 4 7.86 -20.57 -8.67
N GLY A 5 6.82 -19.88 -8.20
CA GLY A 5 6.99 -18.64 -7.44
C GLY A 5 7.61 -17.52 -8.28
N GLY A 6 7.35 -17.51 -9.59
CA GLY A 6 7.64 -16.38 -10.47
C GLY A 6 6.78 -15.18 -10.09
N LEU A 7 6.86 -14.11 -10.88
CA LEU A 7 6.15 -12.84 -10.73
C LEU A 7 6.75 -11.98 -9.62
N GLY A 8 7.02 -12.61 -8.51
CA GLY A 8 7.77 -12.07 -7.39
C GLY A 8 7.69 -13.02 -6.21
N GLY A 9 6.55 -13.71 -6.04
CA GLY A 9 6.33 -14.65 -4.95
C GLY A 9 6.69 -14.02 -3.61
N TYR A 10 6.23 -12.80 -3.37
CA TYR A 10 6.35 -12.12 -2.10
C TYR A 10 5.30 -12.70 -1.14
N ALA A 11 5.56 -12.60 0.17
CA ALA A 11 4.68 -13.14 1.18
C ALA A 11 3.40 -12.30 1.25
N MET A 12 2.21 -12.91 1.27
CA MET A 12 0.93 -12.20 1.28
C MET A 12 0.44 -12.01 2.71
N GLY A 13 0.17 -10.76 3.07
CA GLY A 13 -0.30 -10.31 4.36
C GLY A 13 -1.78 -10.54 4.55
N ARG A 14 -2.28 -10.20 5.75
CA ARG A 14 -3.68 -10.51 6.06
C ARG A 14 -4.62 -9.38 5.70
N VAL A 15 -5.87 -9.73 5.41
CA VAL A 15 -6.92 -8.77 5.16
C VAL A 15 -7.19 -8.07 6.49
N MET A 16 -7.22 -6.74 6.47
CA MET A 16 -7.48 -5.94 7.66
C MET A 16 -8.23 -4.66 7.27
N SER A 17 -9.37 -4.82 6.59
CA SER A 17 -10.29 -3.72 6.31
C SER A 17 -10.91 -3.20 7.59
N GLY A 18 -11.60 -2.05 7.52
CA GLY A 18 -12.40 -1.55 8.62
C GLY A 18 -11.56 -1.36 9.89
N MET A 19 -10.30 -0.97 9.72
CA MET A 19 -9.38 -0.61 10.78
C MET A 19 -9.78 0.74 11.36
N ASN A 20 -8.95 1.25 12.27
CA ASN A 20 -9.21 2.46 13.01
C ASN A 20 -9.11 3.67 12.08
N TYR A 21 -10.26 4.15 11.61
CA TYR A 21 -10.40 5.25 10.65
C TYR A 21 -11.33 6.32 11.23
N HIS A 22 -11.36 7.49 10.57
CA HIS A 22 -12.19 8.63 10.92
C HIS A 22 -13.26 8.79 9.84
N PHE A 23 -12.97 9.56 8.78
CA PHE A 23 -13.83 9.75 7.61
C PHE A 23 -15.12 10.48 7.97
N ASP A 24 -15.20 11.76 7.59
CA ASP A 24 -16.41 12.56 7.77
C ASP A 24 -16.50 13.69 6.75
N ARG A 25 -15.38 14.39 6.49
CA ARG A 25 -15.28 15.58 5.63
C ARG A 25 -15.54 15.27 4.15
N PRO A 26 -15.80 16.29 3.31
CA PRO A 26 -16.03 16.11 1.87
C PRO A 26 -14.78 15.64 1.11
N ASP A 27 -13.59 16.03 1.56
CA ASP A 27 -12.30 15.53 1.08
C ASP A 27 -12.06 14.12 1.60
N GLU A 28 -12.50 13.81 2.82
CA GLU A 28 -12.43 12.45 3.35
C GLU A 28 -13.38 11.53 2.59
N TYR A 29 -14.49 12.04 2.04
CA TYR A 29 -15.37 11.29 1.16
C TYR A 29 -14.54 10.65 0.04
N ARG A 30 -13.50 11.34 -0.45
CA ARG A 30 -12.65 10.76 -1.47
C ARG A 30 -11.93 9.52 -0.99
N TRP A 31 -11.61 9.39 0.31
CA TRP A 31 -11.04 8.15 0.81
C TRP A 31 -11.98 7.01 0.46
N TRP A 32 -13.26 7.12 0.84
CA TRP A 32 -14.27 6.11 0.57
C TRP A 32 -14.50 5.94 -0.94
N SER A 33 -14.59 7.04 -1.67
CA SER A 33 -14.91 7.03 -3.09
C SER A 33 -13.81 6.29 -3.86
N GLU A 34 -12.55 6.67 -3.63
CA GLU A 34 -11.41 6.22 -4.41
C GLU A 34 -11.03 4.79 -4.03
N ASN A 35 -11.32 4.37 -2.79
CA ASN A 35 -11.22 2.98 -2.36
C ASN A 35 -12.00 2.06 -3.31
N SER A 36 -13.13 2.52 -3.86
CA SER A 36 -13.94 1.77 -4.82
C SER A 36 -13.13 1.29 -6.03
N ALA A 37 -12.04 1.97 -6.39
CA ALA A 37 -11.15 1.52 -7.44
C ALA A 37 -10.58 0.13 -7.11
N ARG A 38 -10.13 -0.14 -5.88
CA ARG A 38 -9.41 -1.39 -5.59
C ARG A 38 -9.35 -1.81 -4.13
N TYR A 39 -8.98 -0.88 -3.24
CA TYR A 39 -8.80 -1.10 -1.81
C TYR A 39 -7.98 -2.36 -1.43
N PRO A 40 -6.63 -2.32 -1.55
CA PRO A 40 -5.76 -3.43 -1.17
C PRO A 40 -5.63 -3.56 0.36
N ASN A 41 -6.58 -4.25 1.00
CA ASN A 41 -6.62 -4.56 2.43
C ASN A 41 -5.41 -5.36 2.92
N ARG A 42 -4.55 -5.88 2.05
CA ARG A 42 -3.38 -6.66 2.40
C ARG A 42 -2.21 -6.32 1.51
N VAL A 43 -1.03 -6.73 1.95
CA VAL A 43 0.25 -6.16 1.51
C VAL A 43 1.24 -7.29 1.25
N TYR A 44 2.35 -6.96 0.62
CA TYR A 44 3.43 -7.85 0.23
C TYR A 44 4.75 -7.28 0.75
N TYR A 45 5.66 -8.15 1.19
CA TYR A 45 6.89 -7.79 1.88
C TYR A 45 8.05 -8.69 1.42
N ARG A 46 9.30 -8.27 1.66
CA ARG A 46 10.48 -9.11 1.44
C ARG A 46 10.74 -9.99 2.65
N ASP A 47 11.67 -10.93 2.50
CA ASP A 47 12.19 -11.79 3.56
C ASP A 47 13.30 -11.05 4.30
N TYR A 48 12.95 -10.19 5.25
CA TYR A 48 13.91 -9.33 5.96
C TYR A 48 14.72 -10.13 6.98
N SER A 49 16.01 -9.81 7.10
CA SER A 49 17.01 -10.58 7.84
C SER A 49 16.77 -10.61 9.35
N SER A 50 16.25 -9.53 9.95
CA SER A 50 16.20 -9.15 11.37
C SER A 50 16.85 -7.77 11.51
N PRO A 51 18.12 -7.57 11.10
CA PRO A 51 18.68 -6.25 10.90
C PRO A 51 18.05 -5.57 9.69
N VAL A 52 16.84 -5.05 9.84
CA VAL A 52 16.33 -3.96 9.05
C VAL A 52 15.41 -3.17 9.99
N PRO A 53 15.43 -1.82 9.93
CA PRO A 53 14.62 -0.97 10.78
C PRO A 53 13.17 -0.99 10.29
N GLN A 54 12.22 -0.61 11.14
CA GLN A 54 10.81 -0.57 10.76
C GLN A 54 10.57 0.38 9.60
N ASP A 55 11.37 1.44 9.49
CA ASP A 55 11.18 2.48 8.49
C ASP A 55 11.31 1.93 7.09
N VAL A 56 12.39 1.18 6.81
CA VAL A 56 12.52 0.49 5.53
C VAL A 56 11.57 -0.70 5.46
N PHE A 57 11.29 -1.42 6.55
CA PHE A 57 10.39 -2.58 6.50
C PHE A 57 9.04 -2.15 5.93
N VAL A 58 8.44 -1.10 6.51
CA VAL A 58 7.16 -0.61 6.03
C VAL A 58 7.33 -0.03 4.63
N ALA A 59 8.38 0.77 4.38
CA ALA A 59 8.50 1.47 3.12
C ALA A 59 8.72 0.51 1.95
N ASP A 60 9.53 -0.53 2.11
CA ASP A 60 9.75 -1.57 1.10
C ASP A 60 8.49 -2.40 0.91
N CYS A 61 7.81 -2.77 1.99
CA CYS A 61 6.56 -3.51 1.97
C CYS A 61 5.52 -2.70 1.17
N PHE A 62 5.52 -1.39 1.38
CA PHE A 62 4.70 -0.48 0.62
C PHE A 62 5.13 -0.45 -0.83
N ASN A 63 6.43 -0.26 -1.09
CA ASN A 63 6.97 -0.15 -2.44
C ASN A 63 6.53 -1.36 -3.24
N ILE A 64 6.69 -2.59 -2.72
CA ILE A 64 6.36 -3.80 -3.45
C ILE A 64 4.86 -3.91 -3.65
N THR A 65 4.05 -3.64 -2.63
CA THR A 65 2.61 -3.73 -2.79
C THR A 65 2.14 -2.74 -3.87
N VAL A 66 2.65 -1.50 -3.87
CA VAL A 66 2.29 -0.56 -4.91
C VAL A 66 2.87 -0.95 -6.26
N THR A 67 4.05 -1.55 -6.28
CA THR A 67 4.71 -2.03 -7.48
C THR A 67 3.76 -3.05 -8.13
N GLU A 68 3.27 -4.03 -7.38
CA GLU A 68 2.46 -5.11 -7.91
C GLU A 68 1.17 -4.57 -8.50
N TYR A 69 0.46 -3.69 -7.78
CA TYR A 69 -0.78 -3.11 -8.27
C TYR A 69 -0.55 -1.96 -9.28
N SER A 70 0.71 -1.68 -9.62
CA SER A 70 1.19 -0.61 -10.49
C SER A 70 0.54 0.74 -10.13
N ILE A 71 0.88 1.24 -8.95
CA ILE A 71 0.39 2.47 -8.35
C ILE A 71 1.57 3.20 -7.70
N GLY A 72 1.33 4.42 -7.22
CA GLY A 72 2.30 5.14 -6.43
C GLY A 72 3.54 5.50 -7.24
N PRO A 73 4.66 5.82 -6.58
CA PRO A 73 5.92 6.20 -7.23
C PRO A 73 6.54 5.09 -8.09
N ALA A 74 6.05 3.85 -7.99
CA ALA A 74 6.76 2.64 -8.39
C ALA A 74 6.08 1.88 -9.54
N ALA A 75 4.97 2.39 -10.08
CA ALA A 75 4.23 1.73 -11.16
C ALA A 75 5.10 1.49 -12.38
N LYS A 76 5.90 2.51 -12.75
CA LYS A 76 6.82 2.46 -13.86
C LYS A 76 8.23 2.78 -13.34
N LYS A 77 9.21 2.92 -14.24
CA LYS A 77 10.62 3.15 -13.91
C LYS A 77 10.82 4.26 -12.86
N ASN A 78 10.03 5.33 -12.94
CA ASN A 78 10.20 6.60 -12.24
C ASN A 78 8.94 7.44 -12.49
N THR A 79 9.04 8.76 -12.61
CA THR A 79 7.98 9.71 -12.90
C THR A 79 8.58 10.85 -13.72
N SER A 80 7.77 11.88 -13.99
CA SER A 80 8.35 13.20 -14.07
C SER A 80 7.99 13.92 -12.78
N GLU A 81 6.73 14.29 -12.62
CA GLU A 81 6.24 15.14 -11.54
C GLU A 81 4.72 14.92 -11.48
N ALA A 82 4.01 15.31 -12.53
CA ALA A 82 2.59 15.20 -12.67
C ALA A 82 2.24 15.38 -14.14
N VAL A 83 1.47 14.45 -14.70
CA VAL A 83 0.87 14.59 -16.02
C VAL A 83 -0.64 14.74 -15.84
N ALA A 84 -1.20 15.79 -16.42
CA ALA A 84 -2.63 15.90 -16.58
C ALA A 84 -3.09 14.82 -17.56
N ALA A 85 -3.91 13.89 -17.08
CA ALA A 85 -4.71 12.97 -17.88
C ALA A 85 -5.97 12.61 -17.09
N ALA A 86 -5.78 12.05 -15.90
CA ALA A 86 -6.85 11.58 -15.00
C ALA A 86 -7.08 12.57 -13.83
N ASN A 87 -6.74 13.84 -14.04
CA ASN A 87 -6.67 14.93 -13.07
C ASN A 87 -5.67 14.66 -11.96
N GLN A 88 -4.54 15.37 -11.97
CA GLN A 88 -3.42 15.12 -11.06
C GLN A 88 -3.79 15.20 -9.58
N THR A 89 -4.81 15.97 -9.20
CA THR A 89 -5.29 16.08 -7.82
C THR A 89 -6.09 14.85 -7.39
N GLU A 90 -6.82 14.29 -8.35
CA GLU A 90 -7.76 13.18 -8.18
C GLU A 90 -6.99 11.88 -8.07
N VAL A 91 -6.07 11.63 -9.01
CA VAL A 91 -5.13 10.52 -8.91
C VAL A 91 -4.32 10.66 -7.64
N GLU A 92 -3.92 11.88 -7.28
CA GLU A 92 -3.18 12.15 -6.04
C GLU A 92 -3.98 11.60 -4.85
N MET A 93 -5.30 11.80 -4.84
CA MET A 93 -6.14 11.30 -3.76
C MET A 93 -6.17 9.77 -3.76
N GLU A 94 -6.40 9.12 -4.90
CA GLU A 94 -6.30 7.66 -5.00
C GLU A 94 -4.95 7.19 -4.45
N ASN A 95 -3.91 7.94 -4.79
CA ASN A 95 -2.54 7.65 -4.45
C ASN A 95 -2.35 7.74 -2.96
N LYS A 96 -2.77 8.84 -2.33
CA LYS A 96 -2.62 8.97 -0.90
C LYS A 96 -3.46 7.91 -0.20
N VAL A 97 -4.68 7.64 -0.65
CA VAL A 97 -5.52 6.60 -0.09
C VAL A 97 -4.76 5.27 -0.12
N VAL A 98 -4.25 4.87 -1.27
CA VAL A 98 -3.66 3.55 -1.44
C VAL A 98 -2.27 3.46 -0.77
N THR A 99 -1.42 4.50 -0.86
CA THR A 99 -0.14 4.53 -0.15
C THR A 99 -0.42 4.36 1.36
N LYS A 100 -1.37 5.13 1.90
CA LYS A 100 -1.75 5.15 3.30
C LYS A 100 -2.27 3.82 3.77
N VAL A 101 -3.17 3.15 3.03
CA VAL A 101 -3.67 1.86 3.48
C VAL A 101 -2.51 0.87 3.54
N ILE A 102 -1.66 0.83 2.51
CA ILE A 102 -0.62 -0.18 2.36
C ILE A 102 0.47 0.05 3.42
N ARG A 103 0.93 1.29 3.58
CA ARG A 103 1.88 1.62 4.65
C ARG A 103 1.27 1.28 5.98
N GLU A 104 0.08 1.82 6.27
CA GLU A 104 -0.53 1.59 7.57
C GLU A 104 -0.64 0.11 7.82
N MET A 105 -0.96 -0.73 6.84
CA MET A 105 -1.06 -2.17 7.05
C MET A 105 0.23 -2.72 7.60
N CYS A 106 1.35 -2.34 6.98
CA CYS A 106 2.60 -2.94 7.37
C CYS A 106 3.04 -2.42 8.74
N VAL A 107 2.66 -1.18 9.10
CA VAL A 107 2.86 -0.64 10.45
C VAL A 107 1.95 -1.41 11.42
N GLN A 108 0.68 -1.61 11.05
CA GLN A 108 -0.34 -2.22 11.87
C GLN A 108 0.02 -3.69 12.14
N GLN A 109 0.75 -4.36 11.23
CA GLN A 109 1.33 -5.64 11.60
C GLN A 109 2.58 -5.48 12.44
N TYR A 110 3.49 -4.58 12.10
CA TYR A 110 4.71 -4.43 12.87
C TYR A 110 4.38 -4.13 14.33
N ARG A 111 3.38 -3.29 14.60
CA ARG A 111 3.01 -2.94 15.97
C ARG A 111 2.45 -4.17 16.68
N GLU A 112 1.67 -5.00 15.99
CA GLU A 112 1.11 -6.22 16.54
C GLU A 112 2.18 -7.31 16.71
N TYR A 113 3.23 -7.32 15.89
CA TYR A 113 4.36 -8.22 16.05
C TYR A 113 5.14 -7.80 17.30
N ARG A 114 5.30 -6.50 17.52
CA ARG A 114 5.92 -5.95 18.71
C ARG A 114 5.10 -6.26 19.96
N LEU A 115 3.78 -6.09 19.91
CA LEU A 115 2.90 -6.31 21.05
C LEU A 115 2.74 -7.81 21.31
N ALA A 116 2.23 -8.53 20.31
CA ALA A 116 1.79 -9.91 20.31
C ALA A 116 0.71 -10.18 21.35
N SER A 117 -0.53 -9.80 21.03
CA SER A 117 -1.71 -10.29 21.73
C SER A 117 -1.74 -11.80 21.63
N GLY A 1 1.55 -26.52 -16.46
CA GLY A 1 1.50 -25.97 -15.11
C GLY A 1 2.74 -25.13 -14.83
N SER A 2 2.66 -23.82 -15.04
CA SER A 2 3.78 -22.89 -15.04
C SER A 2 4.12 -22.35 -13.65
N VAL A 3 3.57 -22.94 -12.58
CA VAL A 3 4.07 -22.73 -11.23
C VAL A 3 5.54 -23.19 -11.18
N VAL A 4 6.36 -22.45 -10.42
CA VAL A 4 7.79 -22.54 -10.10
C VAL A 4 8.52 -21.27 -10.57
N GLY A 5 7.99 -20.61 -11.62
CA GLY A 5 8.67 -19.52 -12.30
C GLY A 5 9.20 -18.46 -11.34
N GLY A 6 8.32 -17.98 -10.45
CA GLY A 6 8.64 -16.92 -9.49
C GLY A 6 8.92 -15.60 -10.18
N LEU A 7 9.12 -14.54 -9.37
CA LEU A 7 9.51 -13.14 -9.57
C LEU A 7 8.72 -12.21 -8.65
N GLY A 8 7.57 -12.66 -8.18
CA GLY A 8 6.55 -11.82 -7.55
C GLY A 8 5.85 -12.46 -6.36
N GLY A 9 6.21 -13.69 -5.98
CA GLY A 9 5.72 -14.31 -4.77
C GLY A 9 6.52 -13.78 -3.59
N TYR A 10 6.39 -12.48 -3.31
CA TYR A 10 6.72 -11.91 -2.02
C TYR A 10 5.74 -12.52 -1.00
N ALA A 11 6.06 -12.49 0.30
CA ALA A 11 5.13 -13.01 1.30
C ALA A 11 3.97 -12.03 1.46
N MET A 12 2.75 -12.53 1.60
CA MET A 12 1.52 -11.75 1.61
C MET A 12 0.90 -11.77 3.00
N GLY A 13 0.48 -10.60 3.46
CA GLY A 13 -0.12 -10.38 4.75
C GLY A 13 -1.55 -10.88 4.76
N ARG A 14 -2.23 -10.62 5.86
CA ARG A 14 -3.63 -11.01 6.04
C ARG A 14 -4.56 -9.95 5.47
N VAL A 15 -5.85 -10.25 5.38
CA VAL A 15 -6.87 -9.27 5.01
C VAL A 15 -7.16 -8.46 6.25
N MET A 16 -6.96 -7.17 6.11
CA MET A 16 -7.20 -6.17 7.13
C MET A 16 -7.81 -4.94 6.47
N SER A 17 -9.14 -4.94 6.42
CA SER A 17 -9.96 -3.75 6.26
C SER A 17 -10.14 -3.11 7.64
N GLY A 18 -10.89 -2.00 7.71
CA GLY A 18 -11.53 -1.51 8.92
C GLY A 18 -10.61 -1.41 10.13
N MET A 19 -9.41 -0.85 9.96
CA MET A 19 -8.62 -0.29 11.05
C MET A 19 -9.23 1.07 11.45
N ASN A 20 -8.53 1.80 12.31
CA ASN A 20 -8.96 3.09 12.88
C ASN A 20 -9.03 4.15 11.78
N TYR A 21 -10.22 4.31 11.19
CA TYR A 21 -10.54 5.04 9.97
C TYR A 21 -11.89 5.74 10.21
N HIS A 22 -11.83 6.98 10.70
CA HIS A 22 -13.01 7.79 10.99
C HIS A 22 -13.69 8.24 9.70
N PHE A 23 -13.14 9.26 9.01
CA PHE A 23 -13.63 9.81 7.75
C PHE A 23 -15.06 10.35 7.87
N ASP A 24 -15.21 11.65 8.10
CA ASP A 24 -16.50 12.36 8.12
C ASP A 24 -16.48 13.67 7.32
N ARG A 25 -15.36 14.40 7.36
CA ARG A 25 -15.16 15.67 6.67
C ARG A 25 -15.25 15.51 5.15
N PRO A 26 -15.49 16.61 4.41
CA PRO A 26 -15.62 16.55 2.96
C PRO A 26 -14.35 16.06 2.26
N ASP A 27 -13.16 16.53 2.65
CA ASP A 27 -11.94 16.08 1.95
C ASP A 27 -11.59 14.66 2.36
N GLU A 28 -11.87 14.28 3.62
CA GLU A 28 -11.72 12.93 4.14
C GLU A 28 -12.65 11.96 3.41
N TYR A 29 -13.81 12.44 2.94
CA TYR A 29 -14.72 11.72 2.06
C TYR A 29 -13.98 11.21 0.86
N ARG A 30 -12.96 11.93 0.36
CA ARG A 30 -12.18 11.38 -0.73
C ARG A 30 -11.60 10.02 -0.42
N TRP A 31 -11.12 9.78 0.79
CA TRP A 31 -10.56 8.50 1.16
C TRP A 31 -11.57 7.38 0.89
N TRP A 32 -12.80 7.57 1.36
CA TRP A 32 -13.92 6.66 1.11
C TRP A 32 -14.27 6.60 -0.37
N SER A 33 -14.40 7.75 -1.01
CA SER A 33 -14.82 7.92 -2.38
C SER A 33 -13.85 7.21 -3.35
N GLU A 34 -12.53 7.41 -3.17
CA GLU A 34 -11.48 6.76 -3.94
C GLU A 34 -11.34 5.27 -3.55
N ASN A 35 -11.65 4.87 -2.30
CA ASN A 35 -11.65 3.47 -1.87
C ASN A 35 -12.50 2.61 -2.81
N SER A 36 -13.60 3.17 -3.34
CA SER A 36 -14.50 2.53 -4.27
C SER A 36 -13.78 2.04 -5.53
N ALA A 37 -12.67 2.69 -5.92
CA ALA A 37 -11.88 2.26 -7.05
C ALA A 37 -11.38 0.83 -6.84
N ARG A 38 -10.93 0.47 -5.63
CA ARG A 38 -10.35 -0.85 -5.35
C ARG A 38 -10.29 -1.23 -3.86
N TYR A 39 -9.75 -0.35 -3.01
CA TYR A 39 -9.40 -0.59 -1.60
C TYR A 39 -8.62 -1.89 -1.37
N PRO A 40 -7.27 -1.87 -1.47
CA PRO A 40 -6.47 -3.00 -1.01
C PRO A 40 -6.62 -3.12 0.52
N ASN A 41 -6.32 -4.31 1.04
CA ASN A 41 -6.51 -4.70 2.45
C ASN A 41 -5.35 -5.56 2.94
N ARG A 42 -4.39 -5.91 2.09
CA ARG A 42 -3.23 -6.70 2.48
C ARG A 42 -2.04 -6.13 1.74
N VAL A 43 -0.84 -6.53 2.13
CA VAL A 43 0.39 -5.98 1.61
C VAL A 43 1.35 -7.15 1.40
N TYR A 44 2.39 -6.91 0.62
CA TYR A 44 3.47 -7.83 0.28
C TYR A 44 4.76 -7.28 0.87
N TYR A 45 5.68 -8.14 1.32
CA TYR A 45 6.94 -7.73 1.95
C TYR A 45 8.10 -8.62 1.52
N ARG A 46 9.34 -8.11 1.59
CA ARG A 46 10.53 -8.93 1.38
C ARG A 46 10.71 -9.90 2.55
N ASP A 47 11.47 -10.97 2.31
CA ASP A 47 12.03 -11.78 3.39
C ASP A 47 13.28 -11.06 3.91
N TYR A 48 13.05 -10.06 4.78
CA TYR A 48 14.12 -9.46 5.54
C TYR A 48 14.70 -10.50 6.51
N SER A 49 15.83 -10.14 7.13
CA SER A 49 16.49 -10.90 8.15
C SER A 49 15.51 -11.34 9.24
N SER A 50 14.98 -10.40 10.02
CA SER A 50 14.23 -10.69 11.24
C SER A 50 13.92 -9.38 11.96
N PRO A 51 14.95 -8.57 12.34
CA PRO A 51 14.73 -7.35 13.08
C PRO A 51 14.23 -6.25 12.16
N VAL A 52 15.19 -5.54 11.58
CA VAL A 52 15.17 -4.32 10.83
C VAL A 52 14.38 -3.21 11.60
N PRO A 53 14.72 -1.92 11.44
CA PRO A 53 13.90 -0.86 12.03
C PRO A 53 12.51 -0.98 11.38
N GLN A 54 11.40 -0.80 12.12
CA GLN A 54 10.10 -1.03 11.48
C GLN A 54 9.95 -0.22 10.20
N ASP A 55 10.53 0.99 10.18
CA ASP A 55 10.24 1.96 9.15
C ASP A 55 10.86 1.61 7.79
N VAL A 56 12.00 0.90 7.73
CA VAL A 56 12.51 0.40 6.45
C VAL A 56 11.56 -0.67 5.93
N PHE A 57 11.01 -1.49 6.81
CA PHE A 57 10.15 -2.60 6.44
C PHE A 57 8.87 -2.05 5.87
N VAL A 58 8.17 -1.13 6.57
CA VAL A 58 6.94 -0.58 6.03
C VAL A 58 7.19 0.14 4.70
N ALA A 59 8.27 0.91 4.60
CA ALA A 59 8.54 1.64 3.37
C ALA A 59 8.81 0.68 2.18
N ASP A 60 9.42 -0.48 2.43
CA ASP A 60 9.64 -1.54 1.42
C ASP A 60 8.36 -2.28 1.10
N CYS A 61 7.64 -2.69 2.14
CA CYS A 61 6.39 -3.43 2.11
C CYS A 61 5.42 -2.65 1.23
N PHE A 62 5.37 -1.34 1.46
CA PHE A 62 4.62 -0.44 0.62
C PHE A 62 5.14 -0.46 -0.81
N ASN A 63 6.43 -0.21 -1.03
CA ASN A 63 7.01 -0.07 -2.36
C ASN A 63 6.68 -1.27 -3.24
N ILE A 64 6.86 -2.49 -2.74
CA ILE A 64 6.60 -3.72 -3.45
C ILE A 64 5.10 -3.97 -3.67
N THR A 65 4.26 -3.65 -2.68
CA THR A 65 2.83 -3.74 -2.87
C THR A 65 2.40 -2.79 -3.99
N VAL A 66 2.86 -1.53 -3.98
CA VAL A 66 2.44 -0.56 -4.97
C VAL A 66 3.03 -0.88 -6.36
N THR A 67 4.24 -1.47 -6.44
CA THR A 67 4.83 -1.80 -7.73
C THR A 67 4.05 -2.96 -8.39
N GLU A 68 3.49 -3.93 -7.66
CA GLU A 68 2.62 -4.95 -8.27
C GLU A 68 1.35 -4.27 -8.80
N TYR A 69 0.75 -3.42 -7.97
CA TYR A 69 -0.54 -2.81 -8.25
C TYR A 69 -0.40 -1.61 -9.22
N SER A 70 0.81 -1.32 -9.71
CA SER A 70 1.14 -0.25 -10.64
C SER A 70 0.69 1.14 -10.20
N ILE A 71 0.82 1.43 -8.91
CA ILE A 71 0.36 2.66 -8.26
C ILE A 71 1.53 3.29 -7.51
N GLY A 72 1.32 4.49 -6.95
CA GLY A 72 2.36 5.16 -6.18
C GLY A 72 3.55 5.52 -7.06
N PRO A 73 4.69 5.87 -6.45
CA PRO A 73 5.88 6.29 -7.16
C PRO A 73 6.67 5.12 -7.80
N ALA A 74 6.26 3.88 -7.58
CA ALA A 74 6.99 2.70 -8.05
C ALA A 74 6.43 2.14 -9.37
N ALA A 75 5.52 2.86 -10.04
CA ALA A 75 4.78 2.40 -11.21
C ALA A 75 5.55 2.59 -12.52
N LYS A 76 5.70 3.84 -12.99
CA LYS A 76 6.39 4.17 -14.24
C LYS A 76 7.70 4.86 -13.90
N LYS A 77 8.72 4.01 -13.69
CA LYS A 77 9.99 4.26 -13.02
C LYS A 77 9.78 5.34 -11.97
N ASN A 78 10.19 6.59 -12.18
CA ASN A 78 9.91 7.66 -11.24
C ASN A 78 9.58 9.00 -11.90
N THR A 79 9.21 9.02 -13.19
CA THR A 79 9.15 10.27 -13.95
C THR A 79 7.86 10.33 -14.81
N SER A 80 6.76 10.78 -14.21
CA SER A 80 5.51 11.08 -14.89
C SER A 80 4.77 12.13 -14.06
N GLU A 81 4.66 13.36 -14.56
CA GLU A 81 3.87 14.41 -13.90
C GLU A 81 3.25 15.42 -14.87
N ALA A 82 3.23 15.10 -16.16
CA ALA A 82 2.50 15.83 -17.19
C ALA A 82 1.60 14.84 -17.94
N VAL A 83 0.40 14.57 -17.42
CA VAL A 83 -0.56 13.66 -18.01
C VAL A 83 -1.96 13.99 -17.46
N ALA A 84 -3.01 13.58 -18.18
CA ALA A 84 -4.33 13.34 -17.63
C ALA A 84 -4.86 12.08 -18.29
N ALA A 85 -5.76 11.39 -17.59
CA ALA A 85 -6.69 10.43 -18.13
C ALA A 85 -7.96 10.50 -17.27
N ALA A 86 -7.76 10.49 -15.95
CA ALA A 86 -8.77 10.76 -14.96
C ALA A 86 -8.16 11.75 -13.96
N ASN A 87 -8.04 13.03 -14.36
CA ASN A 87 -7.50 14.19 -13.65
C ASN A 87 -6.28 13.96 -12.74
N GLN A 88 -5.17 14.66 -13.00
CA GLN A 88 -3.99 14.56 -12.15
C GLN A 88 -4.25 14.89 -10.65
N THR A 89 -5.24 15.70 -10.31
CA THR A 89 -5.58 15.96 -8.91
C THR A 89 -6.33 14.78 -8.28
N GLU A 90 -7.16 14.11 -9.06
CA GLU A 90 -7.99 12.98 -8.64
C GLU A 90 -7.10 11.78 -8.37
N VAL A 91 -6.22 11.44 -9.33
CA VAL A 91 -5.28 10.33 -9.15
C VAL A 91 -4.42 10.62 -7.94
N GLU A 92 -3.95 11.87 -7.78
CA GLU A 92 -3.12 12.28 -6.65
C GLU A 92 -3.83 11.92 -5.33
N MET A 93 -5.14 12.18 -5.22
CA MET A 93 -5.90 11.76 -4.05
C MET A 93 -5.97 10.24 -3.95
N GLU A 94 -6.36 9.52 -4.99
CA GLU A 94 -6.41 8.05 -4.96
C GLU A 94 -5.05 7.48 -4.55
N ASN A 95 -3.97 8.13 -4.99
CA ASN A 95 -2.61 7.80 -4.68
C ASN A 95 -2.34 7.98 -3.20
N LYS A 96 -2.66 9.13 -2.63
CA LYS A 96 -2.47 9.30 -1.19
C LYS A 96 -3.31 8.32 -0.40
N VAL A 97 -4.54 8.07 -0.83
CA VAL A 97 -5.39 7.08 -0.20
C VAL A 97 -4.67 5.73 -0.23
N VAL A 98 -4.24 5.26 -1.41
CA VAL A 98 -3.71 3.93 -1.57
C VAL A 98 -2.33 3.77 -0.92
N THR A 99 -1.44 4.77 -1.05
CA THR A 99 -0.14 4.77 -0.41
C THR A 99 -0.34 4.62 1.11
N LYS A 100 -1.24 5.41 1.69
CA LYS A 100 -1.50 5.44 3.11
C LYS A 100 -2.12 4.12 3.59
N VAL A 101 -3.09 3.49 2.93
CA VAL A 101 -3.62 2.18 3.37
C VAL A 101 -2.50 1.16 3.44
N ILE A 102 -1.69 1.09 2.39
CA ILE A 102 -0.66 0.08 2.25
C ILE A 102 0.38 0.31 3.36
N ARG A 103 0.85 1.55 3.54
CA ARG A 103 1.73 1.88 4.65
C ARG A 103 1.09 1.52 5.98
N GLU A 104 -0.13 1.97 6.25
CA GLU A 104 -0.84 1.78 7.52
C GLU A 104 -0.84 0.29 7.85
N MET A 105 -1.16 -0.58 6.88
CA MET A 105 -1.09 -2.02 7.08
C MET A 105 0.30 -2.50 7.43
N CYS A 106 1.33 -2.07 6.71
CA CYS A 106 2.69 -2.50 7.00
C CYS A 106 3.15 -2.01 8.39
N VAL A 107 2.63 -0.88 8.89
CA VAL A 107 2.87 -0.48 10.28
C VAL A 107 2.07 -1.42 11.18
N GLN A 108 0.79 -1.63 10.87
CA GLN A 108 -0.16 -2.39 11.65
C GLN A 108 0.31 -3.84 11.83
N GLN A 109 0.89 -4.46 10.81
CA GLN A 109 1.39 -5.82 10.91
C GLN A 109 2.61 -5.82 11.82
N TYR A 110 3.51 -4.84 11.68
CA TYR A 110 4.74 -4.87 12.44
C TYR A 110 4.43 -4.65 13.92
N ARG A 111 3.62 -3.64 14.26
CA ARG A 111 3.27 -3.36 15.65
C ARG A 111 2.54 -4.57 16.25
N GLU A 112 1.72 -5.29 15.48
CA GLU A 112 1.03 -6.47 15.96
C GLU A 112 1.96 -7.66 16.12
N TYR A 113 3.03 -7.79 15.32
CA TYR A 113 3.99 -8.87 15.53
C TYR A 113 4.72 -8.63 16.85
N ARG A 114 5.04 -7.37 17.15
CA ARG A 114 5.68 -6.96 18.40
C ARG A 114 4.75 -7.17 19.59
N LEU A 115 3.45 -6.93 19.45
CA LEU A 115 2.48 -7.01 20.54
C LEU A 115 2.12 -8.48 20.81
N ALA A 116 1.74 -9.20 19.77
CA ALA A 116 1.35 -10.60 19.76
C ALA A 116 0.25 -10.92 20.78
N SER A 117 -0.93 -10.30 20.64
CA SER A 117 -2.17 -10.86 21.16
C SER A 117 -2.53 -12.07 20.30
N GLY A 1 8.99 -28.23 -17.35
CA GLY A 1 7.96 -27.35 -16.81
C GLY A 1 8.36 -26.81 -15.45
N SER A 2 9.11 -25.71 -15.42
CA SER A 2 9.52 -25.02 -14.20
C SER A 2 8.36 -24.21 -13.58
N VAL A 3 8.68 -23.15 -12.84
CA VAL A 3 7.79 -22.12 -12.33
C VAL A 3 7.11 -21.41 -13.52
N VAL A 4 6.27 -20.40 -13.25
CA VAL A 4 5.65 -19.58 -14.29
C VAL A 4 5.71 -18.08 -13.91
N GLY A 5 6.59 -17.71 -12.98
CA GLY A 5 6.67 -16.33 -12.49
C GLY A 5 5.39 -15.86 -11.76
N GLY A 6 4.53 -16.79 -11.34
CA GLY A 6 3.32 -16.53 -10.56
C GLY A 6 3.44 -17.10 -9.14
N LEU A 7 4.66 -17.35 -8.66
CA LEU A 7 4.91 -18.06 -7.40
C LEU A 7 6.00 -17.38 -6.57
N GLY A 8 6.68 -16.38 -7.13
CA GLY A 8 7.83 -15.72 -6.53
C GLY A 8 7.48 -14.34 -5.98
N GLY A 9 6.20 -13.95 -5.96
CA GLY A 9 5.72 -12.67 -5.46
C GLY A 9 5.78 -12.64 -3.94
N TYR A 10 7.00 -12.53 -3.39
CA TYR A 10 7.33 -12.18 -2.01
C TYR A 10 6.44 -12.92 -1.00
N ALA A 11 6.11 -12.32 0.16
CA ALA A 11 5.20 -12.88 1.15
C ALA A 11 3.95 -12.01 1.23
N MET A 12 2.78 -12.63 1.12
CA MET A 12 1.49 -11.97 1.19
C MET A 12 1.16 -11.61 2.65
N GLY A 13 0.61 -10.42 2.88
CA GLY A 13 0.08 -9.96 4.15
C GLY A 13 -1.41 -10.31 4.30
N ARG A 14 -1.94 -10.10 5.50
CA ARG A 14 -3.27 -10.59 5.85
C ARG A 14 -4.33 -9.63 5.33
N VAL A 15 -5.58 -10.08 5.32
CA VAL A 15 -6.72 -9.24 5.02
C VAL A 15 -6.94 -8.36 6.23
N MET A 16 -7.09 -7.05 5.99
CA MET A 16 -7.56 -6.15 7.04
C MET A 16 -8.59 -5.13 6.53
N SER A 17 -9.36 -5.51 5.52
CA SER A 17 -10.53 -4.76 5.07
C SER A 17 -11.52 -4.63 6.22
N GLY A 18 -11.89 -3.40 6.59
CA GLY A 18 -12.78 -3.16 7.72
C GLY A 18 -12.28 -2.03 8.60
N MET A 19 -11.15 -1.41 8.24
CA MET A 19 -10.68 -0.17 8.80
C MET A 19 -11.81 0.85 8.76
N ASN A 20 -12.33 1.17 9.94
CA ASN A 20 -13.43 2.10 10.13
C ASN A 20 -13.00 3.54 9.86
N TYR A 21 -11.80 3.93 10.30
CA TYR A 21 -11.26 5.28 10.26
C TYR A 21 -12.21 6.31 10.94
N HIS A 22 -11.86 7.60 10.90
CA HIS A 22 -12.71 8.69 11.40
C HIS A 22 -13.56 9.18 10.23
N PHE A 23 -12.95 9.99 9.38
CA PHE A 23 -13.48 10.42 8.11
C PHE A 23 -14.78 11.22 8.23
N ASP A 24 -14.69 12.42 8.80
CA ASP A 24 -15.87 13.27 8.99
C ASP A 24 -15.91 14.36 7.91
N ARG A 25 -14.76 14.98 7.61
CA ARG A 25 -14.69 16.12 6.70
C ARG A 25 -15.13 15.79 5.27
N PRO A 26 -15.50 16.81 4.48
CA PRO A 26 -15.74 16.67 3.04
C PRO A 26 -14.49 16.18 2.30
N ASP A 27 -13.29 16.57 2.74
CA ASP A 27 -12.02 16.09 2.19
C ASP A 27 -11.88 14.61 2.46
N GLU A 28 -12.19 14.19 3.69
CA GLU A 28 -12.06 12.82 4.12
C GLU A 28 -13.07 11.94 3.38
N TYR A 29 -14.24 12.47 3.02
CA TYR A 29 -15.24 11.78 2.24
C TYR A 29 -14.65 11.26 0.92
N ARG A 30 -13.70 12.00 0.32
CA ARG A 30 -12.96 11.46 -0.81
C ARG A 30 -12.18 10.22 -0.45
N TRP A 31 -11.57 10.16 0.74
CA TRP A 31 -10.80 9.02 1.15
C TRP A 31 -11.68 7.77 1.01
N TRP A 32 -12.93 7.79 1.47
CA TRP A 32 -13.86 6.67 1.34
C TRP A 32 -14.21 6.41 -0.10
N SER A 33 -14.59 7.43 -0.87
CA SER A 33 -15.02 7.23 -2.24
C SER A 33 -13.89 6.66 -3.11
N GLU A 34 -12.70 7.27 -3.05
CA GLU A 34 -11.53 6.82 -3.80
C GLU A 34 -11.10 5.43 -3.32
N ASN A 35 -11.25 5.14 -2.02
CA ASN A 35 -10.98 3.82 -1.45
C ASN A 35 -11.96 2.78 -1.99
N SER A 36 -13.26 3.02 -1.84
CA SER A 36 -14.34 2.08 -2.17
C SER A 36 -14.27 1.64 -3.63
N ALA A 37 -13.73 2.47 -4.51
CA ALA A 37 -13.56 2.19 -5.91
C ALA A 37 -12.73 0.91 -6.14
N ARG A 38 -11.68 0.70 -5.33
CA ARG A 38 -10.71 -0.39 -5.46
C ARG A 38 -10.40 -0.99 -4.08
N TYR A 39 -9.62 -0.30 -3.24
CA TYR A 39 -9.15 -0.67 -1.90
C TYR A 39 -8.42 -2.01 -1.83
N PRO A 40 -7.07 -2.00 -1.78
CA PRO A 40 -6.29 -3.23 -1.79
C PRO A 40 -6.48 -4.09 -0.54
N ASN A 41 -6.75 -3.49 0.63
CA ASN A 41 -6.81 -4.06 1.99
C ASN A 41 -5.64 -4.88 2.51
N ARG A 42 -4.64 -5.23 1.72
CA ARG A 42 -3.47 -5.94 2.22
C ARG A 42 -2.22 -5.36 1.62
N VAL A 43 -1.11 -5.79 2.20
CA VAL A 43 0.22 -5.40 1.85
C VAL A 43 1.04 -6.66 1.67
N TYR A 44 2.22 -6.56 1.09
CA TYR A 44 3.18 -7.63 0.87
C TYR A 44 4.49 -7.19 1.51
N TYR A 45 5.32 -8.16 1.86
CA TYR A 45 6.61 -7.90 2.49
C TYR A 45 7.62 -8.90 1.93
N ARG A 46 8.90 -8.54 1.88
CA ARG A 46 9.94 -9.50 1.48
C ARG A 46 10.33 -10.44 2.61
N ASP A 47 9.84 -10.16 3.82
CA ASP A 47 10.39 -10.44 5.14
C ASP A 47 11.90 -10.28 5.18
N TYR A 48 12.35 -9.20 5.81
CA TYR A 48 13.77 -8.97 6.00
C TYR A 48 14.34 -9.97 7.01
N SER A 49 15.66 -10.04 7.07
CA SER A 49 16.36 -11.10 7.76
C SER A 49 16.29 -10.97 9.28
N SER A 50 16.01 -9.77 9.84
CA SER A 50 15.87 -9.43 11.26
C SER A 50 16.53 -8.06 11.48
N PRO A 51 17.85 -7.89 11.22
CA PRO A 51 18.51 -6.61 11.32
C PRO A 51 18.14 -5.70 10.13
N VAL A 52 16.89 -5.22 10.10
CA VAL A 52 16.49 -4.08 9.29
C VAL A 52 15.51 -3.22 10.11
N PRO A 53 15.51 -1.89 9.98
CA PRO A 53 14.57 -1.00 10.66
C PRO A 53 13.10 -1.27 10.31
N GLN A 54 12.18 -0.81 11.15
CA GLN A 54 10.76 -0.78 10.81
C GLN A 54 10.54 0.16 9.64
N ASP A 55 11.23 1.30 9.59
CA ASP A 55 10.96 2.28 8.55
C ASP A 55 11.22 1.72 7.17
N VAL A 56 12.37 1.09 6.95
CA VAL A 56 12.65 0.44 5.68
C VAL A 56 11.75 -0.78 5.49
N PHE A 57 11.43 -1.54 6.55
CA PHE A 57 10.55 -2.71 6.39
C PHE A 57 9.20 -2.25 5.82
N VAL A 58 8.59 -1.22 6.44
CA VAL A 58 7.32 -0.67 6.03
C VAL A 58 7.45 -0.02 4.65
N ALA A 59 8.52 0.72 4.37
CA ALA A 59 8.71 1.36 3.08
C ALA A 59 8.83 0.32 1.96
N ASP A 60 9.60 -0.74 2.17
CA ASP A 60 9.77 -1.86 1.24
C ASP A 60 8.46 -2.61 1.04
N CYS A 61 7.75 -2.87 2.14
CA CYS A 61 6.45 -3.52 2.16
C CYS A 61 5.50 -2.74 1.26
N PHE A 62 5.48 -1.42 1.45
CA PHE A 62 4.69 -0.53 0.63
C PHE A 62 5.15 -0.60 -0.82
N ASN A 63 6.46 -0.48 -1.07
CA ASN A 63 7.02 -0.48 -2.43
C ASN A 63 6.53 -1.69 -3.21
N ILE A 64 6.63 -2.89 -2.63
CA ILE A 64 6.23 -4.14 -3.28
C ILE A 64 4.73 -4.12 -3.55
N THR A 65 3.93 -3.80 -2.53
CA THR A 65 2.49 -3.75 -2.65
C THR A 65 2.07 -2.78 -3.77
N VAL A 66 2.63 -1.56 -3.81
CA VAL A 66 2.26 -0.60 -4.84
C VAL A 66 2.75 -1.06 -6.22
N THR A 67 3.89 -1.75 -6.27
CA THR A 67 4.43 -2.32 -7.48
C THR A 67 3.46 -3.36 -8.05
N GLU A 68 3.02 -4.31 -7.24
CA GLU A 68 2.24 -5.44 -7.69
C GLU A 68 0.81 -5.06 -8.04
N TYR A 69 0.20 -4.14 -7.27
CA TYR A 69 -1.06 -3.53 -7.70
C TYR A 69 -0.86 -2.55 -8.87
N SER A 70 0.38 -2.24 -9.26
CA SER A 70 0.76 -1.22 -10.24
C SER A 70 -0.04 0.06 -10.04
N ILE A 71 0.34 0.79 -9.00
CA ILE A 71 -0.27 2.04 -8.59
C ILE A 71 0.80 3.10 -8.34
N GLY A 72 0.49 4.36 -8.65
CA GLY A 72 1.20 5.53 -8.15
C GLY A 72 2.70 5.48 -8.40
N PRO A 73 3.54 5.73 -7.38
CA PRO A 73 4.99 5.94 -7.53
C PRO A 73 5.77 4.65 -7.87
N ALA A 74 5.10 3.62 -8.40
CA ALA A 74 5.63 2.32 -8.75
C ALA A 74 5.22 1.91 -10.16
N ALA A 75 3.92 2.04 -10.49
CA ALA A 75 3.34 1.60 -11.76
C ALA A 75 4.09 2.13 -12.96
N LYS A 76 4.42 3.42 -12.92
CA LYS A 76 5.36 4.03 -13.83
C LYS A 76 6.36 4.80 -12.98
N LYS A 77 7.11 4.03 -12.16
CA LYS A 77 8.22 4.60 -11.44
C LYS A 77 9.27 4.94 -12.48
N ASN A 78 9.74 6.18 -12.41
CA ASN A 78 11.03 6.58 -12.92
C ASN A 78 11.37 7.93 -12.39
N THR A 79 10.51 8.87 -12.74
CA THR A 79 10.41 10.10 -12.00
C THR A 79 9.00 10.71 -12.08
N SER A 80 8.88 11.83 -11.39
CA SER A 80 7.74 12.68 -11.12
C SER A 80 7.45 13.59 -12.31
N GLU A 81 6.58 13.16 -13.22
CA GLU A 81 6.13 14.00 -14.32
C GLU A 81 4.89 14.79 -13.88
N ALA A 82 3.79 14.10 -13.57
CA ALA A 82 2.46 14.67 -13.37
C ALA A 82 1.99 15.38 -14.64
N VAL A 83 1.79 14.58 -15.68
CA VAL A 83 1.08 14.93 -16.88
C VAL A 83 -0.42 14.89 -16.52
N ALA A 84 -1.29 15.22 -17.46
CA ALA A 84 -2.71 14.99 -17.30
C ALA A 84 -3.11 13.66 -17.95
N ALA A 85 -4.13 13.04 -17.38
CA ALA A 85 -5.03 12.12 -18.07
C ALA A 85 -6.40 12.19 -17.40
N ALA A 86 -6.40 12.15 -16.05
CA ALA A 86 -7.54 11.80 -15.22
C ALA A 86 -7.61 12.70 -13.97
N ASN A 87 -7.36 14.01 -14.12
CA ASN A 87 -7.35 15.04 -13.11
C ASN A 87 -6.23 14.82 -12.11
N GLN A 88 -5.20 15.66 -12.16
CA GLN A 88 -4.05 15.51 -11.29
C GLN A 88 -4.39 15.52 -9.80
N THR A 89 -5.46 16.20 -9.38
CA THR A 89 -5.86 16.23 -7.98
C THR A 89 -6.52 14.92 -7.55
N GLU A 90 -7.22 14.30 -8.49
CA GLU A 90 -8.00 13.10 -8.26
C GLU A 90 -7.07 11.89 -8.21
N VAL A 91 -6.19 11.74 -9.20
CA VAL A 91 -5.23 10.64 -9.21
C VAL A 91 -4.35 10.73 -7.97
N GLU A 92 -3.94 11.95 -7.61
CA GLU A 92 -3.11 12.26 -6.45
C GLU A 92 -3.86 11.92 -5.17
N MET A 93 -5.18 12.12 -5.11
CA MET A 93 -5.92 11.79 -3.93
C MET A 93 -6.00 10.27 -3.80
N GLU A 94 -6.39 9.56 -4.85
CA GLU A 94 -6.39 8.09 -4.87
C GLU A 94 -4.98 7.57 -4.52
N ASN A 95 -3.94 8.27 -4.97
CA ASN A 95 -2.54 8.02 -4.64
C ASN A 95 -2.36 8.05 -3.14
N LYS A 96 -2.79 9.14 -2.49
CA LYS A 96 -2.59 9.28 -1.07
C LYS A 96 -3.42 8.27 -0.32
N VAL A 97 -4.66 8.02 -0.73
CA VAL A 97 -5.50 7.03 -0.11
C VAL A 97 -4.75 5.70 -0.11
N VAL A 98 -4.25 5.25 -1.27
CA VAL A 98 -3.65 3.94 -1.37
C VAL A 98 -2.25 3.89 -0.73
N THR A 99 -1.38 4.89 -0.92
CA THR A 99 -0.07 4.95 -0.28
C THR A 99 -0.23 4.94 1.25
N LYS A 100 -1.15 5.74 1.80
CA LYS A 100 -1.44 5.81 3.22
C LYS A 100 -1.99 4.47 3.70
N VAL A 101 -2.96 3.87 3.02
CA VAL A 101 -3.53 2.59 3.47
C VAL A 101 -2.42 1.55 3.52
N ILE A 102 -1.59 1.43 2.49
CA ILE A 102 -0.58 0.40 2.40
C ILE A 102 0.45 0.67 3.50
N ARG A 103 0.98 1.90 3.59
CA ARG A 103 1.92 2.25 4.64
C ARG A 103 1.35 2.12 6.05
N GLU A 104 0.06 2.33 6.29
CA GLU A 104 -0.51 2.08 7.60
C GLU A 104 -0.56 0.57 7.82
N MET A 105 -1.07 -0.19 6.86
CA MET A 105 -1.30 -1.62 7.01
C MET A 105 0.02 -2.41 7.14
N CYS A 106 1.12 -1.93 6.55
CA CYS A 106 2.45 -2.44 6.82
C CYS A 106 2.89 -2.16 8.26
N VAL A 107 2.42 -1.08 8.88
CA VAL A 107 2.63 -0.80 10.30
C VAL A 107 1.69 -1.67 11.13
N GLN A 108 0.46 -1.96 10.66
CA GLN A 108 -0.51 -2.79 11.40
C GLN A 108 0.06 -4.19 11.64
N GLN A 109 0.73 -4.79 10.65
CA GLN A 109 1.33 -6.10 10.85
C GLN A 109 2.48 -6.00 11.87
N TYR A 110 3.21 -4.89 11.82
CA TYR A 110 4.35 -4.65 12.65
C TYR A 110 3.97 -4.45 14.12
N ARG A 111 2.96 -3.62 14.40
CA ARG A 111 2.52 -3.33 15.77
C ARG A 111 1.99 -4.60 16.44
N GLU A 112 1.43 -5.50 15.64
CA GLU A 112 0.89 -6.76 16.09
C GLU A 112 2.02 -7.62 16.63
N TYR A 113 3.10 -7.74 15.84
CA TYR A 113 4.25 -8.55 16.21
C TYR A 113 4.88 -7.94 17.46
N ARG A 114 4.98 -6.61 17.53
CA ARG A 114 5.62 -5.88 18.63
C ARG A 114 4.98 -6.25 19.97
N LEU A 115 3.65 -6.28 20.03
CA LEU A 115 2.91 -6.69 21.22
C LEU A 115 3.21 -8.16 21.54
N ALA A 116 3.13 -9.02 20.51
CA ALA A 116 3.15 -10.47 20.59
C ALA A 116 2.08 -11.03 21.54
N SER A 117 0.85 -10.54 21.38
CA SER A 117 -0.33 -11.37 21.55
C SER A 117 -0.82 -11.68 20.15
N GLY A 1 5.08 -19.09 -18.36
CA GLY A 1 6.19 -19.03 -17.40
C GLY A 1 5.69 -19.34 -16.01
N SER A 2 6.39 -20.16 -15.23
CA SER A 2 5.87 -20.77 -13.99
C SER A 2 5.70 -19.78 -12.83
N VAL A 3 5.77 -18.47 -13.05
CA VAL A 3 5.24 -17.50 -12.11
C VAL A 3 3.72 -17.57 -12.19
N VAL A 4 3.06 -16.95 -11.24
CA VAL A 4 1.61 -16.79 -11.25
C VAL A 4 1.28 -15.41 -10.67
N GLY A 5 2.18 -14.44 -10.90
CA GLY A 5 2.15 -13.16 -10.23
C GLY A 5 2.05 -13.36 -8.72
N GLY A 6 3.00 -14.13 -8.18
CA GLY A 6 3.12 -14.56 -6.80
C GLY A 6 4.31 -15.50 -6.72
N LEU A 7 4.89 -15.65 -5.53
CA LEU A 7 6.07 -16.49 -5.23
C LEU A 7 7.36 -16.06 -5.92
N GLY A 8 7.27 -15.22 -6.94
CA GLY A 8 8.36 -14.84 -7.82
C GLY A 8 9.13 -13.62 -7.33
N GLY A 9 8.55 -12.89 -6.38
CA GLY A 9 9.13 -11.73 -5.73
C GLY A 9 8.95 -11.86 -4.22
N TYR A 10 7.84 -11.36 -3.69
CA TYR A 10 7.71 -11.05 -2.26
C TYR A 10 6.67 -11.94 -1.59
N ALA A 11 6.56 -11.88 -0.26
CA ALA A 11 5.56 -12.63 0.50
C ALA A 11 4.24 -11.87 0.41
N MET A 12 3.16 -12.54 0.01
CA MET A 12 1.84 -11.95 -0.05
C MET A 12 1.29 -11.84 1.37
N GLY A 13 0.65 -10.72 1.67
CA GLY A 13 -0.01 -10.46 2.93
C GLY A 13 -1.40 -11.07 2.97
N ARG A 14 -2.09 -10.84 4.08
CA ARG A 14 -3.43 -11.34 4.30
C ARG A 14 -4.45 -10.25 3.98
N VAL A 15 -5.72 -10.61 3.91
CA VAL A 15 -6.83 -9.67 3.77
C VAL A 15 -6.92 -8.86 5.05
N MET A 16 -6.83 -7.55 4.92
CA MET A 16 -6.83 -6.60 6.03
C MET A 16 -7.45 -5.27 5.58
N SER A 17 -8.79 -5.21 5.59
CA SER A 17 -9.56 -4.01 5.25
C SER A 17 -10.49 -3.58 6.39
N GLY A 18 -11.14 -2.43 6.28
CA GLY A 18 -11.98 -1.86 7.33
C GLY A 18 -11.17 -1.65 8.60
N MET A 19 -9.98 -1.09 8.48
CA MET A 19 -9.17 -0.64 9.58
C MET A 19 -9.80 0.66 10.08
N ASN A 20 -9.52 0.95 11.34
CA ASN A 20 -10.17 1.99 12.14
C ASN A 20 -10.16 3.35 11.44
N TYR A 21 -8.98 3.97 11.31
CA TYR A 21 -8.84 5.37 10.91
C TYR A 21 -9.87 6.26 11.66
N HIS A 22 -10.46 7.24 10.97
CA HIS A 22 -11.46 8.15 11.49
C HIS A 22 -12.34 8.57 10.31
N PHE A 23 -11.79 9.44 9.45
CA PHE A 23 -12.42 10.03 8.28
C PHE A 23 -13.72 10.77 8.62
N ASP A 24 -13.57 11.83 9.41
CA ASP A 24 -14.66 12.59 10.04
C ASP A 24 -15.05 13.85 9.27
N ARG A 25 -14.19 14.34 8.39
CA ARG A 25 -14.36 15.55 7.60
C ARG A 25 -14.84 15.25 6.19
N PRO A 26 -15.28 16.26 5.45
CA PRO A 26 -15.71 16.10 4.07
C PRO A 26 -14.53 15.71 3.18
N ASP A 27 -13.40 16.40 3.32
CA ASP A 27 -12.25 16.11 2.48
C ASP A 27 -11.63 14.77 2.91
N GLU A 28 -11.73 14.41 4.20
CA GLU A 28 -11.46 13.05 4.65
C GLU A 28 -12.45 12.01 4.10
N TYR A 29 -13.72 12.35 3.84
CA TYR A 29 -14.67 11.46 3.17
C TYR A 29 -14.08 11.04 1.83
N ARG A 30 -13.44 11.99 1.12
CA ARG A 30 -12.76 11.65 -0.12
C ARG A 30 -11.71 10.58 0.09
N TRP A 31 -11.05 10.49 1.25
CA TRP A 31 -10.15 9.37 1.51
C TRP A 31 -10.92 8.06 1.29
N TRP A 32 -12.09 7.91 1.93
CA TRP A 32 -12.94 6.73 1.83
C TRP A 32 -13.47 6.51 0.41
N SER A 33 -13.93 7.56 -0.26
CA SER A 33 -14.49 7.45 -1.60
C SER A 33 -13.40 7.09 -2.63
N GLU A 34 -12.27 7.80 -2.61
CA GLU A 34 -11.14 7.61 -3.51
C GLU A 34 -10.50 6.23 -3.20
N ASN A 35 -10.59 5.75 -1.96
CA ASN A 35 -10.30 4.37 -1.57
C ASN A 35 -11.11 3.38 -2.39
N SER A 36 -12.43 3.57 -2.44
CA SER A 36 -13.37 2.70 -3.13
C SER A 36 -12.98 2.50 -4.61
N ALA A 37 -12.29 3.46 -5.23
CA ALA A 37 -11.78 3.35 -6.58
C ALA A 37 -10.84 2.14 -6.77
N ARG A 38 -10.18 1.67 -5.71
CA ARG A 38 -9.04 0.77 -5.76
C ARG A 38 -9.13 -0.31 -4.68
N TYR A 39 -8.86 0.08 -3.44
CA TYR A 39 -8.75 -0.73 -2.21
C TYR A 39 -7.98 -2.05 -2.38
N PRO A 40 -6.64 -2.05 -2.20
CA PRO A 40 -5.80 -3.25 -2.40
C PRO A 40 -5.88 -4.28 -1.27
N ASN A 41 -6.45 -3.92 -0.11
CA ASN A 41 -6.56 -4.61 1.21
C ASN A 41 -5.40 -5.40 1.74
N ARG A 42 -4.37 -5.73 0.97
CA ARG A 42 -3.28 -6.60 1.35
C ARG A 42 -2.02 -5.96 0.83
N VAL A 43 -0.90 -6.46 1.30
CA VAL A 43 0.38 -5.82 1.15
C VAL A 43 1.41 -6.92 0.91
N TYR A 44 2.44 -6.65 0.12
CA TYR A 44 3.54 -7.57 -0.14
C TYR A 44 4.73 -7.08 0.67
N TYR A 45 5.48 -8.01 1.27
CA TYR A 45 6.55 -7.68 2.21
C TYR A 45 7.72 -8.61 1.98
N ARG A 46 8.92 -8.12 2.30
CA ARG A 46 10.18 -8.87 2.21
C ARG A 46 10.61 -9.40 3.58
N ASP A 47 9.67 -9.40 4.53
CA ASP A 47 9.71 -9.96 5.89
C ASP A 47 11.13 -10.00 6.45
N TYR A 48 11.62 -8.83 6.87
CA TYR A 48 13.00 -8.65 7.30
C TYR A 48 13.32 -9.54 8.50
N SER A 49 14.61 -9.80 8.70
CA SER A 49 15.12 -10.76 9.65
C SER A 49 14.59 -10.55 11.08
N SER A 50 14.51 -9.30 11.58
CA SER A 50 14.18 -8.91 12.95
C SER A 50 14.91 -7.62 13.33
N PRO A 51 16.25 -7.54 13.27
CA PRO A 51 17.00 -6.36 13.66
C PRO A 51 16.92 -5.35 12.51
N VAL A 52 15.73 -4.79 12.29
CA VAL A 52 15.52 -3.68 11.39
C VAL A 52 14.46 -2.78 12.06
N PRO A 53 14.48 -1.45 11.86
CA PRO A 53 13.43 -0.55 12.31
C PRO A 53 12.09 -0.89 11.66
N GLN A 54 10.99 -0.47 12.31
CA GLN A 54 9.71 -0.52 11.64
C GLN A 54 9.72 0.40 10.41
N ASP A 55 10.40 1.54 10.48
CA ASP A 55 10.30 2.57 9.43
C ASP A 55 10.82 2.03 8.12
N VAL A 56 12.01 1.42 8.12
CA VAL A 56 12.55 0.81 6.91
C VAL A 56 11.65 -0.38 6.52
N PHE A 57 11.16 -1.17 7.49
CA PHE A 57 10.29 -2.31 7.21
C PHE A 57 9.07 -1.85 6.41
N VAL A 58 8.37 -0.83 6.90
CA VAL A 58 7.18 -0.25 6.29
C VAL A 58 7.53 0.41 4.98
N ALA A 59 8.57 1.25 4.94
CA ALA A 59 8.87 2.08 3.79
C ALA A 59 9.23 1.23 2.58
N ASP A 60 10.01 0.15 2.76
CA ASP A 60 10.28 -0.80 1.69
C ASP A 60 9.06 -1.67 1.39
N CYS A 61 8.33 -2.13 2.42
CA CYS A 61 7.13 -2.97 2.27
C CYS A 61 6.12 -2.25 1.37
N PHE A 62 5.94 -0.96 1.60
CA PHE A 62 5.10 -0.12 0.80
C PHE A 62 5.63 -0.03 -0.61
N ASN A 63 6.93 0.30 -0.78
CA ASN A 63 7.51 0.49 -2.10
C ASN A 63 7.39 -0.78 -2.94
N ILE A 64 7.54 -1.94 -2.32
CA ILE A 64 7.35 -3.25 -2.93
C ILE A 64 5.89 -3.43 -3.31
N THR A 65 4.95 -3.23 -2.38
CA THR A 65 3.54 -3.42 -2.65
C THR A 65 3.06 -2.54 -3.81
N VAL A 66 3.50 -1.28 -3.85
CA VAL A 66 3.09 -0.41 -4.94
C VAL A 66 3.72 -0.84 -6.26
N THR A 67 4.96 -1.33 -6.22
CA THR A 67 5.63 -1.90 -7.36
C THR A 67 4.80 -3.06 -7.90
N GLU A 68 4.35 -3.97 -7.03
CA GLU A 68 3.64 -5.18 -7.40
C GLU A 68 2.33 -4.85 -8.12
N TYR A 69 1.62 -3.81 -7.68
CA TYR A 69 0.39 -3.33 -8.32
C TYR A 69 0.68 -2.29 -9.43
N SER A 70 1.92 -1.85 -9.62
CA SER A 70 2.35 -0.72 -10.43
C SER A 70 1.54 0.57 -10.17
N ILE A 71 1.63 1.09 -8.95
CA ILE A 71 0.91 2.27 -8.43
C ILE A 71 1.91 3.19 -7.72
N GLY A 72 1.43 4.31 -7.16
CA GLY A 72 2.23 5.15 -6.30
C GLY A 72 3.44 5.76 -7.01
N PRO A 73 4.53 6.03 -6.28
CA PRO A 73 5.76 6.62 -6.82
C PRO A 73 6.65 5.60 -7.55
N ALA A 74 6.33 4.30 -7.50
CA ALA A 74 7.19 3.19 -7.86
C ALA A 74 6.32 2.23 -8.66
N ALA A 75 6.00 2.62 -9.89
CA ALA A 75 5.17 1.83 -10.79
C ALA A 75 6.01 1.22 -11.92
N LYS A 76 6.60 2.06 -12.76
CA LYS A 76 7.26 1.68 -14.00
C LYS A 76 8.72 2.17 -13.96
N LYS A 77 9.26 2.70 -15.07
CA LYS A 77 10.55 3.39 -15.02
C LYS A 77 10.44 4.70 -14.26
N ASN A 78 9.33 5.40 -14.46
CA ASN A 78 9.15 6.81 -14.11
C ASN A 78 7.69 7.21 -14.40
N THR A 79 7.44 8.51 -14.53
CA THR A 79 6.17 9.09 -14.90
C THR A 79 6.22 9.39 -16.40
N SER A 80 5.61 8.52 -17.21
CA SER A 80 5.57 8.64 -18.66
C SER A 80 4.30 8.08 -19.31
N GLU A 81 3.24 7.76 -18.56
CA GLU A 81 2.00 7.29 -19.20
C GLU A 81 0.72 7.69 -18.44
N ALA A 82 0.86 8.34 -17.28
CA ALA A 82 -0.20 8.92 -16.49
C ALA A 82 0.28 10.33 -16.12
N VAL A 83 0.21 10.74 -14.85
CA VAL A 83 0.61 12.00 -14.17
C VAL A 83 -0.64 12.79 -13.73
N ALA A 84 -1.81 12.34 -14.17
CA ALA A 84 -3.07 13.03 -14.14
C ALA A 84 -4.14 12.14 -14.77
N ALA A 85 -3.77 11.40 -15.82
CA ALA A 85 -4.58 10.47 -16.61
C ALA A 85 -5.81 11.11 -17.25
N ALA A 86 -6.76 11.58 -16.45
CA ALA A 86 -7.85 12.45 -16.89
C ALA A 86 -8.31 13.46 -15.84
N ASN A 87 -7.75 13.39 -14.63
CA ASN A 87 -8.15 14.11 -13.44
C ASN A 87 -7.04 14.03 -12.39
N GLN A 88 -6.32 15.13 -12.23
CA GLN A 88 -5.10 15.14 -11.44
C GLN A 88 -5.34 15.05 -9.94
N THR A 89 -6.47 15.55 -9.43
CA THR A 89 -6.81 15.41 -8.01
C THR A 89 -7.29 14.00 -7.68
N GLU A 90 -8.06 13.40 -8.58
CA GLU A 90 -8.57 12.05 -8.36
C GLU A 90 -7.38 11.11 -8.23
N VAL A 91 -6.47 11.15 -9.20
CA VAL A 91 -5.34 10.22 -9.20
C VAL A 91 -4.43 10.55 -8.03
N GLU A 92 -4.30 11.84 -7.69
CA GLU A 92 -3.47 12.30 -6.59
C GLU A 92 -4.01 11.74 -5.28
N MET A 93 -5.31 11.87 -5.04
CA MET A 93 -5.87 11.49 -3.80
C MET A 93 -5.97 9.98 -3.73
N GLU A 94 -6.31 9.30 -4.82
CA GLU A 94 -6.15 7.87 -4.96
C GLU A 94 -4.71 7.48 -4.61
N ASN A 95 -3.71 8.21 -5.10
CA ASN A 95 -2.30 7.99 -4.86
C ASN A 95 -2.03 8.07 -3.37
N LYS A 96 -2.44 9.17 -2.73
CA LYS A 96 -2.17 9.36 -1.31
C LYS A 96 -2.95 8.39 -0.46
N VAL A 97 -4.16 8.03 -0.85
CA VAL A 97 -4.97 7.06 -0.18
C VAL A 97 -4.23 5.72 -0.24
N VAL A 98 -3.86 5.24 -1.43
CA VAL A 98 -3.30 3.91 -1.59
C VAL A 98 -1.91 3.84 -0.95
N THR A 99 -1.06 4.86 -1.13
CA THR A 99 0.24 4.91 -0.48
C THR A 99 0.06 4.84 1.05
N LYS A 100 -0.90 5.57 1.63
CA LYS A 100 -1.20 5.52 3.05
C LYS A 100 -1.75 4.16 3.44
N VAL A 101 -2.72 3.58 2.72
CA VAL A 101 -3.35 2.32 3.12
C VAL A 101 -2.31 1.21 3.18
N ILE A 102 -1.42 1.16 2.19
CA ILE A 102 -0.37 0.17 2.07
C ILE A 102 0.61 0.36 3.21
N ARG A 103 1.11 1.59 3.42
CA ARG A 103 2.01 1.86 4.54
C ARG A 103 1.35 1.45 5.84
N GLU A 104 0.16 1.95 6.11
CA GLU A 104 -0.57 1.67 7.33
C GLU A 104 -0.76 0.16 7.48
N MET A 105 -1.01 -0.61 6.41
CA MET A 105 -1.05 -2.06 6.49
C MET A 105 0.29 -2.64 6.96
N CYS A 106 1.41 -2.19 6.40
CA CYS A 106 2.73 -2.62 6.87
C CYS A 106 2.94 -2.25 8.35
N VAL A 107 2.34 -1.16 8.84
CA VAL A 107 2.37 -0.80 10.24
C VAL A 107 1.49 -1.82 11.01
N GLN A 108 0.28 -2.07 10.52
CA GLN A 108 -0.75 -2.92 11.11
C GLN A 108 -0.29 -4.39 11.21
N GLN A 109 0.44 -4.91 10.22
CA GLN A 109 0.92 -6.28 10.29
C GLN A 109 1.99 -6.39 11.38
N TYR A 110 2.85 -5.37 11.46
CA TYR A 110 3.97 -5.33 12.38
C TYR A 110 3.47 -5.21 13.82
N ARG A 111 2.51 -4.32 14.05
CA ARG A 111 1.95 -4.07 15.36
C ARG A 111 1.21 -5.30 15.89
N GLU A 112 0.72 -6.20 15.02
CA GLU A 112 0.16 -7.47 15.48
C GLU A 112 1.24 -8.29 16.16
N TYR A 113 2.44 -8.41 15.59
CA TYR A 113 3.54 -9.06 16.27
C TYR A 113 3.85 -8.36 17.58
N ARG A 114 3.89 -7.03 17.52
CA ARG A 114 4.12 -6.22 18.72
C ARG A 114 3.03 -6.42 19.80
N LEU A 115 1.86 -6.95 19.47
CA LEU A 115 0.73 -7.16 20.38
C LEU A 115 0.72 -8.60 20.87
N ALA A 116 0.83 -9.55 19.93
CA ALA A 116 0.87 -10.98 20.15
C ALA A 116 2.14 -11.34 20.91
N SER A 117 1.95 -11.83 22.14
CA SER A 117 2.94 -12.57 22.90
C SER A 117 3.61 -13.64 22.04
N GLY A 1 -3.20 -29.81 -13.00
CA GLY A 1 -2.14 -28.82 -13.18
C GLY A 1 -1.48 -28.49 -11.85
N SER A 2 -0.21 -28.11 -11.89
CA SER A 2 0.51 -27.58 -10.74
C SER A 2 1.48 -26.50 -11.24
N VAL A 3 2.08 -25.76 -10.32
CA VAL A 3 2.89 -24.60 -10.64
C VAL A 3 4.20 -24.67 -9.84
N VAL A 4 5.23 -23.97 -10.29
CA VAL A 4 6.56 -24.07 -9.69
C VAL A 4 6.71 -23.14 -8.48
N GLY A 5 5.67 -22.40 -8.11
CA GLY A 5 5.78 -21.32 -7.15
C GLY A 5 6.50 -20.14 -7.81
N GLY A 6 5.98 -19.71 -8.97
CA GLY A 6 6.49 -18.56 -9.73
C GLY A 6 5.42 -17.49 -9.90
N LEU A 7 4.72 -17.14 -8.82
CA LEU A 7 3.51 -16.31 -8.82
C LEU A 7 3.56 -15.19 -7.77
N GLY A 8 4.59 -15.15 -6.95
CA GLY A 8 4.76 -14.17 -5.88
C GLY A 8 6.20 -14.24 -5.42
N GLY A 9 7.10 -13.64 -6.19
CA GLY A 9 8.52 -13.58 -5.82
C GLY A 9 8.79 -12.68 -4.62
N TYR A 10 7.81 -11.91 -4.14
CA TYR A 10 7.84 -11.19 -2.89
C TYR A 10 6.80 -11.85 -1.97
N ALA A 11 6.96 -11.71 -0.66
CA ALA A 11 6.10 -12.38 0.32
C ALA A 11 4.80 -11.57 0.46
N MET A 12 3.66 -12.26 0.60
CA MET A 12 2.33 -11.67 0.60
C MET A 12 1.71 -11.78 1.99
N GLY A 13 1.03 -10.72 2.43
CA GLY A 13 0.34 -10.65 3.71
C GLY A 13 -0.98 -11.42 3.70
N ARG A 14 -1.84 -11.10 4.65
CA ARG A 14 -3.20 -11.61 4.75
C ARG A 14 -4.20 -10.49 4.54
N VAL A 15 -5.49 -10.80 4.40
CA VAL A 15 -6.56 -9.82 4.36
C VAL A 15 -6.60 -9.22 5.76
N MET A 16 -6.44 -7.91 5.79
CA MET A 16 -6.24 -7.17 7.03
C MET A 16 -6.95 -5.81 7.02
N SER A 17 -7.98 -5.66 6.20
CA SER A 17 -8.79 -4.49 5.97
C SER A 17 -9.74 -4.30 7.13
N GLY A 18 -10.36 -3.13 7.17
CA GLY A 18 -11.34 -2.77 8.18
C GLY A 18 -10.99 -1.38 8.65
N MET A 19 -9.82 -1.28 9.32
CA MET A 19 -9.26 -0.14 10.07
C MET A 19 -10.28 0.97 10.36
N ASN A 20 -10.66 1.08 11.63
CA ASN A 20 -11.59 2.13 12.04
C ASN A 20 -11.05 3.50 11.60
N TYR A 21 -11.79 4.21 10.75
CA TYR A 21 -11.46 5.52 10.23
C TYR A 21 -12.73 6.36 10.22
N HIS A 22 -12.60 7.66 10.52
CA HIS A 22 -13.70 8.60 10.58
C HIS A 22 -14.32 8.80 9.20
N PHE A 23 -13.70 9.63 8.35
CA PHE A 23 -14.07 9.83 6.95
C PHE A 23 -15.51 10.34 6.78
N ASP A 24 -16.00 11.09 7.77
CA ASP A 24 -17.37 11.58 7.83
C ASP A 24 -17.56 12.92 7.13
N ARG A 25 -16.60 13.83 7.28
CA ARG A 25 -16.61 15.13 6.62
C ARG A 25 -16.66 14.92 5.12
N PRO A 26 -17.14 15.88 4.33
CA PRO A 26 -17.27 15.70 2.89
C PRO A 26 -15.91 15.45 2.23
N ASP A 27 -14.89 16.19 2.67
CA ASP A 27 -13.52 16.05 2.20
C ASP A 27 -12.85 14.80 2.77
N GLU A 28 -13.20 14.39 3.99
CA GLU A 28 -12.66 13.18 4.60
C GLU A 28 -13.31 11.94 3.99
N TYR A 29 -14.56 12.03 3.55
CA TYR A 29 -15.32 11.05 2.78
C TYR A 29 -14.58 10.75 1.50
N ARG A 30 -13.90 11.75 0.92
CA ARG A 30 -13.05 11.51 -0.22
C ARG A 30 -12.01 10.43 0.08
N TRP A 31 -11.54 10.27 1.31
CA TRP A 31 -10.64 9.17 1.62
C TRP A 31 -11.36 7.85 1.33
N TRP A 32 -12.60 7.66 1.78
CA TRP A 32 -13.42 6.49 1.43
C TRP A 32 -13.66 6.40 -0.08
N SER A 33 -14.07 7.49 -0.73
CA SER A 33 -14.43 7.54 -2.14
C SER A 33 -13.23 7.11 -2.99
N GLU A 34 -12.05 7.68 -2.70
CA GLU A 34 -10.81 7.37 -3.41
C GLU A 34 -10.32 5.94 -3.05
N ASN A 35 -10.61 5.46 -1.83
CA ASN A 35 -10.24 4.12 -1.36
C ASN A 35 -11.07 3.05 -2.04
N SER A 36 -12.39 3.12 -1.95
CA SER A 36 -13.31 2.16 -2.55
C SER A 36 -13.10 2.03 -4.06
N ALA A 37 -12.60 3.07 -4.74
CA ALA A 37 -12.24 3.00 -6.14
C ALA A 37 -11.24 1.87 -6.42
N ARG A 38 -10.20 1.71 -5.58
CA ARG A 38 -9.21 0.64 -5.71
C ARG A 38 -8.99 0.02 -4.34
N TYR A 39 -8.06 0.55 -3.54
CA TYR A 39 -7.57 0.09 -2.24
C TYR A 39 -7.19 -1.41 -2.19
N PRO A 40 -5.90 -1.74 -2.05
CA PRO A 40 -5.46 -3.09 -1.77
C PRO A 40 -5.59 -3.34 -0.26
N ASN A 41 -6.49 -4.21 0.15
CA ASN A 41 -6.57 -4.73 1.53
C ASN A 41 -5.29 -5.37 2.07
N ARG A 42 -4.30 -5.78 1.27
CA ARG A 42 -3.06 -6.42 1.73
C ARG A 42 -1.83 -5.85 1.08
N VAL A 43 -0.66 -6.25 1.58
CA VAL A 43 0.63 -5.71 1.19
C VAL A 43 1.57 -6.87 0.85
N TYR A 44 2.70 -6.54 0.23
CA TYR A 44 3.82 -7.43 -0.04
C TYR A 44 5.05 -6.86 0.67
N TYR A 45 5.97 -7.74 1.08
CA TYR A 45 7.20 -7.40 1.79
C TYR A 45 8.35 -8.28 1.28
N ARG A 46 9.59 -7.89 1.61
CA ARG A 46 10.78 -8.68 1.32
C ARG A 46 11.10 -9.59 2.50
N ASP A 47 12.10 -10.44 2.31
CA ASP A 47 12.84 -11.08 3.39
C ASP A 47 13.90 -10.08 3.86
N TYR A 48 13.54 -9.14 4.72
CA TYR A 48 14.50 -8.17 5.25
C TYR A 48 15.49 -8.86 6.21
N SER A 49 16.65 -8.23 6.44
CA SER A 49 17.69 -8.79 7.30
C SER A 49 17.22 -9.07 8.74
N SER A 50 16.28 -8.28 9.27
CA SER A 50 15.61 -8.33 10.58
C SER A 50 15.91 -7.10 11.45
N PRO A 51 17.17 -6.68 11.65
CA PRO A 51 17.47 -5.45 12.37
C PRO A 51 17.26 -4.27 11.40
N VAL A 52 16.01 -3.98 11.04
CA VAL A 52 15.67 -2.85 10.18
C VAL A 52 14.44 -2.18 10.82
N PRO A 53 14.43 -0.84 10.99
CA PRO A 53 13.35 -0.14 11.65
C PRO A 53 12.12 -0.04 10.74
N GLN A 54 10.97 0.24 11.35
CA GLN A 54 9.71 0.28 10.64
C GLN A 54 9.67 1.35 9.55
N ASP A 55 10.46 2.43 9.62
CA ASP A 55 10.41 3.45 8.57
C ASP A 55 10.88 2.85 7.24
N VAL A 56 11.92 2.01 7.30
CA VAL A 56 12.48 1.34 6.14
C VAL A 56 11.55 0.22 5.69
N PHE A 57 11.16 -0.67 6.62
CA PHE A 57 10.30 -1.80 6.25
C PHE A 57 9.01 -1.27 5.65
N VAL A 58 8.31 -0.36 6.33
CA VAL A 58 7.02 0.09 5.88
C VAL A 58 7.18 0.81 4.55
N ALA A 59 8.17 1.67 4.36
CA ALA A 59 8.31 2.37 3.10
C ALA A 59 8.66 1.41 1.96
N ASP A 60 9.53 0.42 2.17
CA ASP A 60 9.90 -0.56 1.14
C ASP A 60 8.71 -1.49 0.84
N CYS A 61 7.99 -1.94 1.87
CA CYS A 61 6.77 -2.72 1.81
C CYS A 61 5.72 -1.96 0.99
N PHE A 62 5.60 -0.67 1.28
CA PHE A 62 4.72 0.22 0.55
C PHE A 62 5.16 0.28 -0.89
N ASN A 63 6.42 0.60 -1.14
CA ASN A 63 6.93 0.82 -2.48
C ASN A 63 6.58 -0.39 -3.33
N ILE A 64 6.88 -1.60 -2.85
CA ILE A 64 6.66 -2.86 -3.56
C ILE A 64 5.17 -3.08 -3.80
N THR A 65 4.32 -2.90 -2.80
CA THR A 65 2.88 -3.08 -2.95
C THR A 65 2.32 -2.10 -4.00
N VAL A 66 2.77 -0.85 -3.98
CA VAL A 66 2.31 0.19 -4.89
C VAL A 66 2.82 -0.14 -6.32
N THR A 67 4.08 -0.56 -6.44
CA THR A 67 4.71 -1.08 -7.64
C THR A 67 3.90 -2.25 -8.24
N GLU A 68 3.47 -3.22 -7.42
CA GLU A 68 2.78 -4.43 -7.87
C GLU A 68 1.43 -4.12 -8.53
N TYR A 69 0.73 -3.09 -8.05
CA TYR A 69 -0.53 -2.63 -8.63
C TYR A 69 -0.31 -1.56 -9.71
N SER A 70 0.95 -1.25 -10.04
CA SER A 70 1.41 -0.16 -10.87
C SER A 70 0.59 1.12 -10.63
N ILE A 71 0.76 1.67 -9.45
CA ILE A 71 0.20 2.92 -8.96
C ILE A 71 1.37 3.70 -8.35
N GLY A 72 1.21 5.00 -8.19
CA GLY A 72 2.06 5.79 -7.32
C GLY A 72 3.50 5.96 -7.82
N PRO A 73 4.36 6.59 -7.01
CA PRO A 73 5.71 7.04 -7.38
C PRO A 73 6.71 5.90 -7.64
N ALA A 74 6.26 4.67 -7.82
CA ALA A 74 7.08 3.49 -8.04
C ALA A 74 6.50 2.56 -9.13
N ALA A 75 5.44 2.99 -9.84
CA ALA A 75 4.74 2.17 -10.82
C ALA A 75 5.65 1.64 -11.92
N LYS A 76 6.26 2.56 -12.68
CA LYS A 76 7.17 2.26 -13.78
C LYS A 76 8.49 3.05 -13.68
N LYS A 77 8.60 3.95 -12.71
CA LYS A 77 9.50 5.09 -12.75
C LYS A 77 9.95 5.39 -11.32
N ASN A 78 11.10 6.06 -11.19
CA ASN A 78 11.83 6.20 -9.93
C ASN A 78 12.00 7.66 -9.53
N THR A 79 11.76 8.59 -10.45
CA THR A 79 11.81 10.02 -10.16
C THR A 79 10.76 10.81 -10.97
N SER A 80 9.69 10.14 -11.40
CA SER A 80 8.50 10.76 -11.94
C SER A 80 7.39 9.70 -11.86
N GLU A 81 6.22 9.98 -12.40
CA GLU A 81 5.09 9.05 -12.57
C GLU A 81 4.60 9.18 -14.01
N ALA A 82 4.54 10.42 -14.51
CA ALA A 82 3.94 10.80 -15.78
C ALA A 82 2.46 10.43 -15.80
N VAL A 83 1.74 10.89 -14.78
CA VAL A 83 0.32 10.65 -14.60
C VAL A 83 -0.41 11.99 -14.43
N ALA A 84 -1.63 12.07 -14.97
CA ALA A 84 -2.65 13.08 -14.70
C ALA A 84 -4.04 12.52 -14.86
N ALA A 85 -4.23 11.41 -15.59
CA ALA A 85 -5.48 10.71 -15.88
C ALA A 85 -6.58 11.65 -16.38
N ALA A 86 -7.19 12.44 -15.50
CA ALA A 86 -8.16 13.48 -15.83
C ALA A 86 -8.15 14.67 -14.86
N ASN A 87 -7.25 14.71 -13.88
CA ASN A 87 -7.05 15.78 -12.92
C ASN A 87 -5.90 15.48 -11.98
N GLN A 88 -4.86 16.29 -12.01
CA GLN A 88 -3.68 16.19 -11.17
C GLN A 88 -4.02 16.19 -9.66
N THR A 89 -5.10 16.86 -9.24
CA THR A 89 -5.57 16.81 -7.84
C THR A 89 -6.27 15.51 -7.50
N GLU A 90 -7.03 14.99 -8.45
CA GLU A 90 -7.78 13.74 -8.32
C GLU A 90 -6.77 12.60 -8.19
N VAL A 91 -5.80 12.52 -9.10
CA VAL A 91 -4.75 11.51 -9.03
C VAL A 91 -3.97 11.70 -7.75
N GLU A 92 -3.65 12.94 -7.35
CA GLU A 92 -2.91 13.24 -6.12
C GLU A 92 -3.61 12.59 -4.94
N MET A 93 -4.92 12.79 -4.80
CA MET A 93 -5.62 12.40 -3.65
C MET A 93 -5.69 10.88 -3.61
N GLU A 94 -6.11 10.23 -4.69
CA GLU A 94 -6.08 8.77 -4.77
C GLU A 94 -4.67 8.26 -4.49
N ASN A 95 -3.64 8.97 -4.95
CA ASN A 95 -2.25 8.66 -4.72
C ASN A 95 -1.96 8.61 -3.24
N LYS A 96 -2.31 9.67 -2.52
CA LYS A 96 -2.04 9.73 -1.09
C LYS A 96 -2.88 8.71 -0.36
N VAL A 97 -4.15 8.53 -0.72
CA VAL A 97 -4.98 7.52 -0.11
C VAL A 97 -4.25 6.21 -0.26
N VAL A 98 -3.87 5.82 -1.47
CA VAL A 98 -3.30 4.50 -1.68
C VAL A 98 -1.95 4.35 -0.97
N THR A 99 -1.08 5.37 -0.95
CA THR A 99 0.14 5.32 -0.13
C THR A 99 -0.20 5.00 1.32
N LYS A 100 -1.21 5.68 1.87
CA LYS A 100 -1.62 5.55 3.25
C LYS A 100 -2.38 4.25 3.51
N VAL A 101 -3.15 3.69 2.55
CA VAL A 101 -3.78 2.38 2.71
C VAL A 101 -2.66 1.39 3.06
N ILE A 102 -1.68 1.36 2.18
CA ILE A 102 -0.65 0.36 2.12
C ILE A 102 0.28 0.55 3.32
N ARG A 103 0.72 1.79 3.56
CA ARG A 103 1.56 2.10 4.70
C ARG A 103 0.83 1.74 5.99
N GLU A 104 -0.46 2.04 6.15
CA GLU A 104 -1.17 1.66 7.37
C GLU A 104 -1.06 0.16 7.55
N MET A 105 -1.37 -0.64 6.53
CA MET A 105 -1.32 -2.10 6.64
C MET A 105 0.08 -2.63 6.92
N CYS A 106 1.12 -2.13 6.25
CA CYS A 106 2.49 -2.53 6.55
C CYS A 106 2.84 -2.23 8.02
N VAL A 107 2.25 -1.19 8.63
CA VAL A 107 2.40 -0.92 10.06
C VAL A 107 1.53 -1.88 10.88
N GLN A 108 0.29 -2.14 10.45
CA GLN A 108 -0.64 -3.05 11.13
C GLN A 108 -0.03 -4.46 11.24
N GLN A 109 0.67 -4.94 10.20
CA GLN A 109 1.31 -6.24 10.26
C GLN A 109 2.45 -6.18 11.28
N TYR A 110 3.20 -5.08 11.28
CA TYR A 110 4.32 -4.89 12.16
C TYR A 110 3.83 -4.86 13.60
N ARG A 111 2.76 -4.13 13.93
CA ARG A 111 2.33 -4.00 15.31
C ARG A 111 1.79 -5.34 15.83
N GLU A 112 1.29 -6.22 14.96
CA GLU A 112 0.94 -7.60 15.30
C GLU A 112 2.19 -8.46 15.57
N TYR A 113 3.32 -8.15 14.93
CA TYR A 113 4.59 -8.84 15.14
C TYR A 113 5.18 -8.38 16.48
N ARG A 114 5.22 -7.06 16.68
CA ARG A 114 5.73 -6.36 17.84
C ARG A 114 5.05 -6.81 19.12
N LEU A 115 3.72 -6.91 19.08
CA LEU A 115 2.94 -7.43 20.19
C LEU A 115 3.15 -8.94 20.28
N ALA A 116 2.73 -9.67 19.23
CA ALA A 116 2.55 -11.11 19.21
C ALA A 116 1.54 -11.56 20.28
N SER A 117 0.26 -11.63 19.88
CA SER A 117 -0.85 -12.11 20.69
C SER A 117 -0.50 -13.49 21.23
N GLY A 1 10.28 -26.35 -7.52
CA GLY A 1 9.45 -25.61 -8.47
C GLY A 1 8.20 -26.42 -8.77
N SER A 2 7.61 -26.18 -9.95
CA SER A 2 6.26 -26.46 -10.44
C SER A 2 5.71 -25.12 -10.96
N VAL A 3 4.64 -25.16 -11.73
CA VAL A 3 3.76 -24.05 -11.96
C VAL A 3 2.78 -24.06 -10.78
N VAL A 4 2.84 -23.00 -9.96
CA VAL A 4 2.09 -22.70 -8.72
C VAL A 4 2.97 -21.77 -7.88
N GLY A 5 4.21 -22.16 -7.59
CA GLY A 5 5.01 -21.52 -6.54
C GLY A 5 5.50 -20.11 -6.88
N GLY A 6 5.43 -19.70 -8.15
CA GLY A 6 5.73 -18.33 -8.55
C GLY A 6 7.22 -17.98 -8.42
N LEU A 7 7.55 -16.71 -8.66
CA LEU A 7 8.92 -16.23 -8.55
C LEU A 7 9.39 -16.11 -7.10
N GLY A 8 8.45 -16.13 -6.16
CA GLY A 8 8.73 -15.85 -4.75
C GLY A 8 9.30 -14.45 -4.61
N GLY A 9 8.66 -13.46 -5.25
CA GLY A 9 9.13 -12.09 -5.27
C GLY A 9 9.18 -11.56 -3.86
N TYR A 10 8.03 -11.49 -3.19
CA TYR A 10 7.88 -10.93 -1.85
C TYR A 10 6.75 -11.72 -1.16
N ALA A 11 6.77 -11.79 0.18
CA ALA A 11 5.71 -12.42 0.96
C ALA A 11 4.47 -11.54 0.92
N MET A 12 3.30 -12.16 0.91
CA MET A 12 2.00 -11.50 0.81
C MET A 12 1.21 -11.72 2.10
N GLY A 13 0.67 -10.65 2.67
CA GLY A 13 -0.04 -10.64 3.94
C GLY A 13 -1.54 -10.76 3.76
N ARG A 14 -2.29 -10.58 4.85
CA ARG A 14 -3.69 -10.99 4.92
C ARG A 14 -4.64 -9.89 4.48
N VAL A 15 -5.92 -10.24 4.32
CA VAL A 15 -6.99 -9.26 4.17
C VAL A 15 -7.19 -8.61 5.52
N MET A 16 -6.94 -7.30 5.56
CA MET A 16 -7.29 -6.46 6.69
C MET A 16 -7.86 -5.11 6.22
N SER A 17 -9.18 -5.04 6.16
CA SER A 17 -10.02 -3.87 5.97
C SER A 17 -10.40 -3.30 7.35
N GLY A 18 -10.89 -2.07 7.43
CA GLY A 18 -11.91 -1.70 8.40
C GLY A 18 -11.63 -0.36 9.06
N MET A 19 -10.34 -0.11 9.28
CA MET A 19 -9.77 1.09 9.87
C MET A 19 -10.39 2.34 9.27
N ASN A 20 -11.16 3.05 10.08
CA ASN A 20 -12.13 4.11 9.72
C ASN A 20 -11.59 5.52 9.98
N TYR A 21 -10.26 5.66 9.92
CA TYR A 21 -9.53 6.87 10.25
C TYR A 21 -9.99 8.14 9.53
N HIS A 22 -10.82 8.94 10.20
CA HIS A 22 -11.21 10.30 9.81
C HIS A 22 -11.97 10.25 8.48
N PHE A 23 -13.22 9.78 8.51
CA PHE A 23 -14.17 9.51 7.42
C PHE A 23 -15.55 9.98 7.85
N ASP A 24 -15.84 11.25 7.55
CA ASP A 24 -17.16 11.87 7.78
C ASP A 24 -17.26 13.16 6.97
N ARG A 25 -16.16 13.93 6.94
CA ARG A 25 -16.02 15.19 6.19
C ARG A 25 -16.15 14.97 4.68
N PRO A 26 -16.24 16.04 3.87
CA PRO A 26 -16.43 15.94 2.43
C PRO A 26 -15.14 15.48 1.72
N ASP A 27 -14.00 16.00 2.17
CA ASP A 27 -12.70 15.63 1.64
C ASP A 27 -12.32 14.25 2.18
N GLU A 28 -12.75 13.93 3.39
CA GLU A 28 -12.61 12.60 3.98
C GLU A 28 -13.54 11.60 3.27
N TYR A 29 -14.70 12.04 2.76
CA TYR A 29 -15.53 11.28 1.83
C TYR A 29 -14.68 10.82 0.66
N ARG A 30 -13.79 11.68 0.16
CA ARG A 30 -12.92 11.31 -0.93
C ARG A 30 -11.99 10.19 -0.54
N TRP A 31 -11.60 10.08 0.74
CA TRP A 31 -10.82 8.94 1.17
C TRP A 31 -11.66 7.68 0.91
N TRP A 32 -12.91 7.61 1.38
CA TRP A 32 -13.83 6.48 1.17
C TRP A 32 -14.07 6.23 -0.33
N SER A 33 -14.42 7.28 -1.07
CA SER A 33 -14.76 7.20 -2.48
C SER A 33 -13.57 6.66 -3.26
N GLU A 34 -12.38 7.23 -3.06
CA GLU A 34 -11.19 6.83 -3.79
C GLU A 34 -10.66 5.46 -3.32
N ASN A 35 -10.89 5.07 -2.05
CA ASN A 35 -10.73 3.72 -1.50
C ASN A 35 -11.52 2.73 -2.34
N SER A 36 -12.82 2.98 -2.51
CA SER A 36 -13.77 1.97 -2.96
C SER A 36 -13.36 1.34 -4.28
N ALA A 37 -12.72 2.10 -5.17
CA ALA A 37 -12.25 1.62 -6.46
C ALA A 37 -11.21 0.49 -6.35
N ARG A 38 -10.38 0.48 -5.29
CA ARG A 38 -9.32 -0.51 -5.10
C ARG A 38 -9.24 -0.97 -3.65
N TYR A 39 -8.68 -0.12 -2.78
CA TYR A 39 -8.29 -0.41 -1.39
C TYR A 39 -7.59 -1.77 -1.29
N PRO A 40 -6.25 -1.82 -1.41
CA PRO A 40 -5.50 -3.05 -1.20
C PRO A 40 -5.50 -3.40 0.29
N ASN A 41 -6.43 -4.26 0.74
CA ASN A 41 -6.56 -4.74 2.13
C ASN A 41 -5.30 -5.43 2.66
N ARG A 42 -4.32 -5.73 1.81
CA ARG A 42 -3.25 -6.67 2.08
C ARG A 42 -2.00 -6.05 1.47
N VAL A 43 -0.83 -6.42 1.97
CA VAL A 43 0.42 -5.79 1.59
C VAL A 43 1.48 -6.86 1.34
N TYR A 44 2.55 -6.50 0.65
CA TYR A 44 3.65 -7.38 0.32
C TYR A 44 4.94 -6.84 0.95
N TYR A 45 5.81 -7.74 1.39
CA TYR A 45 7.02 -7.42 2.13
C TYR A 45 8.14 -8.35 1.67
N ARG A 46 9.36 -7.82 1.52
CA ARG A 46 10.56 -8.63 1.31
C ARG A 46 10.87 -9.40 2.59
N ASP A 47 11.70 -10.42 2.48
CA ASP A 47 12.19 -11.13 3.66
C ASP A 47 13.40 -10.33 4.11
N TYR A 48 13.19 -9.41 5.05
CA TYR A 48 14.23 -8.53 5.58
C TYR A 48 15.26 -9.33 6.39
N SER A 49 16.43 -8.71 6.59
CA SER A 49 17.56 -9.35 7.23
C SER A 49 17.40 -9.50 8.74
N SER A 50 16.67 -8.60 9.44
CA SER A 50 16.35 -8.55 10.87
C SER A 50 16.78 -7.23 11.50
N PRO A 51 18.03 -6.73 11.31
CA PRO A 51 18.37 -5.36 11.67
C PRO A 51 17.74 -4.40 10.66
N VAL A 52 16.45 -4.13 10.77
CA VAL A 52 15.79 -3.04 10.06
C VAL A 52 14.68 -2.49 10.97
N PRO A 53 14.56 -1.16 11.11
CA PRO A 53 13.52 -0.55 11.90
C PRO A 53 12.20 -0.60 11.13
N GLN A 54 11.08 -0.38 11.82
CA GLN A 54 9.79 -0.39 11.16
C GLN A 54 9.72 0.72 10.11
N ASP A 55 10.42 1.84 10.29
CA ASP A 55 10.48 2.90 9.29
C ASP A 55 10.91 2.34 7.92
N VAL A 56 11.95 1.50 7.87
CA VAL A 56 12.36 0.85 6.62
C VAL A 56 11.38 -0.26 6.28
N PHE A 57 10.99 -1.12 7.23
CA PHE A 57 10.13 -2.27 6.96
C PHE A 57 8.86 -1.78 6.25
N VAL A 58 8.18 -0.79 6.83
CA VAL A 58 6.95 -0.20 6.35
C VAL A 58 7.20 0.52 5.02
N ALA A 59 8.31 1.25 4.84
CA ALA A 59 8.54 1.97 3.59
C ALA A 59 8.83 1.06 2.43
N ASP A 60 9.62 0.02 2.64
CA ASP A 60 9.95 -0.95 1.60
C ASP A 60 8.71 -1.78 1.28
N CYS A 61 7.96 -2.17 2.31
CA CYS A 61 6.71 -2.91 2.20
C CYS A 61 5.75 -2.10 1.35
N PHE A 62 5.66 -0.80 1.63
CA PHE A 62 4.88 0.10 0.82
C PHE A 62 5.40 0.14 -0.61
N ASN A 63 6.70 0.35 -0.82
CA ASN A 63 7.29 0.52 -2.13
C ASN A 63 6.97 -0.69 -3.02
N ILE A 64 7.17 -1.91 -2.53
CA ILE A 64 6.90 -3.15 -3.25
C ILE A 64 5.41 -3.27 -3.54
N THR A 65 4.54 -3.03 -2.55
CA THR A 65 3.10 -3.17 -2.77
C THR A 65 2.64 -2.18 -3.84
N VAL A 66 3.07 -0.91 -3.81
CA VAL A 66 2.61 0.05 -4.80
C VAL A 66 3.17 -0.26 -6.19
N THR A 67 4.38 -0.81 -6.24
CA THR A 67 5.03 -1.27 -7.45
C THR A 67 4.24 -2.42 -8.09
N GLU A 68 3.88 -3.44 -7.33
CA GLU A 68 3.19 -4.62 -7.83
C GLU A 68 1.74 -4.29 -8.21
N TYR A 69 1.05 -3.49 -7.39
CA TYR A 69 -0.26 -2.95 -7.79
C TYR A 69 -0.15 -2.01 -8.99
N SER A 70 1.06 -1.52 -9.30
CA SER A 70 1.35 -0.50 -10.30
C SER A 70 0.44 0.71 -10.10
N ILE A 71 0.73 1.46 -9.04
CA ILE A 71 0.02 2.65 -8.58
C ILE A 71 1.07 3.71 -8.18
N GLY A 72 0.62 4.95 -7.96
CA GLY A 72 1.50 6.02 -7.50
C GLY A 72 2.68 6.25 -8.44
N PRO A 73 3.88 6.53 -7.92
CA PRO A 73 5.06 6.81 -8.74
C PRO A 73 5.64 5.54 -9.41
N ALA A 74 5.07 4.36 -9.18
CA ALA A 74 5.63 3.08 -9.55
C ALA A 74 4.80 2.36 -10.62
N ALA A 75 3.85 3.05 -11.23
CA ALA A 75 2.80 2.43 -12.02
C ALA A 75 3.21 2.04 -13.45
N LYS A 76 2.98 2.93 -14.41
CA LYS A 76 3.25 2.72 -15.82
C LYS A 76 4.65 3.23 -16.06
N LYS A 77 5.63 2.34 -15.93
CA LYS A 77 7.05 2.64 -15.89
C LYS A 77 7.35 3.61 -14.74
N ASN A 78 8.61 4.02 -14.69
CA ASN A 78 9.22 4.79 -13.63
C ASN A 78 9.92 6.04 -14.21
N THR A 79 9.62 6.40 -15.46
CA THR A 79 10.22 7.46 -16.23
C THR A 79 9.16 8.52 -16.49
N SER A 80 9.38 9.71 -15.92
CA SER A 80 8.45 10.81 -15.97
C SER A 80 8.18 11.24 -17.42
N GLU A 81 7.02 11.83 -17.66
CA GLU A 81 6.60 12.31 -18.98
C GLU A 81 5.77 13.56 -18.73
N ALA A 82 4.65 13.38 -18.04
CA ALA A 82 3.78 14.42 -17.58
C ALA A 82 3.60 14.17 -16.09
N VAL A 83 2.47 14.62 -15.57
CA VAL A 83 1.99 14.48 -14.20
C VAL A 83 0.46 14.51 -14.29
N ALA A 84 -0.27 14.38 -13.18
CA ALA A 84 -1.67 14.75 -13.03
C ALA A 84 -2.56 14.23 -14.16
N ALA A 85 -2.95 12.96 -14.00
CA ALA A 85 -3.72 12.17 -14.94
C ALA A 85 -4.94 12.92 -15.46
N ALA A 86 -5.95 13.09 -14.60
CA ALA A 86 -7.22 13.71 -14.94
C ALA A 86 -7.71 14.69 -13.87
N ASN A 87 -6.89 14.94 -12.85
CA ASN A 87 -7.00 16.01 -11.88
C ASN A 87 -5.82 15.88 -10.94
N GLN A 88 -4.94 16.89 -10.89
CA GLN A 88 -3.81 16.89 -9.95
C GLN A 88 -4.29 16.70 -8.51
N THR A 89 -5.42 17.28 -8.11
CA THR A 89 -5.94 17.11 -6.77
C THR A 89 -6.42 15.65 -6.56
N GLU A 90 -7.08 15.08 -7.57
CA GLU A 90 -7.66 13.74 -7.51
C GLU A 90 -6.55 12.70 -7.43
N VAL A 91 -5.56 12.78 -8.32
CA VAL A 91 -4.44 11.85 -8.29
C VAL A 91 -3.73 11.98 -6.97
N GLU A 92 -3.41 13.20 -6.55
CA GLU A 92 -2.61 13.44 -5.34
C GLU A 92 -3.31 12.81 -4.16
N MET A 93 -4.61 13.06 -4.02
CA MET A 93 -5.32 12.63 -2.89
C MET A 93 -5.49 11.11 -2.93
N GLU A 94 -5.89 10.53 -4.07
CA GLU A 94 -5.92 9.09 -4.29
C GLU A 94 -4.57 8.46 -3.99
N ASN A 95 -3.49 9.16 -4.31
CA ASN A 95 -2.14 8.70 -4.14
C ASN A 95 -1.87 8.54 -2.67
N LYS A 96 -2.11 9.60 -1.90
CA LYS A 96 -1.95 9.51 -0.46
C LYS A 96 -2.90 8.49 0.13
N VAL A 97 -4.14 8.39 -0.34
CA VAL A 97 -5.11 7.41 0.13
C VAL A 97 -4.46 6.04 -0.02
N VAL A 98 -3.98 5.69 -1.22
CA VAL A 98 -3.43 4.37 -1.43
C VAL A 98 -2.12 4.18 -0.65
N THR A 99 -1.29 5.23 -0.48
CA THR A 99 -0.12 5.12 0.38
C THR A 99 -0.55 4.77 1.81
N LYS A 100 -1.59 5.42 2.36
CA LYS A 100 -2.03 5.26 3.73
C LYS A 100 -2.43 3.83 3.99
N VAL A 101 -3.23 3.22 3.11
CA VAL A 101 -3.71 1.85 3.31
C VAL A 101 -2.49 0.93 3.45
N ILE A 102 -1.61 0.95 2.44
CA ILE A 102 -0.49 0.05 2.36
C ILE A 102 0.44 0.30 3.55
N ARG A 103 0.79 1.57 3.85
CA ARG A 103 1.64 1.89 4.98
C ARG A 103 1.01 1.39 6.26
N GLU A 104 -0.22 1.77 6.57
CA GLU A 104 -0.89 1.39 7.81
C GLU A 104 -0.90 -0.12 7.96
N MET A 105 -1.22 -0.87 6.91
CA MET A 105 -1.21 -2.32 6.97
C MET A 105 0.18 -2.90 7.16
N CYS A 106 1.23 -2.30 6.61
CA CYS A 106 2.58 -2.72 6.94
C CYS A 106 2.89 -2.42 8.42
N VAL A 107 2.27 -1.41 9.04
CA VAL A 107 2.38 -1.18 10.48
C VAL A 107 1.51 -2.20 11.21
N GLN A 108 0.35 -2.57 10.68
CA GLN A 108 -0.55 -3.51 11.31
C GLN A 108 0.16 -4.84 11.47
N GLN A 109 0.82 -5.32 10.42
CA GLN A 109 1.50 -6.58 10.52
C GLN A 109 2.67 -6.45 11.49
N TYR A 110 3.32 -5.29 11.51
CA TYR A 110 4.39 -5.04 12.45
C TYR A 110 3.87 -5.13 13.89
N ARG A 111 2.77 -4.45 14.25
CA ARG A 111 2.28 -4.46 15.60
C ARG A 111 1.82 -5.87 16.00
N GLU A 112 1.32 -6.66 15.04
CA GLU A 112 0.84 -8.01 15.30
C GLU A 112 1.99 -8.98 15.50
N TYR A 113 3.15 -8.72 14.90
CA TYR A 113 4.39 -9.43 15.19
C TYR A 113 4.86 -9.01 16.60
N ARG A 114 4.90 -7.69 16.85
CA ARG A 114 5.35 -7.10 18.10
C ARG A 114 4.49 -7.47 19.30
N LEU A 115 3.24 -7.88 19.09
CA LEU A 115 2.35 -8.35 20.14
C LEU A 115 2.40 -9.88 20.17
N ALA A 116 1.93 -10.51 19.08
CA ALA A 116 1.70 -11.93 18.89
C ALA A 116 0.82 -12.53 19.99
N SER A 117 -0.48 -12.66 19.72
CA SER A 117 -1.42 -13.29 20.63
C SER A 117 -2.25 -14.35 19.90
N GLY A 1 -2.62 -27.75 -13.11
CA GLY A 1 -3.03 -26.38 -12.74
C GLY A 1 -1.83 -25.57 -12.30
N SER A 2 -1.77 -25.22 -11.01
CA SER A 2 -0.69 -24.52 -10.30
C SER A 2 -0.55 -23.02 -10.65
N VAL A 3 -1.13 -22.56 -11.76
CA VAL A 3 -1.15 -21.16 -12.17
C VAL A 3 -2.11 -20.30 -11.33
N VAL A 4 -2.16 -20.53 -10.01
CA VAL A 4 -3.07 -19.90 -9.06
C VAL A 4 -2.42 -19.74 -7.68
N GLY A 5 -1.18 -20.20 -7.46
CA GLY A 5 -0.51 -20.09 -6.15
C GLY A 5 0.49 -18.93 -6.06
N GLY A 6 0.80 -18.26 -7.18
CA GLY A 6 1.84 -17.26 -7.26
C GLY A 6 3.21 -17.92 -7.32
N LEU A 7 4.26 -17.10 -7.42
CA LEU A 7 5.64 -17.59 -7.52
C LEU A 7 6.33 -17.78 -6.18
N GLY A 8 5.76 -17.23 -5.11
CA GLY A 8 6.43 -17.15 -3.82
C GLY A 8 7.68 -16.28 -3.91
N GLY A 9 7.60 -15.14 -4.60
CA GLY A 9 8.74 -14.30 -4.91
C GLY A 9 9.22 -13.53 -3.68
N TYR A 10 8.33 -12.83 -3.00
CA TYR A 10 8.53 -12.16 -1.74
C TYR A 10 7.45 -12.66 -0.76
N ALA A 11 7.59 -12.33 0.52
CA ALA A 11 6.69 -12.82 1.56
C ALA A 11 5.38 -12.07 1.50
N MET A 12 4.29 -12.83 1.36
CA MET A 12 2.93 -12.36 1.25
C MET A 12 2.38 -11.98 2.61
N GLY A 13 1.63 -10.88 2.70
CA GLY A 13 0.95 -10.43 3.90
C GLY A 13 -0.36 -11.18 4.13
N ARG A 14 -1.15 -10.69 5.08
CA ARG A 14 -2.43 -11.30 5.45
C ARG A 14 -3.60 -10.48 4.95
N VAL A 15 -4.76 -11.10 4.76
CA VAL A 15 -5.96 -10.44 4.27
C VAL A 15 -6.48 -9.50 5.35
N MET A 16 -6.48 -8.20 5.07
CA MET A 16 -6.81 -7.18 6.05
C MET A 16 -7.58 -6.04 5.35
N SER A 17 -8.76 -6.38 4.82
CA SER A 17 -9.61 -5.40 4.15
C SER A 17 -10.68 -4.89 5.12
N GLY A 18 -11.34 -3.79 4.76
CA GLY A 18 -12.41 -3.21 5.54
C GLY A 18 -11.90 -1.86 5.98
N MET A 19 -11.17 -1.85 7.10
CA MET A 19 -10.40 -0.75 7.64
C MET A 19 -11.27 0.49 7.85
N ASN A 20 -11.71 0.71 9.09
CA ASN A 20 -12.70 1.69 9.51
C ASN A 20 -12.12 3.11 9.50
N TYR A 21 -11.64 3.57 8.35
CA TYR A 21 -11.19 4.93 8.13
C TYR A 21 -12.38 5.85 8.33
N HIS A 22 -12.25 6.79 9.27
CA HIS A 22 -13.29 7.73 9.64
C HIS A 22 -12.67 9.05 10.10
N PHE A 23 -11.88 9.71 9.24
CA PHE A 23 -11.17 10.93 9.62
C PHE A 23 -12.11 12.14 9.78
N ASP A 24 -13.42 11.97 9.56
CA ASP A 24 -14.60 12.74 10.02
C ASP A 24 -14.94 13.90 9.08
N ARG A 25 -13.88 14.40 8.49
CA ARG A 25 -13.76 15.44 7.49
C ARG A 25 -14.60 15.12 6.25
N PRO A 26 -14.95 16.15 5.45
CA PRO A 26 -15.50 15.97 4.11
C PRO A 26 -14.49 15.26 3.19
N ASP A 27 -13.22 15.51 3.45
CA ASP A 27 -12.06 14.96 2.78
C ASP A 27 -11.88 13.48 3.11
N GLU A 28 -12.28 13.05 4.31
CA GLU A 28 -12.31 11.63 4.67
C GLU A 28 -13.22 10.85 3.72
N TYR A 29 -14.39 11.40 3.41
CA TYR A 29 -15.30 10.71 2.52
C TYR A 29 -14.70 10.63 1.12
N ARG A 30 -13.95 11.64 0.67
CA ARG A 30 -13.15 11.44 -0.52
C ARG A 30 -12.19 10.30 -0.32
N TRP A 31 -11.39 10.27 0.75
CA TRP A 31 -10.41 9.22 0.96
C TRP A 31 -11.08 7.85 0.80
N TRP A 32 -12.27 7.67 1.38
CA TRP A 32 -13.03 6.44 1.27
C TRP A 32 -13.49 6.14 -0.17
N SER A 33 -14.12 7.10 -0.85
CA SER A 33 -14.56 6.97 -2.23
C SER A 33 -13.38 6.69 -3.18
N GLU A 34 -12.30 7.43 -3.02
CA GLU A 34 -11.05 7.32 -3.76
C GLU A 34 -10.41 5.94 -3.50
N ASN A 35 -10.63 5.34 -2.31
CA ASN A 35 -10.22 3.98 -1.98
C ASN A 35 -10.97 2.97 -2.85
N SER A 36 -12.29 3.12 -3.00
CA SER A 36 -13.11 2.24 -3.83
C SER A 36 -12.61 2.14 -5.27
N ALA A 37 -11.91 3.17 -5.78
CA ALA A 37 -11.32 3.16 -7.10
C ALA A 37 -10.40 1.96 -7.26
N ARG A 38 -9.53 1.68 -6.27
CA ARG A 38 -8.63 0.55 -6.24
C ARG A 38 -8.74 -0.12 -4.87
N TYR A 39 -7.85 0.24 -3.95
CA TYR A 39 -7.55 -0.40 -2.68
C TYR A 39 -7.14 -1.88 -2.86
N PRO A 40 -5.95 -2.26 -2.35
CA PRO A 40 -5.55 -3.66 -2.26
C PRO A 40 -6.33 -4.34 -1.12
N ASN A 41 -5.72 -4.46 0.07
CA ASN A 41 -6.08 -5.34 1.20
C ASN A 41 -4.89 -6.00 1.84
N ARG A 42 -3.76 -6.18 1.15
CA ARG A 42 -2.57 -6.85 1.68
C ARG A 42 -1.33 -6.17 1.15
N VAL A 43 -0.19 -6.50 1.73
CA VAL A 43 1.13 -5.99 1.40
C VAL A 43 2.10 -7.16 1.24
N TYR A 44 3.29 -6.92 0.69
CA TYR A 44 4.41 -7.85 0.67
C TYR A 44 5.58 -7.22 1.39
N TYR A 45 6.51 -8.06 1.83
CA TYR A 45 7.75 -7.67 2.51
C TYR A 45 8.86 -8.58 2.00
N ARG A 46 10.10 -8.10 2.06
CA ARG A 46 11.28 -8.92 1.83
C ARG A 46 11.52 -9.75 3.08
N ASP A 47 12.54 -10.61 3.04
CA ASP A 47 13.14 -11.08 4.27
C ASP A 47 14.28 -10.13 4.60
N TYR A 48 14.05 -9.18 5.51
CA TYR A 48 15.06 -8.20 5.90
C TYR A 48 16.02 -8.81 6.94
N SER A 49 17.24 -8.28 6.97
CA SER A 49 18.37 -8.85 7.68
C SER A 49 18.20 -8.99 9.20
N SER A 50 17.45 -8.10 9.87
CA SER A 50 17.23 -7.91 11.32
C SER A 50 17.75 -6.55 11.80
N PRO A 51 19.01 -6.14 11.54
CA PRO A 51 19.51 -4.82 11.84
C PRO A 51 19.02 -3.82 10.78
N VAL A 52 17.70 -3.69 10.69
CA VAL A 52 16.95 -2.71 9.90
C VAL A 52 15.83 -2.23 10.82
N PRO A 53 15.45 -0.94 10.78
CA PRO A 53 14.42 -0.37 11.64
C PRO A 53 13.02 -0.76 11.20
N GLN A 54 12.00 -0.47 12.02
CA GLN A 54 10.62 -0.67 11.61
C GLN A 54 10.32 0.22 10.41
N ASP A 55 10.72 1.48 10.45
CA ASP A 55 10.17 2.43 9.48
C ASP A 55 10.65 2.13 8.06
N VAL A 56 11.87 1.62 7.89
CA VAL A 56 12.30 1.13 6.58
C VAL A 56 11.54 -0.16 6.23
N PHE A 57 11.23 -1.03 7.21
CA PHE A 57 10.50 -2.26 6.95
C PHE A 57 9.17 -1.87 6.33
N VAL A 58 8.40 -0.97 6.95
CA VAL A 58 7.11 -0.53 6.42
C VAL A 58 7.29 0.24 5.11
N ALA A 59 8.25 1.15 5.03
CA ALA A 59 8.39 1.99 3.85
C ALA A 59 8.77 1.16 2.62
N ASP A 60 9.66 0.19 2.76
CA ASP A 60 10.05 -0.71 1.67
C ASP A 60 8.92 -1.70 1.38
N CYS A 61 8.21 -2.17 2.42
CA CYS A 61 7.06 -3.08 2.34
C CYS A 61 6.01 -2.42 1.44
N PHE A 62 5.76 -1.13 1.68
CA PHE A 62 4.84 -0.35 0.89
C PHE A 62 5.34 -0.28 -0.54
N ASN A 63 6.60 0.14 -0.74
CA ASN A 63 7.17 0.33 -2.07
C ASN A 63 7.01 -0.93 -2.92
N ILE A 64 7.37 -2.11 -2.39
CA ILE A 64 7.28 -3.37 -3.12
C ILE A 64 5.84 -3.66 -3.49
N THR A 65 4.90 -3.49 -2.55
CA THR A 65 3.49 -3.75 -2.79
C THR A 65 2.98 -2.89 -3.95
N VAL A 66 3.28 -1.59 -3.95
CA VAL A 66 2.87 -0.70 -5.03
C VAL A 66 3.62 -1.05 -6.33
N THR A 67 4.87 -1.51 -6.25
CA THR A 67 5.71 -1.88 -7.37
C THR A 67 5.24 -3.16 -8.05
N GLU A 68 4.65 -4.11 -7.31
CA GLU A 68 3.92 -5.23 -7.88
C GLU A 68 2.69 -4.71 -8.62
N TYR A 69 1.93 -3.83 -7.98
CA TYR A 69 0.63 -3.39 -8.45
C TYR A 69 0.72 -2.19 -9.42
N SER A 70 1.93 -1.85 -9.88
CA SER A 70 2.24 -0.78 -10.83
C SER A 70 1.51 0.55 -10.53
N ILE A 71 1.38 0.91 -9.25
CA ILE A 71 0.70 2.12 -8.78
C ILE A 71 1.68 3.08 -8.11
N GLY A 72 1.33 4.36 -8.07
CA GLY A 72 1.96 5.32 -7.18
C GLY A 72 3.34 5.82 -7.66
N PRO A 73 4.04 6.59 -6.79
CA PRO A 73 5.39 7.13 -7.00
C PRO A 73 6.52 6.08 -6.88
N ALA A 74 6.34 4.89 -7.45
CA ALA A 74 7.40 3.91 -7.68
C ALA A 74 7.20 3.15 -8.99
N ALA A 75 5.99 3.16 -9.57
CA ALA A 75 5.60 2.47 -10.79
C ALA A 75 6.50 2.85 -11.95
N LYS A 76 6.20 4.00 -12.55
CA LYS A 76 7.08 4.68 -13.47
C LYS A 76 8.13 5.43 -12.64
N LYS A 77 9.14 6.07 -13.25
CA LYS A 77 9.93 7.07 -12.53
C LYS A 77 9.06 8.32 -12.33
N ASN A 78 9.43 9.21 -11.40
CA ASN A 78 8.66 10.43 -11.14
C ASN A 78 9.08 11.54 -12.10
N THR A 79 10.13 11.30 -12.90
CA THR A 79 10.72 12.21 -13.86
C THR A 79 9.75 12.41 -15.03
N SER A 80 8.74 13.24 -14.82
CA SER A 80 7.87 13.86 -15.80
C SER A 80 7.21 15.05 -15.12
N GLU A 81 6.49 15.86 -15.89
CA GLU A 81 5.98 17.14 -15.48
C GLU A 81 4.59 17.32 -16.12
N ALA A 82 3.86 16.20 -16.24
CA ALA A 82 2.69 16.02 -17.08
C ALA A 82 1.79 15.01 -16.38
N VAL A 83 1.00 14.28 -17.17
CA VAL A 83 -0.03 13.30 -16.87
C VAL A 83 -1.22 13.87 -16.11
N ALA A 84 -2.42 13.38 -16.43
CA ALA A 84 -3.64 13.68 -15.69
C ALA A 84 -4.74 12.65 -15.91
N ALA A 85 -4.76 11.94 -17.05
CA ALA A 85 -5.78 10.99 -17.50
C ALA A 85 -7.18 11.60 -17.63
N ALA A 86 -7.79 12.04 -16.53
CA ALA A 86 -9.03 12.81 -16.51
C ALA A 86 -9.11 13.77 -15.32
N ASN A 87 -8.06 13.90 -14.52
CA ASN A 87 -7.90 14.75 -13.34
C ASN A 87 -6.59 14.39 -12.66
N GLN A 88 -5.59 15.26 -12.76
CA GLN A 88 -4.35 15.12 -11.99
C GLN A 88 -4.61 15.06 -10.49
N THR A 89 -5.62 15.76 -9.98
CA THR A 89 -5.92 15.76 -8.58
C THR A 89 -6.52 14.41 -8.15
N GLU A 90 -7.28 13.76 -9.03
CA GLU A 90 -7.97 12.52 -8.73
C GLU A 90 -7.00 11.36 -8.77
N VAL A 91 -6.16 11.27 -9.82
CA VAL A 91 -5.09 10.29 -9.83
C VAL A 91 -4.23 10.50 -8.60
N GLU A 92 -3.92 11.76 -8.25
CA GLU A 92 -3.10 12.13 -7.10
C GLU A 92 -3.71 11.62 -5.79
N MET A 93 -5.01 11.89 -5.57
CA MET A 93 -5.71 11.51 -4.35
C MET A 93 -5.76 10.00 -4.27
N GLU A 94 -6.19 9.32 -5.33
CA GLU A 94 -6.19 7.86 -5.41
C GLU A 94 -4.79 7.31 -5.13
N ASN A 95 -3.76 7.97 -5.67
CA ASN A 95 -2.37 7.64 -5.47
C ASN A 95 -2.03 7.69 -3.98
N LYS A 96 -2.34 8.83 -3.36
CA LYS A 96 -2.03 9.04 -1.96
C LYS A 96 -2.81 8.07 -1.09
N VAL A 97 -4.10 7.88 -1.36
CA VAL A 97 -4.99 6.95 -0.69
C VAL A 97 -4.33 5.57 -0.75
N VAL A 98 -3.99 5.07 -1.93
CA VAL A 98 -3.45 3.73 -2.04
C VAL A 98 -2.08 3.62 -1.33
N THR A 99 -1.22 4.66 -1.38
CA THR A 99 -0.02 4.66 -0.55
C THR A 99 -0.36 4.52 0.93
N LYS A 100 -1.32 5.28 1.47
CA LYS A 100 -1.70 5.30 2.88
C LYS A 100 -2.17 3.93 3.33
N VAL A 101 -3.06 3.27 2.60
CA VAL A 101 -3.58 1.96 3.01
C VAL A 101 -2.40 1.00 3.13
N ILE A 102 -1.60 0.90 2.08
CA ILE A 102 -0.50 -0.06 1.99
C ILE A 102 0.50 0.23 3.11
N ARG A 103 0.89 1.50 3.32
CA ARG A 103 1.73 1.84 4.45
C ARG A 103 1.08 1.38 5.73
N GLU A 104 -0.15 1.80 5.99
CA GLU A 104 -0.78 1.55 7.27
C GLU A 104 -0.99 0.06 7.53
N MET A 105 -1.18 -0.78 6.51
CA MET A 105 -1.12 -2.23 6.63
C MET A 105 0.27 -2.71 7.05
N CYS A 106 1.35 -2.20 6.44
CA CYS A 106 2.69 -2.53 6.90
C CYS A 106 2.96 -2.02 8.32
N VAL A 107 2.32 -0.94 8.79
CA VAL A 107 2.38 -0.56 10.20
C VAL A 107 1.55 -1.54 11.05
N GLN A 108 0.39 -1.99 10.54
CA GLN A 108 -0.54 -2.86 11.20
C GLN A 108 0.07 -4.25 11.40
N GLN A 109 0.97 -4.73 10.53
CA GLN A 109 1.65 -5.99 10.79
C GLN A 109 2.54 -5.80 12.01
N TYR A 110 3.27 -4.68 12.08
CA TYR A 110 4.25 -4.47 13.12
C TYR A 110 3.57 -4.30 14.49
N ARG A 111 2.49 -3.53 14.60
CA ARG A 111 1.80 -3.37 15.88
C ARG A 111 1.28 -4.71 16.38
N GLU A 112 0.81 -5.59 15.50
CA GLU A 112 0.30 -6.89 15.91
C GLU A 112 1.44 -7.78 16.38
N TYR A 113 2.59 -7.76 15.69
CA TYR A 113 3.75 -8.55 16.07
C TYR A 113 4.25 -8.15 17.47
N ARG A 114 4.18 -6.86 17.81
CA ARG A 114 4.56 -6.37 19.13
C ARG A 114 3.67 -6.96 20.21
N LEU A 115 2.35 -6.93 19.97
CA LEU A 115 1.35 -7.46 20.88
C LEU A 115 1.44 -8.99 21.02
N ALA A 116 1.76 -9.69 19.93
CA ALA A 116 1.96 -11.13 19.83
C ALA A 116 0.73 -12.01 20.16
N SER A 117 -0.46 -11.42 20.29
CA SER A 117 -1.83 -11.97 20.44
C SER A 117 -2.44 -11.30 21.65
N GLY A 1 4.94 -23.58 -21.24
CA GLY A 1 4.27 -22.57 -20.41
C GLY A 1 5.32 -21.73 -19.71
N SER A 2 4.90 -20.62 -19.12
CA SER A 2 5.81 -19.59 -18.62
C SER A 2 5.25 -18.94 -17.34
N VAL A 3 4.80 -19.73 -16.37
CA VAL A 3 4.42 -19.23 -15.07
C VAL A 3 4.61 -20.33 -14.03
N VAL A 4 5.38 -20.05 -12.97
CA VAL A 4 5.56 -20.85 -11.76
C VAL A 4 6.64 -20.16 -10.93
N GLY A 5 7.78 -19.82 -11.53
CA GLY A 5 8.89 -19.12 -10.90
C GLY A 5 8.56 -17.63 -10.78
N GLY A 6 7.54 -17.32 -9.98
CA GLY A 6 7.05 -15.98 -9.73
C GLY A 6 5.55 -16.05 -9.49
N LEU A 7 5.15 -16.60 -8.34
CA LEU A 7 3.76 -16.68 -7.90
C LEU A 7 3.57 -16.15 -6.49
N GLY A 8 4.67 -15.95 -5.76
CA GLY A 8 4.65 -15.64 -4.34
C GLY A 8 5.94 -15.02 -3.81
N GLY A 9 6.67 -14.28 -4.65
CA GLY A 9 8.02 -13.79 -4.38
C GLY A 9 8.14 -12.97 -3.10
N TYR A 10 7.59 -11.75 -3.08
CA TYR A 10 7.55 -10.94 -1.87
C TYR A 10 6.56 -11.55 -0.88
N ALA A 11 6.72 -11.27 0.42
CA ALA A 11 5.83 -11.79 1.45
C ALA A 11 4.49 -11.07 1.36
N MET A 12 3.39 -11.82 1.20
CA MET A 12 2.05 -11.29 1.22
C MET A 12 1.60 -11.23 2.68
N GLY A 13 0.94 -10.14 3.08
CA GLY A 13 0.32 -9.96 4.37
C GLY A 13 -1.18 -10.27 4.32
N ARG A 14 -1.81 -10.18 5.49
CA ARG A 14 -3.18 -10.66 5.70
C ARG A 14 -4.22 -9.61 5.34
N VAL A 15 -5.49 -10.00 5.27
CA VAL A 15 -6.62 -9.09 5.06
C VAL A 15 -6.81 -8.25 6.30
N MET A 16 -6.92 -6.95 6.07
CA MET A 16 -7.05 -6.00 7.15
C MET A 16 -7.67 -4.70 6.62
N SER A 17 -8.99 -4.57 6.72
CA SER A 17 -9.76 -3.45 6.19
C SER A 17 -10.71 -2.88 7.25
N GLY A 18 -10.81 -1.54 7.30
CA GLY A 18 -11.67 -0.86 8.26
C GLY A 18 -11.22 -1.04 9.71
N MET A 19 -9.90 -1.13 9.98
CA MET A 19 -9.42 -1.61 11.28
C MET A 19 -9.71 -0.73 12.49
N ASN A 20 -10.07 0.52 12.24
CA ASN A 20 -10.75 1.39 13.19
C ASN A 20 -11.29 2.64 12.51
N TYR A 21 -10.39 3.42 11.87
CA TYR A 21 -10.62 4.60 11.04
C TYR A 21 -11.63 5.63 11.60
N HIS A 22 -12.07 6.61 10.78
CA HIS A 22 -13.10 7.59 11.10
C HIS A 22 -13.94 7.88 9.86
N PHE A 23 -13.54 8.75 8.93
CA PHE A 23 -14.23 8.96 7.64
C PHE A 23 -15.69 9.39 7.79
N ASP A 24 -15.96 10.29 8.73
CA ASP A 24 -17.28 10.92 8.92
C ASP A 24 -17.43 12.16 8.03
N ARG A 25 -16.44 13.06 8.04
CA ARG A 25 -16.59 14.41 7.47
C ARG A 25 -16.79 14.31 5.94
N PRO A 26 -17.47 15.27 5.30
CA PRO A 26 -17.91 15.14 3.91
C PRO A 26 -16.78 15.19 2.90
N ASP A 27 -15.69 15.95 3.15
CA ASP A 27 -14.46 15.79 2.36
C ASP A 27 -13.63 14.56 2.75
N GLU A 28 -13.66 14.14 4.02
CA GLU A 28 -13.04 12.89 4.46
C GLU A 28 -13.69 11.68 3.80
N TYR A 29 -14.98 11.77 3.47
CA TYR A 29 -15.76 10.80 2.71
C TYR A 29 -15.09 10.44 1.40
N ARG A 30 -14.39 11.40 0.75
CA ARG A 30 -13.66 11.10 -0.47
C ARG A 30 -12.67 9.98 -0.26
N TRP A 31 -12.09 9.84 0.94
CA TRP A 31 -11.23 8.72 1.24
C TRP A 31 -12.00 7.42 0.99
N TRP A 32 -13.20 7.30 1.57
CA TRP A 32 -14.04 6.11 1.39
C TRP A 32 -14.54 5.97 -0.06
N SER A 33 -14.92 7.06 -0.73
CA SER A 33 -15.40 6.99 -2.10
C SER A 33 -14.27 6.54 -3.03
N GLU A 34 -13.09 7.17 -2.93
CA GLU A 34 -11.90 6.89 -3.74
C GLU A 34 -11.35 5.48 -3.45
N ASN A 35 -11.57 4.94 -2.24
CA ASN A 35 -11.16 3.58 -1.85
C ASN A 35 -11.68 2.52 -2.83
N SER A 36 -12.94 2.65 -3.27
CA SER A 36 -13.53 1.79 -4.29
C SER A 36 -12.73 1.73 -5.59
N ALA A 37 -11.93 2.76 -5.92
CA ALA A 37 -11.07 2.70 -7.09
C ALA A 37 -10.12 1.50 -7.02
N ARG A 38 -9.61 1.15 -5.81
CA ARG A 38 -8.87 -0.09 -5.58
C ARG A 38 -8.89 -0.51 -4.11
N TYR A 39 -8.22 0.22 -3.22
CA TYR A 39 -8.00 -0.13 -1.81
C TYR A 39 -7.60 -1.60 -1.60
N PRO A 40 -6.35 -1.99 -1.85
CA PRO A 40 -5.81 -3.21 -1.27
C PRO A 40 -5.79 -3.19 0.26
N ASN A 41 -6.80 -3.82 0.87
CA ASN A 41 -6.86 -4.27 2.27
C ASN A 41 -5.59 -4.98 2.77
N ARG A 42 -4.70 -5.46 1.90
CA ARG A 42 -3.55 -6.26 2.32
C ARG A 42 -2.33 -5.69 1.65
N VAL A 43 -1.19 -6.06 2.19
CA VAL A 43 0.04 -5.33 2.05
C VAL A 43 1.16 -6.36 1.92
N TYR A 44 2.30 -5.97 1.39
CA TYR A 44 3.41 -6.86 1.09
C TYR A 44 4.69 -6.29 1.67
N TYR A 45 5.59 -7.19 2.06
CA TYR A 45 6.80 -6.82 2.78
C TYR A 45 7.97 -7.66 2.26
N ARG A 46 9.20 -7.19 2.51
CA ARG A 46 10.40 -7.98 2.30
C ARG A 46 10.70 -8.73 3.59
N ASP A 47 11.63 -9.67 3.53
CA ASP A 47 12.06 -10.41 4.72
C ASP A 47 13.24 -9.64 5.34
N TYR A 48 12.97 -8.42 5.82
CA TYR A 48 13.99 -7.54 6.40
C TYR A 48 14.66 -8.25 7.57
N SER A 49 15.98 -8.25 7.64
CA SER A 49 16.73 -9.23 8.41
C SER A 49 16.42 -9.20 9.91
N SER A 50 16.00 -8.04 10.46
CA SER A 50 15.66 -7.73 11.84
C SER A 50 16.20 -6.31 12.09
N PRO A 51 17.51 -6.05 11.96
CA PRO A 51 18.04 -4.69 11.91
C PRO A 51 17.56 -3.97 10.64
N VAL A 52 16.41 -3.30 10.72
CA VAL A 52 16.03 -2.23 9.82
C VAL A 52 15.12 -1.27 10.62
N PRO A 53 15.07 0.03 10.31
CA PRO A 53 14.09 0.96 10.88
C PRO A 53 12.66 0.53 10.55
N GLN A 54 11.71 0.75 11.45
CA GLN A 54 10.30 0.58 11.11
C GLN A 54 9.92 1.58 10.02
N ASP A 55 10.53 2.77 9.99
CA ASP A 55 10.26 3.79 8.99
C ASP A 55 10.56 3.26 7.59
N VAL A 56 11.76 2.69 7.38
CA VAL A 56 12.13 2.12 6.09
C VAL A 56 11.33 0.85 5.85
N PHE A 57 11.06 0.03 6.89
CA PHE A 57 10.26 -1.17 6.71
C PHE A 57 8.93 -0.77 6.08
N VAL A 58 8.23 0.18 6.68
CA VAL A 58 6.90 0.62 6.24
C VAL A 58 6.99 1.34 4.90
N ALA A 59 8.05 2.13 4.66
CA ALA A 59 8.18 2.88 3.42
C ALA A 59 8.42 1.94 2.24
N ASP A 60 9.33 0.98 2.39
CA ASP A 60 9.66 0.01 1.35
C ASP A 60 8.50 -0.95 1.15
N CYS A 61 7.81 -1.33 2.23
CA CYS A 61 6.63 -2.20 2.24
C CYS A 61 5.53 -1.56 1.41
N PHE A 62 5.30 -0.26 1.62
CA PHE A 62 4.38 0.48 0.78
C PHE A 62 4.89 0.51 -0.64
N ASN A 63 6.13 0.95 -0.87
CA ASN A 63 6.67 1.12 -2.22
C ASN A 63 6.62 -0.20 -3.01
N ILE A 64 6.72 -1.36 -2.37
CA ILE A 64 6.49 -2.68 -2.98
C ILE A 64 5.01 -2.97 -3.19
N THR A 65 4.16 -2.83 -2.18
CA THR A 65 2.73 -3.07 -2.37
C THR A 65 2.20 -2.21 -3.52
N VAL A 66 2.62 -0.94 -3.59
CA VAL A 66 2.22 -0.10 -4.69
C VAL A 66 2.87 -0.52 -6.02
N THR A 67 4.10 -1.07 -6.04
CA THR A 67 4.69 -1.51 -7.30
C THR A 67 3.87 -2.64 -7.94
N GLU A 68 3.37 -3.60 -7.16
CA GLU A 68 2.55 -4.68 -7.73
C GLU A 68 1.18 -4.16 -8.19
N TYR A 69 0.67 -3.11 -7.54
CA TYR A 69 -0.52 -2.39 -7.98
C TYR A 69 -0.22 -1.31 -9.03
N SER A 70 1.04 -1.13 -9.42
CA SER A 70 1.57 -0.06 -10.26
C SER A 70 0.99 1.33 -9.93
N ILE A 71 1.25 1.82 -8.72
CA ILE A 71 0.74 3.10 -8.21
C ILE A 71 1.86 3.89 -7.54
N GLY A 72 1.58 5.15 -7.23
CA GLY A 72 2.56 6.06 -6.67
C GLY A 72 3.72 6.30 -7.64
N PRO A 73 4.93 6.56 -7.13
CA PRO A 73 6.16 6.62 -7.89
C PRO A 73 6.66 5.23 -8.31
N ALA A 74 5.83 4.18 -8.22
CA ALA A 74 6.19 2.79 -8.42
C ALA A 74 5.19 2.19 -9.41
N ALA A 75 5.21 2.65 -10.66
CA ALA A 75 4.39 2.15 -11.74
C ALA A 75 5.26 1.95 -12.98
N LYS A 76 4.59 1.72 -14.12
CA LYS A 76 5.16 1.51 -15.45
C LYS A 76 6.47 0.73 -15.41
N LYS A 77 6.44 -0.49 -14.87
CA LYS A 77 7.61 -1.35 -14.71
C LYS A 77 8.70 -0.55 -13.99
N ASN A 78 9.73 -0.07 -14.69
CA ASN A 78 10.68 0.90 -14.14
C ASN A 78 11.09 1.82 -15.30
N THR A 79 10.10 2.45 -15.93
CA THR A 79 10.33 3.60 -16.78
C THR A 79 9.10 4.50 -16.70
N SER A 80 9.27 5.72 -16.22
CA SER A 80 8.26 6.77 -16.29
C SER A 80 8.88 7.96 -17.03
N GLU A 81 8.04 8.89 -17.47
CA GLU A 81 8.46 10.01 -18.31
C GLU A 81 7.73 11.29 -17.93
N ALA A 82 6.57 11.15 -17.28
CA ALA A 82 5.73 12.19 -16.77
C ALA A 82 4.97 11.53 -15.62
N VAL A 83 3.82 12.10 -15.31
CA VAL A 83 2.90 11.75 -14.24
C VAL A 83 1.50 12.09 -14.75
N ALA A 84 0.48 11.86 -13.90
CA ALA A 84 -0.91 12.28 -14.06
C ALA A 84 -1.62 11.45 -15.14
N ALA A 85 -2.58 10.63 -14.70
CA ALA A 85 -3.53 9.95 -15.57
C ALA A 85 -4.32 10.99 -16.38
N ALA A 86 -5.10 11.82 -15.69
CA ALA A 86 -5.82 12.95 -16.27
C ALA A 86 -5.89 14.16 -15.36
N ASN A 87 -5.32 14.07 -14.16
CA ASN A 87 -5.41 15.08 -13.11
C ASN A 87 -4.33 14.84 -12.05
N GLN A 88 -3.30 15.69 -11.98
CA GLN A 88 -2.33 15.64 -10.89
C GLN A 88 -2.97 15.74 -9.49
N THR A 89 -4.12 16.39 -9.33
CA THR A 89 -4.81 16.49 -8.04
C THR A 89 -5.49 15.17 -7.70
N GLU A 90 -6.09 14.54 -8.71
CA GLU A 90 -6.85 13.32 -8.53
C GLU A 90 -5.90 12.18 -8.20
N VAL A 91 -4.83 12.01 -8.98
CA VAL A 91 -3.85 10.98 -8.68
C VAL A 91 -3.29 11.20 -7.29
N GLU A 92 -3.01 12.46 -6.92
CA GLU A 92 -2.49 12.76 -5.57
C GLU A 92 -3.47 12.27 -4.51
N MET A 93 -4.77 12.51 -4.69
CA MET A 93 -5.76 12.06 -3.74
C MET A 93 -5.85 10.54 -3.71
N GLU A 94 -5.94 9.87 -4.85
CA GLU A 94 -5.91 8.41 -4.98
C GLU A 94 -4.66 7.83 -4.26
N ASN A 95 -3.57 8.54 -4.39
CA ASN A 95 -2.28 8.28 -3.77
C ASN A 95 -2.36 8.43 -2.27
N LYS A 96 -3.03 9.43 -1.74
CA LYS A 96 -3.13 9.54 -0.29
C LYS A 96 -4.00 8.44 0.28
N VAL A 97 -5.06 8.02 -0.42
CA VAL A 97 -5.81 6.85 0.04
C VAL A 97 -4.82 5.70 0.16
N VAL A 98 -4.10 5.46 -0.92
CA VAL A 98 -3.32 4.27 -1.03
C VAL A 98 -2.10 4.32 -0.12
N THR A 99 -1.29 5.38 -0.21
CA THR A 99 -0.07 5.51 0.57
C THR A 99 -0.41 5.38 2.05
N LYS A 100 -1.49 6.01 2.54
CA LYS A 100 -1.91 5.94 3.93
C LYS A 100 -2.41 4.55 4.28
N VAL A 101 -3.31 3.92 3.50
CA VAL A 101 -3.83 2.60 3.87
C VAL A 101 -2.70 1.60 3.92
N ILE A 102 -1.88 1.57 2.87
CA ILE A 102 -0.81 0.63 2.65
C ILE A 102 0.24 0.86 3.74
N ARG A 103 0.72 2.09 3.94
CA ARG A 103 1.71 2.39 4.99
C ARG A 103 1.17 1.96 6.34
N GLU A 104 -0.01 2.47 6.71
CA GLU A 104 -0.59 2.23 8.02
C GLU A 104 -0.86 0.74 8.23
N MET A 105 -1.14 -0.03 7.18
CA MET A 105 -1.17 -1.49 7.26
C MET A 105 0.20 -2.04 7.60
N CYS A 106 1.27 -1.62 6.93
CA CYS A 106 2.61 -2.10 7.26
C CYS A 106 2.90 -1.82 8.75
N VAL A 107 2.45 -0.66 9.26
CA VAL A 107 2.59 -0.35 10.68
C VAL A 107 1.75 -1.35 11.51
N GLN A 108 0.48 -1.55 11.14
CA GLN A 108 -0.45 -2.46 11.80
C GLN A 108 0.04 -3.91 11.77
N GLN A 109 0.78 -4.31 10.74
CA GLN A 109 1.39 -5.62 10.68
C GLN A 109 2.55 -5.64 11.66
N TYR A 110 3.47 -4.67 11.59
CA TYR A 110 4.60 -4.56 12.50
C TYR A 110 4.15 -4.62 13.96
N ARG A 111 3.09 -3.90 14.34
CA ARG A 111 2.68 -3.84 15.75
C ARG A 111 2.06 -5.17 16.20
N GLU A 112 1.31 -5.82 15.32
CA GLU A 112 0.66 -7.09 15.54
C GLU A 112 1.69 -8.23 15.51
N TYR A 113 2.77 -8.06 14.76
CA TYR A 113 3.91 -8.98 14.71
C TYR A 113 4.72 -8.90 16.00
N ARG A 114 4.84 -7.70 16.55
CA ARG A 114 5.59 -7.43 17.76
C ARG A 114 5.03 -8.22 18.95
N LEU A 115 3.71 -8.18 19.13
CA LEU A 115 3.06 -8.93 20.20
C LEU A 115 2.91 -10.38 19.75
N ALA A 116 2.23 -10.61 18.62
CA ALA A 116 1.79 -11.90 18.12
C ALA A 116 0.98 -12.68 19.15
N SER A 117 -0.34 -12.55 19.09
CA SER A 117 -1.30 -13.30 19.88
C SER A 117 -2.28 -13.93 18.91
N GLY A 1 1.74 -29.21 -17.24
CA GLY A 1 1.62 -28.03 -16.37
C GLY A 1 3.00 -27.45 -16.07
N SER A 2 3.06 -26.14 -15.85
CA SER A 2 4.18 -25.37 -15.32
C SER A 2 3.59 -24.05 -14.85
N VAL A 3 4.41 -23.26 -14.14
CA VAL A 3 4.12 -21.89 -13.78
C VAL A 3 2.73 -21.80 -13.11
N VAL A 4 2.64 -22.14 -11.82
CA VAL A 4 1.36 -22.16 -11.12
C VAL A 4 1.52 -21.52 -9.75
N GLY A 5 2.57 -21.90 -9.01
CA GLY A 5 2.85 -21.31 -7.73
C GLY A 5 3.51 -19.97 -7.98
N GLY A 6 4.81 -20.00 -8.27
CA GLY A 6 5.64 -18.82 -8.43
C GLY A 6 6.95 -18.94 -7.66
N LEU A 7 7.80 -17.93 -7.80
CA LEU A 7 9.18 -17.93 -7.30
C LEU A 7 9.29 -17.51 -5.83
N GLY A 8 8.19 -17.11 -5.21
CA GLY A 8 8.15 -16.42 -3.93
C GLY A 8 7.11 -15.31 -4.09
N GLY A 9 7.42 -14.31 -4.90
CA GLY A 9 6.52 -13.20 -5.17
C GLY A 9 6.27 -12.28 -3.98
N TYR A 10 7.29 -12.13 -3.11
CA TYR A 10 7.30 -11.46 -1.81
C TYR A 10 6.34 -12.07 -0.79
N ALA A 11 6.62 -11.85 0.50
CA ALA A 11 5.82 -12.36 1.59
C ALA A 11 4.51 -11.57 1.61
N MET A 12 3.38 -12.27 1.44
CA MET A 12 2.05 -11.70 1.31
C MET A 12 1.48 -11.46 2.70
N GLY A 13 0.80 -10.33 2.89
CA GLY A 13 0.05 -10.01 4.09
C GLY A 13 -1.39 -10.47 3.95
N ARG A 14 -2.09 -10.46 5.08
CA ARG A 14 -3.47 -10.91 5.17
C ARG A 14 -4.43 -9.83 4.73
N VAL A 15 -5.68 -10.24 4.58
CA VAL A 15 -6.85 -9.38 4.45
C VAL A 15 -7.01 -8.65 5.80
N MET A 16 -6.88 -7.33 5.73
CA MET A 16 -7.10 -6.40 6.84
C MET A 16 -7.74 -5.11 6.32
N SER A 17 -8.93 -5.23 5.73
CA SER A 17 -9.69 -4.08 5.26
C SER A 17 -10.26 -3.27 6.45
N GLY A 18 -10.75 -2.06 6.13
CA GLY A 18 -11.44 -1.17 7.04
C GLY A 18 -10.42 -0.43 7.89
N MET A 19 -10.07 -1.03 9.03
CA MET A 19 -9.49 -0.39 10.21
C MET A 19 -10.38 0.73 10.75
N ASN A 20 -9.97 1.24 11.90
CA ASN A 20 -10.66 2.24 12.70
C ASN A 20 -10.68 3.62 12.05
N TYR A 21 -9.51 4.27 11.94
CA TYR A 21 -9.30 5.63 11.46
C TYR A 21 -10.25 6.65 12.12
N HIS A 22 -11.34 7.07 11.45
CA HIS A 22 -12.39 7.96 11.96
C HIS A 22 -13.50 8.07 10.91
N PHE A 23 -13.21 8.71 9.77
CA PHE A 23 -14.03 8.73 8.57
C PHE A 23 -15.49 9.18 8.78
N ASP A 24 -15.72 10.51 8.79
CA ASP A 24 -17.04 11.15 9.00
C ASP A 24 -17.34 12.31 8.02
N ARG A 25 -16.39 13.22 7.79
CA ARG A 25 -16.47 14.46 7.00
C ARG A 25 -16.67 14.26 5.48
N PRO A 26 -16.98 15.31 4.71
CA PRO A 26 -17.14 15.21 3.26
C PRO A 26 -15.80 15.04 2.53
N ASP A 27 -14.77 15.74 3.00
CA ASP A 27 -13.42 15.68 2.42
C ASP A 27 -12.68 14.39 2.80
N GLU A 28 -12.93 13.83 4.00
CA GLU A 28 -12.47 12.47 4.32
C GLU A 28 -13.21 11.46 3.46
N TYR A 29 -14.47 11.71 3.06
CA TYR A 29 -15.21 10.77 2.23
C TYR A 29 -14.45 10.47 0.94
N ARG A 30 -13.72 11.45 0.38
CA ARG A 30 -12.80 11.16 -0.71
C ARG A 30 -11.70 10.19 -0.35
N TRP A 31 -11.21 10.13 0.88
CA TRP A 31 -10.28 9.10 1.31
C TRP A 31 -10.90 7.74 0.96
N TRP A 32 -12.14 7.47 1.36
CA TRP A 32 -12.83 6.24 1.03
C TRP A 32 -13.07 6.11 -0.48
N SER A 33 -13.64 7.12 -1.12
CA SER A 33 -13.92 7.08 -2.54
C SER A 33 -12.65 6.85 -3.40
N GLU A 34 -11.51 7.45 -3.05
CA GLU A 34 -10.24 7.33 -3.76
C GLU A 34 -9.60 5.96 -3.44
N ASN A 35 -9.88 5.43 -2.25
CA ASN A 35 -9.48 4.09 -1.80
C ASN A 35 -10.23 3.01 -2.56
N SER A 36 -11.55 3.19 -2.75
CA SER A 36 -12.46 2.28 -3.43
C SER A 36 -11.99 1.95 -4.85
N ALA A 37 -11.23 2.83 -5.51
CA ALA A 37 -10.63 2.51 -6.80
C ALA A 37 -9.72 1.27 -6.75
N ARG A 38 -9.08 0.96 -5.60
CA ARG A 38 -7.94 0.02 -5.55
C ARG A 38 -7.96 -0.93 -4.37
N TYR A 39 -8.18 -0.36 -3.17
CA TYR A 39 -8.31 -1.03 -1.86
C TYR A 39 -7.44 -2.29 -1.74
N PRO A 40 -6.12 -2.15 -1.60
CA PRO A 40 -5.21 -3.29 -1.58
C PRO A 40 -5.41 -4.16 -0.34
N ASN A 41 -5.88 -3.59 0.78
CA ASN A 41 -6.15 -4.15 2.12
C ASN A 41 -5.07 -5.02 2.74
N ARG A 42 -3.96 -5.26 2.05
CA ARG A 42 -2.92 -6.21 2.42
C ARG A 42 -1.65 -5.64 1.81
N VAL A 43 -0.51 -6.09 2.27
CA VAL A 43 0.78 -5.54 1.88
C VAL A 43 1.75 -6.68 1.60
N TYR A 44 2.87 -6.38 0.97
CA TYR A 44 3.99 -7.28 0.73
C TYR A 44 5.16 -6.81 1.56
N TYR A 45 6.04 -7.72 1.97
CA TYR A 45 7.26 -7.42 2.70
C TYR A 45 8.37 -8.35 2.19
N ARG A 46 9.64 -7.95 2.34
CA ARG A 46 10.74 -8.86 2.00
C ARG A 46 11.05 -9.77 3.19
N ASP A 47 11.89 -10.77 2.95
CA ASP A 47 12.42 -11.68 3.98
C ASP A 47 13.54 -10.96 4.73
N TYR A 48 13.21 -10.06 5.67
CA TYR A 48 14.19 -9.39 6.51
C TYR A 48 14.55 -10.29 7.70
N SER A 49 15.79 -10.18 8.19
CA SER A 49 16.35 -11.06 9.22
C SER A 49 15.62 -11.04 10.56
N SER A 50 14.87 -9.96 10.84
CA SER A 50 13.96 -9.75 11.97
C SER A 50 14.41 -8.71 13.02
N PRO A 51 15.69 -8.54 13.41
CA PRO A 51 16.09 -7.53 14.40
C PRO A 51 16.00 -6.07 13.92
N VAL A 52 15.42 -5.88 12.75
CA VAL A 52 15.19 -4.64 12.07
C VAL A 52 14.19 -3.80 12.88
N PRO A 53 14.28 -2.46 12.86
CA PRO A 53 13.27 -1.59 13.47
C PRO A 53 12.00 -1.58 12.63
N GLN A 54 10.90 -1.06 13.19
CA GLN A 54 9.66 -1.02 12.43
C GLN A 54 9.75 -0.06 11.26
N ASP A 55 10.53 1.02 11.38
CA ASP A 55 10.47 2.13 10.43
C ASP A 55 10.92 1.68 9.04
N VAL A 56 12.05 0.98 8.97
CA VAL A 56 12.55 0.38 7.73
C VAL A 56 11.58 -0.70 7.23
N PHE A 57 11.03 -1.53 8.14
CA PHE A 57 10.17 -2.63 7.77
C PHE A 57 8.92 -2.07 7.11
N VAL A 58 8.23 -1.12 7.74
CA VAL A 58 7.07 -0.44 7.20
C VAL A 58 7.43 0.21 5.87
N ALA A 59 8.58 0.90 5.79
CA ALA A 59 8.95 1.62 4.59
C ALA A 59 9.19 0.67 3.41
N ASP A 60 9.94 -0.43 3.58
CA ASP A 60 10.17 -1.41 2.49
C ASP A 60 8.88 -2.14 2.13
N CYS A 61 8.10 -2.52 3.14
CA CYS A 61 6.82 -3.19 3.01
C CYS A 61 5.94 -2.35 2.09
N PHE A 62 5.86 -1.06 2.41
CA PHE A 62 5.17 -0.10 1.59
C PHE A 62 5.77 0.00 0.22
N ASN A 63 7.07 0.18 0.11
CA ASN A 63 7.71 0.51 -1.14
C ASN A 63 7.40 -0.57 -2.17
N ILE A 64 7.51 -1.85 -1.81
CA ILE A 64 7.23 -2.97 -2.70
C ILE A 64 5.73 -3.11 -2.92
N THR A 65 4.87 -2.94 -1.91
CA THR A 65 3.43 -3.02 -2.16
C THR A 65 3.02 -1.98 -3.21
N VAL A 66 3.50 -0.74 -3.10
CA VAL A 66 3.19 0.34 -4.02
C VAL A 66 3.77 0.02 -5.41
N THR A 67 4.90 -0.67 -5.45
CA THR A 67 5.57 -1.10 -6.67
C THR A 67 4.77 -2.23 -7.35
N GLU A 68 4.38 -3.27 -6.61
CA GLU A 68 3.70 -4.45 -7.13
C GLU A 68 2.32 -4.12 -7.66
N TYR A 69 1.56 -3.29 -6.94
CA TYR A 69 0.28 -2.80 -7.41
C TYR A 69 0.44 -1.68 -8.47
N SER A 70 1.68 -1.29 -8.83
CA SER A 70 2.03 -0.24 -9.78
C SER A 70 1.21 1.03 -9.54
N ILE A 71 1.31 1.57 -8.33
CA ILE A 71 0.48 2.66 -7.84
C ILE A 71 1.38 3.83 -7.46
N GLY A 72 1.38 4.86 -8.30
CA GLY A 72 2.15 6.08 -8.11
C GLY A 72 3.42 6.04 -8.93
N PRO A 73 4.46 6.81 -8.55
CA PRO A 73 5.69 6.95 -9.32
C PRO A 73 6.51 5.65 -9.50
N ALA A 74 6.06 4.52 -8.97
CA ALA A 74 6.62 3.18 -9.20
C ALA A 74 5.86 2.39 -10.28
N ALA A 75 4.85 2.98 -10.94
CA ALA A 75 3.88 2.25 -11.77
C ALA A 75 4.43 1.71 -13.09
N LYS A 76 4.59 2.59 -14.08
CA LYS A 76 5.25 2.37 -15.34
C LYS A 76 5.84 3.71 -15.76
N LYS A 77 6.40 3.86 -16.97
CA LYS A 77 6.74 5.18 -17.46
C LYS A 77 5.46 5.97 -17.63
N ASN A 78 5.63 7.28 -17.71
CA ASN A 78 4.68 8.32 -18.12
C ASN A 78 5.39 9.63 -18.04
N THR A 79 6.62 9.63 -18.50
CA THR A 79 7.16 10.84 -18.97
C THR A 79 6.26 11.22 -20.14
N SER A 80 5.58 12.35 -19.99
CA SER A 80 4.83 13.00 -21.05
C SER A 80 4.83 14.48 -20.73
N GLU A 81 5.42 15.25 -21.64
CA GLU A 81 5.86 16.64 -21.56
C GLU A 81 4.75 17.70 -21.43
N ALA A 82 3.50 17.31 -21.15
CA ALA A 82 2.42 18.21 -20.72
C ALA A 82 1.88 17.88 -19.32
N VAL A 83 2.19 16.70 -18.79
CA VAL A 83 1.55 16.04 -17.64
C VAL A 83 0.03 15.88 -17.81
N ALA A 84 -0.59 15.22 -16.81
CA ALA A 84 -2.00 14.95 -16.62
C ALA A 84 -2.58 13.98 -17.65
N ALA A 85 -3.64 13.26 -17.24
CA ALA A 85 -4.41 12.35 -18.07
C ALA A 85 -5.78 12.17 -17.43
N ALA A 86 -5.81 11.73 -16.18
CA ALA A 86 -7.01 11.51 -15.39
C ALA A 86 -6.91 12.31 -14.08
N ASN A 87 -6.53 13.58 -14.23
CA ASN A 87 -6.40 14.67 -13.24
C ASN A 87 -5.25 14.48 -12.28
N GLN A 88 -4.29 15.38 -12.30
CA GLN A 88 -3.18 15.29 -11.38
C GLN A 88 -3.62 15.38 -9.90
N THR A 89 -4.70 16.08 -9.57
CA THR A 89 -5.17 16.10 -8.18
C THR A 89 -5.76 14.75 -7.80
N GLU A 90 -6.51 14.13 -8.71
CA GLU A 90 -7.21 12.88 -8.47
C GLU A 90 -6.18 11.78 -8.28
N VAL A 91 -5.23 11.66 -9.21
CA VAL A 91 -4.21 10.62 -9.09
C VAL A 91 -3.40 10.84 -7.83
N GLU A 92 -3.18 12.10 -7.46
CA GLU A 92 -2.43 12.45 -6.26
C GLU A 92 -3.18 12.04 -4.99
N MET A 93 -4.48 12.34 -4.89
CA MET A 93 -5.26 11.95 -3.75
C MET A 93 -5.34 10.43 -3.68
N GLU A 94 -5.70 9.79 -4.79
CA GLU A 94 -5.69 8.36 -5.06
C GLU A 94 -4.32 7.74 -4.74
N ASN A 95 -3.25 8.53 -4.83
CA ASN A 95 -1.88 8.15 -4.47
C ASN A 95 -1.66 8.13 -2.98
N LYS A 96 -1.95 9.24 -2.30
CA LYS A 96 -1.61 9.43 -0.90
C LYS A 96 -2.38 8.46 -0.03
N VAL A 97 -3.66 8.31 -0.33
CA VAL A 97 -4.55 7.37 0.34
C VAL A 97 -3.89 6.01 0.30
N VAL A 98 -3.48 5.56 -0.90
CA VAL A 98 -3.07 4.19 -1.01
C VAL A 98 -1.70 3.99 -0.35
N THR A 99 -0.75 4.90 -0.60
CA THR A 99 0.54 4.96 0.05
C THR A 99 0.40 4.96 1.59
N LYS A 100 -0.48 5.79 2.16
CA LYS A 100 -0.69 5.83 3.59
C LYS A 100 -1.34 4.57 4.11
N VAL A 101 -2.28 3.97 3.40
CA VAL A 101 -2.99 2.80 3.90
C VAL A 101 -2.05 1.62 3.93
N ILE A 102 -1.20 1.50 2.92
CA ILE A 102 -0.20 0.45 2.82
C ILE A 102 0.78 0.61 3.99
N ARG A 103 1.32 1.80 4.19
CA ARG A 103 2.15 2.08 5.35
C ARG A 103 1.42 1.69 6.61
N GLU A 104 0.21 2.18 6.81
CA GLU A 104 -0.54 1.91 8.04
C GLU A 104 -0.72 0.40 8.21
N MET A 105 -1.01 -0.38 7.16
CA MET A 105 -1.12 -1.83 7.26
C MET A 105 0.15 -2.47 7.79
N CYS A 106 1.33 -2.00 7.35
CA CYS A 106 2.58 -2.55 7.86
C CYS A 106 2.77 -2.16 9.34
N VAL A 107 2.22 -1.02 9.79
CA VAL A 107 2.25 -0.65 11.21
C VAL A 107 1.23 -1.50 11.97
N GLN A 108 0.02 -1.71 11.41
CA GLN A 108 -1.12 -2.40 11.99
C GLN A 108 -0.84 -3.88 12.20
N GLN A 109 0.01 -4.47 11.36
CA GLN A 109 0.50 -5.82 11.57
C GLN A 109 1.60 -5.80 12.64
N TYR A 110 2.58 -4.90 12.52
CA TYR A 110 3.67 -4.77 13.47
C TYR A 110 3.17 -4.59 14.91
N ARG A 111 2.25 -3.65 15.16
CA ARG A 111 1.78 -3.36 16.52
C ARG A 111 1.10 -4.56 17.16
N GLU A 112 0.42 -5.38 16.34
CA GLU A 112 -0.18 -6.60 16.81
C GLU A 112 0.95 -7.56 17.18
N TYR A 113 1.95 -7.75 16.33
CA TYR A 113 3.04 -8.68 16.58
C TYR A 113 3.76 -8.34 17.89
N ARG A 114 3.94 -7.06 18.17
CA ARG A 114 4.58 -6.61 19.40
C ARG A 114 3.82 -7.07 20.66
N LEU A 115 2.49 -7.06 20.63
CA LEU A 115 1.64 -7.51 21.73
C LEU A 115 1.45 -9.03 21.70
N ALA A 116 1.46 -9.62 20.52
CA ALA A 116 0.93 -10.94 20.28
C ALA A 116 2.03 -11.98 20.50
N SER A 117 2.43 -12.17 21.76
CA SER A 117 3.64 -12.87 22.18
C SER A 117 4.82 -12.04 21.69
#